data_5GT6
#
_entry.id   5GT6
#
_cell.length_a   83.527
_cell.length_b   93.284
_cell.length_c   145.472
_cell.angle_alpha   90.00
_cell.angle_beta   98.05
_cell.angle_gamma   90.00
#
_symmetry.space_group_name_H-M   'P 1 21 1'
#
loop_
_entity.id
_entity.type
_entity.pdbx_description
1 polymer 'Betaine-aldehyde dehydrogenase'
2 non-polymer 'SODIUM ION'
3 water water
#
_entity_poly.entity_id   1
_entity_poly.type   'polypeptide(L)'
_entity_poly.pdbx_seq_one_letter_code
;MGSSHHHHHHSQDPMLKTNIELKPKVEAFLNEEIKMFINGEFVSAIGGKTFETYNPATEDVLAVVCEAQEEDIDAAVKAA
RSAFESGPWAEMTTAERAHLIYKLADLIEEHREELAQLEALDNGKPYQVALDDDISATVENYRYYAGWTTKIIGQTIPIS
KDYLNYTRHEPVGVVGQIIPWNFPLVMSSWKMGAALATGCTIVLKPAEQTPLSLLYAAKLFKEAGFPNGVVNFVPGFGPE
AGAAIVNHHDIDKVAFTGSTVTGKYIMRQSAEMIKHVTLELGGKSPNIILEDADLEEAINGAFQGIMYNHGQNCSAGSRV
FVHRKHYETVVDALVKMANNVKLGAGMEKETEMGPLVSKKQQERVLNYIEQGKKEGATVAAGGERALEKGYFVKPTVFTD
VTDDMTIVKEEIFGPVVVVLPFDSTEEVIERANNSSYGLAAGVWTQNIKTGHQVANKLKAGTVWINDYNLENAAAPFGGY
KQSGIGRELGSYALDNYTEVKSVWVNIK
;
_entity_poly.pdbx_strand_id   A,B,C,D
#
loop_
_chem_comp.id
_chem_comp.type
_chem_comp.name
_chem_comp.formula
NA non-polymer 'SODIUM ION' 'Na 1'
#
# COMPACT_ATOMS: atom_id res chain seq x y z
N THR A 18 8.47 -15.69 -50.33
CA THR A 18 7.04 -15.90 -49.90
C THR A 18 6.45 -14.78 -49.02
N ASN A 19 5.59 -13.96 -49.64
CA ASN A 19 4.93 -12.84 -49.00
C ASN A 19 3.80 -13.31 -48.14
N ILE A 20 3.62 -12.61 -47.02
CA ILE A 20 2.55 -12.83 -46.10
C ILE A 20 1.50 -12.03 -46.73
N GLU A 21 0.36 -12.64 -46.90
CA GLU A 21 -0.79 -12.08 -47.56
C GLU A 21 -1.59 -10.97 -46.88
N LEU A 22 -1.84 -9.87 -47.53
CA LEU A 22 -2.59 -8.81 -46.94
C LEU A 22 -3.94 -9.25 -46.50
N LYS A 23 -4.28 -8.84 -45.32
CA LYS A 23 -5.51 -9.15 -44.69
C LYS A 23 -6.59 -8.29 -45.31
N PRO A 24 -7.78 -8.96 -45.58
CA PRO A 24 -8.86 -8.15 -46.16
C PRO A 24 -9.24 -6.82 -45.52
N LYS A 25 -9.30 -6.73 -44.20
CA LYS A 25 -9.65 -5.51 -43.51
C LYS A 25 -8.59 -4.45 -43.57
N VAL A 26 -7.35 -4.82 -43.84
CA VAL A 26 -6.26 -3.85 -43.96
C VAL A 26 -6.19 -3.23 -45.34
N GLU A 27 -6.70 -3.94 -46.32
CA GLU A 27 -6.72 -3.46 -47.67
C GLU A 27 -7.83 -2.46 -47.79
N ALA A 28 -8.93 -2.76 -47.14
CA ALA A 28 -10.07 -1.85 -47.15
C ALA A 28 -9.68 -0.50 -46.52
N PHE A 29 -8.90 -0.59 -45.44
CA PHE A 29 -8.42 0.52 -44.68
C PHE A 29 -7.42 1.35 -45.46
N LEU A 30 -6.47 0.66 -46.07
CA LEU A 30 -5.41 1.32 -46.84
C LEU A 30 -5.92 1.93 -48.13
N ASN A 31 -7.10 1.57 -48.53
CA ASN A 31 -7.70 2.05 -49.71
C ASN A 31 -8.31 3.42 -49.64
N GLU A 32 -8.60 3.89 -48.46
CA GLU A 32 -9.19 5.16 -48.29
C GLU A 32 -8.19 6.03 -47.64
N GLU A 33 -8.44 7.31 -47.62
CA GLU A 33 -7.61 8.24 -46.97
C GLU A 33 -7.81 7.85 -45.51
N ILE A 34 -6.79 8.06 -44.69
CA ILE A 34 -6.87 7.70 -43.32
C ILE A 34 -7.22 8.87 -42.48
N LYS A 35 -8.36 8.79 -41.81
CA LYS A 35 -8.89 9.81 -40.95
C LYS A 35 -8.46 9.82 -39.52
N MET A 36 -8.59 10.99 -38.92
CA MET A 36 -8.34 11.29 -37.54
C MET A 36 -9.52 10.84 -36.72
N PHE A 37 -9.40 10.85 -35.42
CA PHE A 37 -10.46 10.39 -34.55
C PHE A 37 -10.70 11.40 -33.43
N ILE A 38 -11.75 12.20 -33.59
CA ILE A 38 -12.09 13.25 -32.66
C ILE A 38 -13.55 13.18 -32.26
N ASN A 39 -13.78 13.37 -30.97
CA ASN A 39 -15.12 13.38 -30.40
C ASN A 39 -15.95 12.20 -30.84
N GLY A 40 -15.34 11.05 -31.02
CA GLY A 40 -16.05 9.89 -31.48
C GLY A 40 -16.25 9.62 -32.95
N GLU A 41 -15.92 10.57 -33.79
CA GLU A 41 -16.11 10.47 -35.19
C GLU A 41 -14.83 10.43 -35.97
N PHE A 42 -14.89 9.86 -37.14
CA PHE A 42 -13.78 9.80 -38.02
C PHE A 42 -13.92 11.02 -38.89
N VAL A 43 -12.90 11.84 -38.86
CA VAL A 43 -12.83 13.10 -39.55
C VAL A 43 -11.54 13.44 -40.28
N SER A 44 -11.67 14.29 -41.27
CA SER A 44 -10.55 14.78 -41.99
C SER A 44 -10.14 16.01 -41.26
N ALA A 45 -8.99 16.56 -41.57
CA ALA A 45 -8.53 17.77 -40.97
C ALA A 45 -9.42 18.89 -41.44
N ILE A 46 -9.73 19.81 -40.55
CA ILE A 46 -10.55 20.98 -40.85
C ILE A 46 -10.02 21.75 -42.08
N GLY A 47 -8.70 21.83 -42.19
CA GLY A 47 -8.09 22.47 -43.32
C GLY A 47 -8.05 21.61 -44.56
N GLY A 48 -8.35 20.30 -44.44
CA GLY A 48 -8.15 19.32 -45.54
C GLY A 48 -6.71 18.93 -45.92
N LYS A 49 -5.70 19.29 -45.13
CA LYS A 49 -4.33 18.81 -45.38
C LYS A 49 -4.18 17.32 -45.10
N THR A 50 -3.23 16.69 -45.82
CA THR A 50 -2.91 15.26 -45.66
C THR A 50 -1.41 15.11 -45.76
N PHE A 51 -0.88 14.02 -45.24
CA PHE A 51 0.53 13.67 -45.42
C PHE A 51 0.66 12.19 -45.78
N GLU A 52 1.85 11.79 -46.14
CA GLU A 52 2.11 10.45 -46.51
C GLU A 52 2.95 9.63 -45.54
N THR A 53 2.62 8.36 -45.44
CA THR A 53 3.34 7.45 -44.61
C THR A 53 3.90 6.41 -45.54
N TYR A 54 5.05 5.89 -45.24
CA TYR A 54 5.64 4.90 -46.11
C TYR A 54 5.89 3.57 -45.54
N ASN A 55 6.13 2.68 -46.44
CA ASN A 55 6.54 1.32 -46.15
C ASN A 55 8.06 1.36 -46.21
N PRO A 56 8.71 1.26 -45.04
CA PRO A 56 10.16 1.43 -45.01
C PRO A 56 10.92 0.27 -45.68
N ALA A 57 10.24 -0.81 -46.05
CA ALA A 57 10.91 -1.87 -46.82
C ALA A 57 10.96 -1.56 -48.32
N THR A 58 9.93 -0.92 -48.86
CA THR A 58 9.82 -0.70 -50.31
C THR A 58 9.95 0.73 -50.74
N GLU A 59 9.74 1.65 -49.82
CA GLU A 59 9.80 3.09 -50.00
C GLU A 59 8.61 3.65 -50.73
N ASP A 60 7.59 2.85 -50.92
CA ASP A 60 6.41 3.31 -51.60
C ASP A 60 5.55 4.08 -50.61
N VAL A 61 4.51 4.73 -51.08
CA VAL A 61 3.60 5.40 -50.20
C VAL A 61 2.73 4.28 -49.79
N LEU A 62 2.39 4.22 -48.54
CA LEU A 62 1.55 3.15 -47.99
C LEU A 62 0.14 3.68 -47.78
N ALA A 63 0.05 4.92 -47.34
CA ALA A 63 -1.21 5.59 -47.07
C ALA A 63 -1.21 7.09 -47.07
N VAL A 64 -2.37 7.67 -47.25
CA VAL A 64 -2.54 9.09 -47.21
C VAL A 64 -3.31 9.32 -45.96
N VAL A 65 -2.78 10.12 -45.09
CA VAL A 65 -3.33 10.37 -43.81
C VAL A 65 -3.69 11.80 -43.55
N CYS A 66 -4.81 12.00 -42.91
CA CYS A 66 -5.26 13.33 -42.57
C CYS A 66 -4.33 13.90 -41.53
N GLU A 67 -3.91 15.10 -41.79
CA GLU A 67 -2.98 15.78 -40.98
C GLU A 67 -3.52 16.82 -40.08
N ALA A 68 -3.40 16.58 -38.79
CA ALA A 68 -3.82 17.51 -37.74
C ALA A 68 -2.98 18.79 -37.66
N GLN A 69 -3.68 19.92 -37.71
CA GLN A 69 -3.12 21.22 -37.43
C GLN A 69 -3.59 21.66 -36.05
N GLU A 70 -3.05 22.79 -35.58
CA GLU A 70 -3.39 23.39 -34.28
C GLU A 70 -4.89 23.51 -34.09
N GLU A 71 -5.59 23.99 -35.10
CA GLU A 71 -7.07 24.06 -35.10
C GLU A 71 -7.73 22.70 -34.72
N ASP A 72 -7.17 21.60 -35.24
CA ASP A 72 -7.67 20.23 -35.01
C ASP A 72 -7.38 19.72 -33.62
N ILE A 73 -6.16 20.02 -33.16
CA ILE A 73 -5.76 19.76 -31.78
C ILE A 73 -6.69 20.49 -30.81
N ASP A 74 -7.03 21.71 -31.15
CA ASP A 74 -7.95 22.47 -30.34
C ASP A 74 -9.32 21.82 -30.19
N ALA A 75 -9.84 21.27 -31.28
CA ALA A 75 -11.13 20.59 -31.24
C ALA A 75 -11.03 19.24 -30.44
N ALA A 76 -9.87 18.58 -30.53
CA ALA A 76 -9.58 17.39 -29.71
C ALA A 76 -9.61 17.69 -28.23
N VAL A 77 -9.00 18.80 -27.84
CA VAL A 77 -9.00 19.20 -26.45
C VAL A 77 -10.41 19.51 -25.99
N LYS A 78 -11.15 20.30 -26.77
CA LYS A 78 -12.57 20.63 -26.45
C LYS A 78 -13.43 19.39 -26.25
N ALA A 79 -13.23 18.39 -27.10
CA ALA A 79 -13.96 17.15 -26.99
C ALA A 79 -13.58 16.37 -25.73
N ALA A 80 -12.26 16.33 -25.48
CA ALA A 80 -11.64 15.78 -24.28
C ALA A 80 -12.19 16.49 -23.05
N ARG A 81 -12.11 17.83 -23.02
CA ARG A 81 -12.61 18.60 -21.85
C ARG A 81 -14.04 18.20 -21.54
N SER A 82 -14.85 18.10 -22.57
CA SER A 82 -16.27 17.85 -22.41
C SER A 82 -16.62 16.44 -21.95
N ALA A 83 -15.84 15.45 -22.40
CA ALA A 83 -16.05 14.06 -21.97
C ALA A 83 -15.61 13.89 -20.49
N PHE A 84 -14.59 14.63 -20.07
CA PHE A 84 -14.16 14.66 -18.67
C PHE A 84 -15.15 15.37 -17.73
N GLU A 85 -15.56 16.60 -18.06
CA GLU A 85 -16.43 17.40 -17.16
C GLU A 85 -17.86 16.81 -17.07
N SER A 86 -18.38 16.29 -18.15
CA SER A 86 -19.69 15.74 -18.10
C SER A 86 -20.03 14.71 -19.13
N GLY A 87 -21.00 13.91 -18.79
CA GLY A 87 -21.44 12.87 -19.65
C GLY A 87 -21.18 11.51 -19.09
N PRO A 88 -21.38 10.50 -20.01
CA PRO A 88 -21.21 9.14 -19.52
C PRO A 88 -19.95 8.72 -18.84
N TRP A 89 -18.83 9.28 -19.22
CA TRP A 89 -17.53 8.85 -18.70
C TRP A 89 -17.26 9.47 -17.33
N ALA A 90 -17.81 10.66 -17.10
CA ALA A 90 -17.76 11.31 -15.79
C ALA A 90 -18.72 10.63 -14.80
N GLU A 91 -19.79 10.05 -15.30
CA GLU A 91 -20.81 9.43 -14.52
C GLU A 91 -20.74 7.92 -14.27
N MET A 92 -19.98 7.24 -15.09
CA MET A 92 -19.80 5.84 -15.03
C MET A 92 -19.20 5.35 -13.73
N THR A 93 -19.51 4.14 -13.34
CA THR A 93 -18.91 3.56 -12.15
C THR A 93 -17.55 3.02 -12.52
N THR A 94 -16.68 2.77 -11.56
CA THR A 94 -15.38 2.19 -11.89
C THR A 94 -15.48 0.82 -12.60
N ALA A 95 -16.43 -0.01 -12.18
CA ALA A 95 -16.68 -1.29 -12.90
C ALA A 95 -17.05 -1.09 -14.38
N GLU A 96 -17.83 -0.06 -14.67
CA GLU A 96 -18.26 0.19 -16.05
C GLU A 96 -17.06 0.57 -16.91
N ARG A 97 -16.24 1.49 -16.39
CA ARG A 97 -14.99 1.89 -17.02
C ARG A 97 -14.07 0.70 -17.29
N ALA A 98 -13.84 -0.11 -16.27
CA ALA A 98 -13.03 -1.32 -16.41
C ALA A 98 -13.55 -2.20 -17.54
N HIS A 99 -14.86 -2.36 -17.61
CA HIS A 99 -15.44 -3.22 -18.62
C HIS A 99 -15.13 -2.69 -20.00
N LEU A 100 -15.15 -1.36 -20.14
CA LEU A 100 -14.81 -0.73 -21.40
C LEU A 100 -13.40 -1.08 -21.83
N ILE A 101 -12.49 -1.00 -20.87
CA ILE A 101 -11.06 -1.15 -21.15
C ILE A 101 -10.77 -2.62 -21.51
N TYR A 102 -11.44 -3.53 -20.85
CA TYR A 102 -11.35 -4.94 -21.10
C TYR A 102 -11.90 -5.38 -22.44
N LYS A 103 -12.96 -4.72 -22.89
CA LYS A 103 -13.63 -4.98 -24.14
C LYS A 103 -12.78 -4.51 -25.25
N LEU A 104 -12.02 -3.49 -24.98
CA LEU A 104 -11.11 -2.96 -25.91
C LEU A 104 -9.98 -3.94 -26.13
N ALA A 105 -9.50 -4.58 -25.10
CA ALA A 105 -8.43 -5.55 -25.25
C ALA A 105 -8.91 -6.80 -25.99
N ASP A 106 -10.14 -7.23 -25.76
CA ASP A 106 -10.67 -8.37 -26.52
C ASP A 106 -10.71 -8.09 -28.01
N LEU A 107 -11.09 -6.85 -28.34
CA LEU A 107 -11.23 -6.44 -29.72
C LEU A 107 -9.88 -6.31 -30.43
N ILE A 108 -8.87 -5.80 -29.72
CA ILE A 108 -7.49 -5.75 -30.21
C ILE A 108 -6.98 -7.17 -30.45
N GLU A 109 -7.23 -8.09 -29.54
CA GLU A 109 -6.91 -9.53 -29.72
C GLU A 109 -7.63 -10.09 -30.94
N GLU A 110 -8.87 -9.70 -31.15
CA GLU A 110 -9.61 -10.14 -32.34
C GLU A 110 -9.06 -9.63 -33.66
N HIS A 111 -8.60 -8.38 -33.68
CA HIS A 111 -8.00 -7.77 -34.86
C HIS A 111 -6.44 -7.93 -34.87
N ARG A 112 -5.91 -8.85 -34.06
CA ARG A 112 -4.48 -9.10 -33.93
C ARG A 112 -3.72 -9.18 -35.26
N GLU A 113 -4.26 -9.86 -36.26
CA GLU A 113 -3.53 -10.04 -37.53
C GLU A 113 -3.50 -8.75 -38.31
N GLU A 114 -4.63 -8.06 -38.29
CA GLU A 114 -4.74 -6.82 -39.02
C GLU A 114 -3.69 -5.88 -38.45
N LEU A 115 -3.67 -5.82 -37.11
CA LEU A 115 -2.82 -4.87 -36.41
C LEU A 115 -1.33 -5.18 -36.56
N ALA A 116 -0.97 -6.46 -36.53
CA ALA A 116 0.43 -6.86 -36.70
C ALA A 116 0.96 -6.56 -38.12
N GLN A 117 0.13 -6.76 -39.15
CA GLN A 117 0.51 -6.40 -40.52
C GLN A 117 0.74 -4.90 -40.72
N LEU A 118 -0.20 -4.10 -40.26
CA LEU A 118 -0.04 -2.65 -40.23
C LEU A 118 1.26 -2.22 -39.53
N GLU A 119 1.66 -2.94 -38.48
CA GLU A 119 2.92 -2.66 -37.78
C GLU A 119 4.11 -3.01 -38.67
N ALA A 120 4.06 -4.18 -39.26
CA ALA A 120 5.03 -4.68 -40.19
C ALA A 120 5.14 -3.85 -41.40
N LEU A 121 4.04 -3.35 -41.83
CA LEU A 121 3.96 -2.53 -42.99
C LEU A 121 4.35 -1.08 -42.84
N ASP A 122 3.95 -0.49 -41.74
CA ASP A 122 4.07 0.93 -41.52
C ASP A 122 5.42 1.32 -40.79
N ASN A 123 5.77 0.50 -39.79
CA ASN A 123 7.03 0.59 -39.01
C ASN A 123 8.21 -0.18 -39.61
N GLY A 124 7.91 -1.38 -40.18
CA GLY A 124 8.90 -2.21 -40.90
C GLY A 124 9.29 -3.52 -40.23
N LYS A 125 8.90 -3.70 -38.99
CA LYS A 125 9.37 -4.84 -38.21
C LYS A 125 8.76 -6.14 -38.72
N PRO A 126 9.42 -7.28 -38.42
CA PRO A 126 8.87 -8.58 -38.87
C PRO A 126 7.48 -8.88 -38.31
N TYR A 127 6.55 -9.24 -39.17
CA TYR A 127 5.17 -9.55 -38.86
C TYR A 127 4.92 -10.46 -37.66
N GLN A 128 5.68 -11.53 -37.58
CA GLN A 128 5.60 -12.49 -36.53
C GLN A 128 5.98 -11.97 -35.19
N VAL A 129 6.92 -11.05 -35.15
CA VAL A 129 7.33 -10.46 -33.90
C VAL A 129 6.35 -9.41 -33.51
N ALA A 130 5.80 -8.70 -34.47
CA ALA A 130 4.68 -7.74 -34.21
C ALA A 130 3.45 -8.46 -33.62
N LEU A 131 3.14 -9.62 -34.15
CA LEU A 131 2.03 -10.45 -33.63
C LEU A 131 2.26 -10.97 -32.22
N ASP A 132 3.33 -11.71 -32.06
CA ASP A 132 3.72 -12.32 -30.83
C ASP A 132 4.11 -11.41 -29.72
N ASP A 133 4.69 -10.29 -30.04
CA ASP A 133 5.18 -9.38 -29.05
C ASP A 133 4.36 -8.14 -28.90
N ASP A 134 4.43 -7.29 -29.87
CA ASP A 134 3.77 -6.03 -29.85
C ASP A 134 2.31 -6.06 -29.56
N ILE A 135 1.57 -6.74 -30.40
CA ILE A 135 0.11 -6.88 -30.23
C ILE A 135 -0.30 -7.54 -28.90
N SER A 136 0.33 -8.66 -28.54
CA SER A 136 -0.11 -9.32 -27.33
C SER A 136 0.34 -8.52 -26.08
N ALA A 137 1.43 -7.73 -26.19
CA ALA A 137 1.82 -6.87 -25.06
C ALA A 137 0.72 -5.81 -24.85
N THR A 138 0.20 -5.27 -25.96
CA THR A 138 -0.78 -4.19 -25.88
C THR A 138 -2.13 -4.72 -25.37
N VAL A 139 -2.56 -5.88 -25.85
CA VAL A 139 -3.74 -6.57 -25.28
C VAL A 139 -3.55 -6.73 -23.76
N GLU A 140 -2.40 -7.23 -23.38
CA GLU A 140 -2.16 -7.53 -22.00
C GLU A 140 -2.00 -6.29 -21.14
N ASN A 141 -1.48 -5.20 -21.73
CA ASN A 141 -1.35 -3.94 -21.00
C ASN A 141 -2.75 -3.33 -20.72
N TYR A 142 -3.65 -3.38 -21.69
CA TYR A 142 -5.01 -2.91 -21.45
C TYR A 142 -5.74 -3.78 -20.43
N ARG A 143 -5.59 -5.11 -20.50
CA ARG A 143 -6.19 -5.99 -19.45
C ARG A 143 -5.69 -5.77 -18.03
N TYR A 144 -4.38 -5.54 -17.90
CA TYR A 144 -3.78 -5.21 -16.59
C TYR A 144 -4.44 -3.97 -16.01
N TYR A 145 -4.57 -2.91 -16.83
CA TYR A 145 -5.04 -1.59 -16.36
C TYR A 145 -6.49 -1.52 -16.16
N ALA A 146 -7.27 -2.26 -16.94
CA ALA A 146 -8.71 -2.37 -16.68
C ALA A 146 -8.92 -2.84 -15.22
N GLY A 147 -8.02 -3.69 -14.77
CA GLY A 147 -8.02 -4.16 -13.42
C GLY A 147 -7.68 -3.13 -12.38
N TRP A 148 -6.96 -2.06 -12.74
CA TRP A 148 -6.63 -1.00 -11.78
C TRP A 148 -7.78 -0.07 -11.51
N THR A 149 -8.65 0.12 -12.47
CA THR A 149 -9.77 1.02 -12.43
C THR A 149 -10.59 1.01 -11.16
N THR A 150 -10.85 -0.16 -10.64
CA THR A 150 -11.65 -0.32 -9.47
C THR A 150 -10.84 -0.34 -8.23
N LYS A 151 -9.54 -0.15 -8.38
CA LYS A 151 -8.61 -0.21 -7.29
C LYS A 151 -7.61 0.93 -7.03
N ILE A 152 -7.81 2.13 -7.56
CA ILE A 152 -6.95 3.27 -7.38
C ILE A 152 -7.38 3.88 -6.06
N ILE A 153 -6.76 3.48 -4.99
CA ILE A 153 -7.16 3.91 -3.68
C ILE A 153 -6.36 5.00 -3.03
N GLY A 154 -7.06 5.78 -2.24
CA GLY A 154 -6.58 6.83 -1.42
C GLY A 154 -6.38 6.32 -0.02
N GLN A 155 -6.04 7.22 0.88
CA GLN A 155 -5.78 6.92 2.26
C GLN A 155 -6.71 7.48 3.28
N THR A 156 -6.82 6.83 4.41
CA THR A 156 -7.58 7.33 5.52
C THR A 156 -6.49 7.43 6.57
N ILE A 157 -6.21 8.65 6.97
CA ILE A 157 -5.13 8.89 7.86
C ILE A 157 -5.51 9.25 9.25
N PRO A 158 -5.02 8.38 10.20
CA PRO A 158 -5.42 8.67 11.56
C PRO A 158 -4.53 9.67 12.22
N ILE A 159 -4.99 10.89 12.39
CA ILE A 159 -4.14 11.92 12.94
C ILE A 159 -4.62 12.25 14.32
N SER A 160 -5.92 12.55 14.43
CA SER A 160 -6.54 12.97 15.68
C SER A 160 -8.02 12.63 15.69
N LYS A 161 -8.60 12.48 16.88
CA LYS A 161 -10.03 12.15 16.99
C LYS A 161 -11.01 13.27 16.59
N ASP A 162 -10.51 14.47 16.39
CA ASP A 162 -11.31 15.59 15.96
C ASP A 162 -11.55 15.68 14.49
N TYR A 163 -10.78 14.99 13.67
CA TYR A 163 -10.98 15.04 12.25
C TYR A 163 -10.99 13.73 11.60
N LEU A 164 -11.59 13.71 10.43
CA LEU A 164 -11.58 12.61 9.55
C LEU A 164 -10.74 13.16 8.43
N ASN A 165 -9.65 12.50 8.19
CA ASN A 165 -8.65 12.89 7.21
C ASN A 165 -8.61 11.79 6.16
N TYR A 166 -8.72 12.17 4.91
CA TYR A 166 -8.70 11.25 3.78
C TYR A 166 -8.19 11.84 2.48
N THR A 167 -7.67 11.00 1.61
CA THR A 167 -7.18 11.45 0.34
C THR A 167 -7.97 10.88 -0.77
N ARG A 168 -8.00 11.62 -1.83
CA ARG A 168 -8.69 11.23 -3.01
C ARG A 168 -7.70 11.24 -4.15
N HIS A 169 -7.56 10.18 -4.91
CA HIS A 169 -6.67 10.22 -6.05
C HIS A 169 -7.51 10.52 -7.28
N GLU A 170 -7.63 11.82 -7.62
CA GLU A 170 -8.54 12.27 -8.68
C GLU A 170 -7.85 12.24 -10.00
N PRO A 171 -8.56 11.97 -11.08
CA PRO A 171 -7.91 12.09 -12.39
C PRO A 171 -7.55 13.54 -12.72
N VAL A 172 -6.34 13.82 -13.22
CA VAL A 172 -5.91 15.23 -13.55
C VAL A 172 -6.86 15.96 -14.46
N GLY A 173 -7.40 15.26 -15.44
CA GLY A 173 -8.28 15.82 -16.47
C GLY A 173 -7.88 15.44 -17.88
N VAL A 174 -7.72 16.42 -18.78
CA VAL A 174 -7.31 16.21 -20.19
C VAL A 174 -5.81 16.05 -20.34
N VAL A 175 -5.41 14.92 -20.86
CA VAL A 175 -4.00 14.59 -20.92
C VAL A 175 -3.47 14.61 -22.36
N GLY A 176 -2.38 15.34 -22.59
CA GLY A 176 -1.69 15.37 -23.90
C GLY A 176 -0.53 14.36 -23.97
N GLN A 177 -0.61 13.44 -24.93
CA GLN A 177 0.29 12.28 -24.98
C GLN A 177 0.87 12.23 -26.35
N ILE A 178 2.19 12.06 -26.44
CA ILE A 178 2.88 11.94 -27.72
C ILE A 178 3.82 10.73 -27.69
N ILE A 179 3.63 9.83 -28.63
CA ILE A 179 4.41 8.62 -28.65
C ILE A 179 5.23 8.52 -29.88
N PRO A 180 6.26 7.71 -29.86
CA PRO A 180 7.15 7.55 -31.01
C PRO A 180 6.79 6.46 -32.00
N TRP A 181 7.70 6.21 -32.90
CA TRP A 181 7.49 5.26 -33.96
C TRP A 181 7.99 3.83 -33.85
N ASN A 182 8.82 3.54 -32.89
CA ASN A 182 9.44 2.25 -32.71
C ASN A 182 8.65 1.02 -32.30
N PHE A 183 7.66 1.20 -31.43
CA PHE A 183 6.73 0.19 -30.96
C PHE A 183 5.42 0.95 -30.97
N PRO A 184 4.91 1.24 -32.21
CA PRO A 184 3.70 2.08 -32.22
C PRO A 184 2.43 1.80 -31.42
N LEU A 185 1.90 0.59 -31.43
CA LEU A 185 0.71 0.27 -30.72
C LEU A 185 0.96 0.00 -29.26
N VAL A 186 2.01 -0.69 -28.91
CA VAL A 186 2.27 -0.97 -27.50
C VAL A 186 2.56 0.35 -26.81
N MET A 187 3.24 1.24 -27.48
CA MET A 187 3.51 2.53 -26.87
C MET A 187 2.23 3.38 -26.63
N SER A 188 1.28 3.27 -27.56
CA SER A 188 -0.08 3.80 -27.34
C SER A 188 -0.71 3.23 -26.04
N SER A 189 -0.54 1.93 -25.76
CA SER A 189 -1.14 1.34 -24.54
C SER A 189 -0.43 1.76 -23.26
N TRP A 190 0.89 1.95 -23.35
CA TRP A 190 1.68 2.41 -22.19
C TRP A 190 1.06 3.74 -21.67
N LYS A 191 0.81 4.66 -22.60
CA LYS A 191 0.23 5.95 -22.29
C LYS A 191 -1.27 5.87 -21.84
N MET A 192 -2.10 5.23 -22.64
CA MET A 192 -3.57 5.26 -22.44
C MET A 192 -4.15 4.33 -21.36
N GLY A 193 -3.64 3.12 -21.22
CA GLY A 193 -4.10 2.22 -20.16
C GLY A 193 -4.15 2.86 -18.78
N ALA A 194 -3.03 3.41 -18.39
CA ALA A 194 -2.86 3.97 -17.07
C ALA A 194 -3.68 5.24 -16.94
N ALA A 195 -3.69 6.06 -17.98
CA ALA A 195 -4.44 7.29 -17.91
C ALA A 195 -5.97 7.03 -17.89
N LEU A 196 -6.46 6.19 -18.80
CA LEU A 196 -7.88 5.83 -18.82
C LEU A 196 -8.36 5.13 -17.54
N ALA A 197 -7.52 4.31 -16.95
CA ALA A 197 -7.83 3.69 -15.68
C ALA A 197 -8.13 4.69 -14.58
N THR A 198 -7.41 5.79 -14.56
CA THR A 198 -7.64 6.82 -13.58
C THR A 198 -8.92 7.60 -13.87
N GLY A 199 -9.35 7.59 -15.10
CA GLY A 199 -10.54 8.27 -15.50
C GLY A 199 -10.29 9.55 -16.18
N CYS A 200 -9.12 9.66 -16.74
CA CYS A 200 -8.67 10.81 -17.46
C CYS A 200 -9.20 10.76 -18.88
N THR A 201 -9.06 11.85 -19.57
CA THR A 201 -9.53 12.00 -20.95
C THR A 201 -8.28 12.20 -21.88
N ILE A 202 -8.27 11.75 -23.11
CA ILE A 202 -7.06 11.79 -23.96
C ILE A 202 -6.99 12.44 -25.33
N VAL A 203 -5.88 13.09 -25.59
CA VAL A 203 -5.53 13.71 -26.88
C VAL A 203 -4.16 13.09 -27.21
N LEU A 204 -4.15 12.12 -28.11
CA LEU A 204 -2.97 11.38 -28.45
C LEU A 204 -2.46 11.52 -29.85
N LYS A 205 -1.19 11.72 -29.93
CA LYS A 205 -0.52 11.87 -31.18
C LYS A 205 0.45 10.77 -31.51
N PRO A 206 0.18 10.02 -32.65
CA PRO A 206 1.23 9.08 -33.02
C PRO A 206 2.33 9.76 -33.88
N ALA A 207 3.48 9.10 -34.02
CA ALA A 207 4.62 9.48 -34.85
C ALA A 207 4.23 9.60 -36.31
N GLU A 208 4.68 10.68 -36.97
CA GLU A 208 4.52 10.88 -38.46
C GLU A 208 4.91 9.60 -39.27
N GLN A 209 5.89 8.82 -38.83
CA GLN A 209 6.34 7.61 -39.54
C GLN A 209 5.39 6.37 -39.45
N THR A 210 4.61 6.29 -38.40
CA THR A 210 3.78 5.15 -38.09
C THR A 210 2.41 5.44 -37.41
N PRO A 211 1.53 6.13 -38.13
CA PRO A 211 0.20 6.40 -37.60
C PRO A 211 -0.86 5.34 -37.76
N LEU A 212 -0.69 4.40 -38.66
CA LEU A 212 -1.69 3.42 -38.92
C LEU A 212 -2.16 2.42 -37.88
N SER A 213 -1.30 1.94 -37.00
CA SER A 213 -1.68 0.99 -36.00
C SER A 213 -2.73 1.61 -35.14
N LEU A 214 -2.51 2.86 -34.80
CA LEU A 214 -3.39 3.56 -33.88
C LEU A 214 -4.69 3.94 -34.57
N LEU A 215 -4.62 4.54 -35.76
CA LEU A 215 -5.88 4.98 -36.41
C LEU A 215 -6.79 3.81 -36.78
N TYR A 216 -6.22 2.64 -37.06
CA TYR A 216 -7.02 1.42 -37.15
C TYR A 216 -7.67 1.06 -35.80
N ALA A 217 -6.86 1.10 -34.75
CA ALA A 217 -7.33 0.77 -33.43
C ALA A 217 -8.49 1.65 -32.93
N ALA A 218 -8.58 2.89 -33.44
CA ALA A 218 -9.74 3.75 -33.23
C ALA A 218 -11.06 3.04 -33.44
N LYS A 219 -11.21 2.26 -34.53
CA LYS A 219 -12.46 1.46 -34.76
C LYS A 219 -12.86 0.69 -33.52
N LEU A 220 -11.86 0.18 -32.81
CA LEU A 220 -12.07 -0.70 -31.71
C LEU A 220 -12.44 0.04 -30.45
N PHE A 221 -11.94 1.25 -30.27
CA PHE A 221 -12.40 2.10 -29.17
C PHE A 221 -13.87 2.41 -29.36
N LYS A 222 -14.26 2.69 -30.62
CA LYS A 222 -15.67 2.94 -30.92
C LYS A 222 -16.48 1.68 -30.74
N GLU A 223 -16.09 0.61 -31.39
CA GLU A 223 -16.80 -0.63 -31.24
C GLU A 223 -16.90 -1.06 -29.74
N ALA A 224 -15.93 -0.72 -28.89
CA ALA A 224 -16.00 -1.06 -27.46
C ALA A 224 -17.00 -0.23 -26.64
N GLY A 225 -17.39 0.94 -27.18
CA GLY A 225 -18.41 1.76 -26.57
C GLY A 225 -17.90 2.92 -25.72
N PHE A 226 -16.74 3.43 -26.08
CA PHE A 226 -16.14 4.50 -25.34
C PHE A 226 -17.01 5.71 -25.65
N PRO A 227 -17.36 6.49 -24.63
CA PRO A 227 -18.06 7.70 -25.00
C PRO A 227 -17.20 8.66 -25.88
N ASN A 228 -17.84 9.58 -26.54
CA ASN A 228 -17.18 10.50 -27.42
C ASN A 228 -16.22 11.41 -26.69
N GLY A 229 -15.07 11.69 -27.28
CA GLY A 229 -14.06 12.53 -26.72
C GLY A 229 -13.17 12.04 -25.61
N VAL A 230 -13.28 10.79 -25.24
CA VAL A 230 -12.50 10.25 -24.19
C VAL A 230 -11.14 9.98 -24.66
N VAL A 231 -11.06 9.73 -25.93
CA VAL A 231 -9.88 9.28 -26.60
C VAL A 231 -9.93 10.03 -27.95
N ASN A 232 -8.83 10.67 -28.32
CA ASN A 232 -8.72 11.45 -29.54
C ASN A 232 -7.36 11.30 -30.17
N PHE A 233 -7.30 10.82 -31.39
CA PHE A 233 -6.08 10.57 -32.13
C PHE A 233 -5.86 11.58 -33.20
N VAL A 234 -4.74 12.26 -33.18
CA VAL A 234 -4.50 13.42 -34.01
C VAL A 234 -3.12 13.23 -34.63
N PRO A 235 -3.02 12.52 -35.75
CA PRO A 235 -1.73 12.34 -36.40
C PRO A 235 -1.18 13.60 -37.06
N GLY A 236 0.13 13.68 -37.19
CA GLY A 236 0.76 14.76 -37.93
C GLY A 236 2.22 14.94 -37.60
N PHE A 237 2.68 16.19 -37.70
CA PHE A 237 4.11 16.54 -37.53
C PHE A 237 4.39 17.22 -36.18
N GLY A 238 5.58 17.03 -35.63
CA GLY A 238 6.03 17.66 -34.38
C GLY A 238 5.95 19.19 -34.31
N PRO A 239 6.47 19.90 -35.33
CA PRO A 239 6.41 21.37 -35.29
C PRO A 239 4.99 21.98 -35.29
N GLU A 240 3.97 21.23 -35.75
CA GLU A 240 2.58 21.72 -35.69
C GLU A 240 1.74 21.01 -34.58
N ALA A 241 1.44 19.72 -34.75
CA ALA A 241 0.53 18.98 -33.87
C ALA A 241 1.16 18.73 -32.49
N GLY A 242 2.38 18.21 -32.47
CA GLY A 242 3.10 18.03 -31.22
C GLY A 242 3.16 19.31 -30.42
N ALA A 243 3.64 20.39 -31.04
CA ALA A 243 3.77 21.70 -30.36
C ALA A 243 2.42 22.25 -29.90
N ALA A 244 1.36 22.05 -30.69
CA ALA A 244 0.01 22.48 -30.28
C ALA A 244 -0.45 21.78 -29.00
N ILE A 245 -0.03 20.53 -28.84
CA ILE A 245 -0.36 19.77 -27.66
C ILE A 245 0.47 20.23 -26.45
N VAL A 246 1.76 20.41 -26.66
CA VAL A 246 2.69 20.80 -25.60
C VAL A 246 2.29 22.16 -25.00
N ASN A 247 1.85 23.06 -25.90
CA ASN A 247 1.43 24.45 -25.61
C ASN A 247 -0.03 24.70 -25.25
N HIS A 248 -0.91 23.71 -25.35
CA HIS A 248 -2.32 24.01 -25.14
C HIS A 248 -2.63 24.41 -23.67
N HIS A 249 -3.27 25.58 -23.50
CA HIS A 249 -3.66 26.18 -22.18
C HIS A 249 -4.58 25.27 -21.34
N ASP A 250 -5.38 24.49 -22.04
CA ASP A 250 -6.35 23.60 -21.47
C ASP A 250 -5.97 22.14 -21.32
N ILE A 251 -4.73 21.79 -21.59
CA ILE A 251 -4.29 20.44 -21.40
C ILE A 251 -3.72 20.46 -20.00
N ASP A 252 -4.09 19.52 -19.17
CA ASP A 252 -3.72 19.51 -17.79
C ASP A 252 -2.38 18.90 -17.43
N LYS A 253 -1.97 17.92 -18.17
CA LYS A 253 -0.78 17.12 -17.91
C LYS A 253 -0.30 16.56 -19.26
N VAL A 254 0.98 16.31 -19.32
CA VAL A 254 1.60 15.90 -20.55
C VAL A 254 2.52 14.71 -20.29
N ALA A 255 2.55 13.79 -21.23
CA ALA A 255 3.43 12.64 -21.19
C ALA A 255 4.10 12.40 -22.55
N PHE A 256 5.42 12.21 -22.56
CA PHE A 256 6.17 12.04 -23.78
C PHE A 256 7.19 10.94 -23.79
N THR A 257 7.40 10.34 -24.96
CA THR A 257 8.42 9.34 -25.27
C THR A 257 9.09 9.72 -26.59
N GLY A 258 10.39 9.81 -26.62
CA GLY A 258 11.14 10.26 -27.82
C GLY A 258 12.57 10.70 -27.52
N SER A 259 13.12 11.56 -28.39
CA SER A 259 14.52 12.03 -28.22
C SER A 259 14.70 12.87 -26.94
N THR A 260 15.89 12.73 -26.32
CA THR A 260 16.28 13.50 -25.14
C THR A 260 16.36 15.01 -25.46
N VAL A 261 16.50 15.36 -26.74
CA VAL A 261 16.46 16.75 -27.18
C VAL A 261 15.03 17.31 -27.13
N THR A 262 14.05 16.52 -27.54
CA THR A 262 12.65 17.01 -27.59
C THR A 262 12.02 16.99 -26.18
N GLY A 263 12.45 16.05 -25.34
CA GLY A 263 12.10 16.03 -23.91
C GLY A 263 12.35 17.35 -23.22
N LYS A 264 13.46 17.99 -23.57
CA LYS A 264 13.80 19.27 -22.96
C LYS A 264 12.83 20.36 -23.42
N TYR A 265 12.57 20.42 -24.72
CA TYR A 265 11.60 21.39 -25.26
C TYR A 265 10.27 21.25 -24.50
N ILE A 266 9.84 20.01 -24.26
CA ILE A 266 8.55 19.74 -23.64
C ILE A 266 8.53 20.21 -22.20
N MET A 267 9.60 19.86 -21.49
CA MET A 267 9.73 20.17 -20.08
C MET A 267 9.93 21.68 -19.91
N ARG A 268 10.51 22.32 -20.91
CA ARG A 268 10.68 23.78 -20.90
C ARG A 268 9.34 24.52 -21.12
N GLN A 269 8.59 24.14 -22.15
CA GLN A 269 7.28 24.73 -22.46
C GLN A 269 6.28 24.52 -21.33
N SER A 270 6.34 23.33 -20.74
CA SER A 270 5.42 22.97 -19.67
C SER A 270 5.62 23.81 -18.40
N ALA A 271 6.82 24.31 -18.20
CA ALA A 271 7.12 25.31 -17.15
C ALA A 271 6.11 26.47 -17.08
N GLU A 272 5.71 27.00 -18.24
CA GLU A 272 4.82 28.17 -18.27
C GLU A 272 3.47 27.94 -17.56
N MET A 273 2.94 26.72 -17.60
CA MET A 273 1.62 26.43 -17.02
C MET A 273 1.73 25.57 -15.74
N ILE A 274 2.94 25.37 -15.22
CA ILE A 274 3.22 24.49 -14.06
C ILE A 274 2.53 23.11 -14.18
N LYS A 275 2.86 22.47 -15.30
CA LYS A 275 2.25 21.24 -15.76
C LYS A 275 3.15 20.06 -15.45
N HIS A 276 2.58 19.04 -14.83
CA HIS A 276 3.28 17.81 -14.51
C HIS A 276 3.73 17.16 -15.84
N VAL A 277 4.99 16.69 -15.88
CA VAL A 277 5.52 16.03 -17.08
C VAL A 277 6.08 14.65 -16.75
N THR A 278 5.82 13.73 -17.65
CA THR A 278 6.34 12.38 -17.59
C THR A 278 7.13 12.14 -18.87
N LEU A 279 8.38 11.75 -18.73
CA LEU A 279 9.23 11.53 -19.88
C LEU A 279 9.96 10.24 -19.96
N GLU A 280 9.96 9.63 -21.11
CA GLU A 280 10.68 8.39 -21.36
C GLU A 280 11.61 8.74 -22.48
N LEU A 281 12.91 8.59 -22.29
CA LEU A 281 13.85 9.09 -23.30
C LEU A 281 14.91 8.00 -23.57
N GLY A 282 15.98 8.33 -24.23
CA GLY A 282 16.95 7.33 -24.55
C GLY A 282 17.89 6.77 -23.53
N GLY A 283 18.81 6.01 -24.04
CA GLY A 283 19.81 5.39 -23.26
C GLY A 283 20.99 4.89 -23.99
N LYS A 284 21.89 4.29 -23.24
CA LYS A 284 23.11 3.68 -23.66
C LYS A 284 23.32 2.58 -22.68
N SER A 285 22.28 1.83 -22.46
CA SER A 285 22.25 0.78 -21.48
C SER A 285 23.31 -0.22 -21.58
N PRO A 286 23.92 -0.49 -20.45
CA PRO A 286 24.97 -1.47 -20.47
C PRO A 286 24.51 -2.91 -20.22
N ASN A 287 25.12 -3.84 -20.90
CA ASN A 287 24.86 -5.27 -20.81
C ASN A 287 26.19 -5.90 -20.38
N ILE A 288 26.31 -6.21 -19.12
CA ILE A 288 27.53 -6.71 -18.51
C ILE A 288 27.70 -8.21 -18.30
N ILE A 289 28.73 -8.79 -18.88
CA ILE A 289 29.01 -10.21 -18.82
C ILE A 289 30.23 -10.40 -17.93
N LEU A 290 29.99 -10.75 -16.68
CA LEU A 290 31.09 -11.03 -15.76
C LEU A 290 31.64 -12.43 -15.98
N GLU A 291 32.74 -12.74 -15.36
CA GLU A 291 33.39 -14.02 -15.49
C GLU A 291 32.53 -15.24 -15.21
N ASP A 292 31.66 -15.16 -14.24
CA ASP A 292 30.85 -16.28 -13.90
C ASP A 292 29.52 -16.44 -14.58
N ALA A 293 29.35 -15.79 -15.69
CA ALA A 293 28.16 -15.91 -16.47
C ALA A 293 28.08 -17.25 -17.07
N ASP A 294 26.86 -17.65 -17.38
CA ASP A 294 26.58 -18.82 -18.12
C ASP A 294 26.72 -18.13 -19.42
N LEU A 295 27.84 -18.36 -20.08
CA LEU A 295 28.18 -17.68 -21.27
C LEU A 295 27.31 -17.86 -22.46
N GLU A 296 26.80 -19.05 -22.65
CA GLU A 296 25.99 -19.31 -23.84
C GLU A 296 24.75 -18.45 -23.80
N GLU A 297 24.17 -18.33 -22.64
CA GLU A 297 23.05 -17.47 -22.38
C GLU A 297 23.30 -15.97 -22.54
N ALA A 298 24.41 -15.48 -22.07
CA ALA A 298 24.77 -14.11 -22.14
C ALA A 298 25.09 -13.64 -23.53
N ILE A 299 25.56 -14.54 -24.34
CA ILE A 299 25.89 -14.25 -25.69
C ILE A 299 24.61 -14.09 -26.45
N ASN A 300 23.60 -14.83 -26.06
CA ASN A 300 22.31 -14.73 -26.78
C ASN A 300 21.59 -13.50 -26.31
N GLY A 301 21.71 -13.20 -25.03
CA GLY A 301 21.16 -11.95 -24.46
C GLY A 301 21.84 -10.68 -24.96
N ALA A 302 23.16 -10.73 -25.10
CA ALA A 302 23.91 -9.60 -25.63
C ALA A 302 23.49 -9.33 -27.05
N PHE A 303 23.36 -10.39 -27.85
CA PHE A 303 22.97 -10.24 -29.25
C PHE A 303 21.53 -9.77 -29.38
N GLN A 304 20.61 -10.36 -28.63
CA GLN A 304 19.18 -9.95 -28.69
C GLN A 304 18.95 -8.60 -28.01
N GLY A 305 19.79 -8.31 -27.03
CA GLY A 305 19.68 -7.03 -26.31
C GLY A 305 19.87 -5.81 -27.22
N ILE A 306 20.65 -5.98 -28.27
CA ILE A 306 20.91 -4.90 -29.19
C ILE A 306 20.16 -5.09 -30.51
N MET A 307 20.19 -6.28 -31.06
CA MET A 307 19.54 -6.53 -32.35
C MET A 307 18.01 -6.56 -32.35
N TYR A 308 17.36 -6.86 -31.23
CA TYR A 308 15.88 -6.82 -31.19
C TYR A 308 15.30 -5.47 -31.64
N ASN A 309 14.33 -5.47 -32.53
CA ASN A 309 13.70 -4.29 -33.08
C ASN A 309 14.61 -3.40 -33.90
N HIS A 310 15.60 -4.02 -34.52
CA HIS A 310 16.61 -3.41 -35.34
C HIS A 310 17.37 -2.38 -34.57
N GLY A 311 17.49 -2.60 -33.28
CA GLY A 311 18.10 -1.68 -32.38
C GLY A 311 17.37 -0.40 -32.12
N GLN A 312 16.17 -0.28 -32.65
CA GLN A 312 15.34 0.90 -32.50
C GLN A 312 14.56 0.70 -31.23
N ASN A 313 15.28 0.75 -30.13
CA ASN A 313 14.87 0.49 -28.81
C ASN A 313 15.65 1.37 -27.90
N CYS A 314 14.96 2.05 -27.02
CA CYS A 314 15.56 2.99 -26.12
C CYS A 314 16.37 2.35 -25.02
N SER A 315 15.99 1.14 -24.72
CA SER A 315 16.68 0.34 -23.70
C SER A 315 17.65 -0.71 -24.26
N ALA A 316 17.91 -0.65 -25.55
CA ALA A 316 18.91 -1.50 -26.23
C ALA A 316 20.21 -1.51 -25.49
N GLY A 317 20.71 -2.68 -25.25
CA GLY A 317 21.97 -2.85 -24.63
C GLY A 317 22.98 -2.65 -25.70
N SER A 318 23.21 -1.39 -26.02
CA SER A 318 24.14 -0.96 -27.00
C SER A 318 25.60 -1.00 -26.57
N ARG A 319 25.85 -1.10 -25.30
CA ARG A 319 27.17 -1.26 -24.80
C ARG A 319 27.23 -2.63 -24.16
N VAL A 320 27.94 -3.57 -24.75
CA VAL A 320 28.15 -4.91 -24.25
C VAL A 320 29.51 -4.93 -23.62
N PHE A 321 29.52 -5.02 -22.30
CA PHE A 321 30.74 -5.10 -21.50
C PHE A 321 31.01 -6.57 -21.28
N VAL A 322 32.24 -6.97 -21.56
CA VAL A 322 32.66 -8.36 -21.42
C VAL A 322 33.94 -8.47 -20.57
N HIS A 323 33.93 -9.30 -19.57
CA HIS A 323 35.11 -9.52 -18.81
C HIS A 323 36.14 -10.16 -19.72
N ARG A 324 37.37 -9.68 -19.66
CA ARG A 324 38.49 -10.08 -20.47
C ARG A 324 38.74 -11.55 -20.83
N LYS A 325 38.42 -12.42 -19.93
CA LYS A 325 38.52 -13.81 -20.15
C LYS A 325 37.66 -14.26 -21.30
N HIS A 326 36.55 -13.57 -21.47
CA HIS A 326 35.47 -13.92 -22.42
C HIS A 326 35.33 -12.97 -23.64
N TYR A 327 36.02 -11.85 -23.64
CA TYR A 327 35.92 -10.86 -24.70
C TYR A 327 36.08 -11.43 -26.11
N GLU A 328 37.15 -12.16 -26.40
CA GLU A 328 37.37 -12.68 -27.76
C GLU A 328 36.27 -13.62 -28.18
N THR A 329 35.92 -14.56 -27.30
CA THR A 329 34.82 -15.49 -27.51
C THR A 329 33.53 -14.75 -27.86
N VAL A 330 33.20 -13.71 -27.07
CA VAL A 330 31.93 -12.99 -27.27
C VAL A 330 31.91 -12.27 -28.61
N VAL A 331 33.03 -11.61 -28.94
CA VAL A 331 33.13 -10.88 -30.22
C VAL A 331 32.96 -11.86 -31.36
N ASP A 332 33.65 -12.99 -31.32
CA ASP A 332 33.57 -13.92 -32.43
C ASP A 332 32.12 -14.33 -32.67
N ALA A 333 31.39 -14.53 -31.58
CA ALA A 333 30.03 -15.03 -31.65
C ALA A 333 29.09 -13.94 -32.10
N LEU A 334 29.26 -12.74 -31.56
CA LEU A 334 28.45 -11.61 -32.00
C LEU A 334 28.64 -11.29 -33.49
N VAL A 335 29.86 -11.40 -33.99
CA VAL A 335 30.16 -11.22 -35.42
C VAL A 335 29.45 -12.26 -36.31
N LYS A 336 29.65 -13.53 -35.99
CA LYS A 336 29.04 -14.62 -36.75
C LYS A 336 27.49 -14.51 -36.80
N MET A 337 26.87 -14.18 -35.65
CA MET A 337 25.41 -14.03 -35.51
C MET A 337 24.89 -12.84 -36.30
N ALA A 338 25.62 -11.72 -36.20
CA ALA A 338 25.32 -10.51 -36.98
C ALA A 338 25.26 -10.77 -38.48
N ASN A 339 26.27 -11.48 -38.97
CA ASN A 339 26.39 -11.83 -40.38
C ASN A 339 25.39 -12.87 -40.85
N ASN A 340 24.78 -13.61 -39.94
CA ASN A 340 23.75 -14.60 -40.27
C ASN A 340 22.33 -14.11 -40.21
N VAL A 341 22.10 -12.86 -39.77
CA VAL A 341 20.74 -12.30 -39.70
C VAL A 341 20.12 -12.15 -41.09
N LYS A 342 18.90 -12.63 -41.24
CA LYS A 342 18.19 -12.51 -42.50
C LYS A 342 17.40 -11.21 -42.55
N LEU A 343 17.93 -10.26 -43.32
CA LEU A 343 17.32 -8.97 -43.62
C LEU A 343 16.32 -9.09 -44.76
N GLY A 344 15.16 -8.46 -44.61
CA GLY A 344 14.15 -8.50 -45.62
C GLY A 344 12.98 -7.70 -45.15
N ALA A 345 11.91 -7.78 -45.92
CA ALA A 345 10.71 -7.02 -45.64
C ALA A 345 9.94 -7.66 -44.47
N GLY A 346 9.35 -6.84 -43.64
CA GLY A 346 8.54 -7.27 -42.54
C GLY A 346 7.40 -8.17 -42.93
N MET A 347 7.00 -8.09 -44.18
CA MET A 347 5.93 -8.90 -44.71
C MET A 347 6.38 -10.15 -45.43
N GLU A 348 7.67 -10.38 -45.57
CA GLU A 348 8.22 -11.64 -46.09
C GLU A 348 8.43 -12.61 -44.91
N LYS A 349 8.10 -13.88 -45.04
CA LYS A 349 8.23 -14.81 -43.93
C LYS A 349 9.60 -15.15 -43.42
N GLU A 350 10.57 -15.19 -44.29
CA GLU A 350 11.91 -15.49 -43.91
C GLU A 350 12.66 -14.47 -43.06
N THR A 351 12.16 -13.25 -43.06
CA THR A 351 12.72 -12.11 -42.38
C THR A 351 12.88 -12.15 -40.88
N GLU A 352 14.08 -11.93 -40.45
CA GLU A 352 14.42 -11.89 -39.03
C GLU A 352 14.61 -10.43 -38.59
N MET A 353 15.16 -9.58 -39.47
CA MET A 353 15.29 -8.16 -39.18
C MET A 353 14.90 -7.29 -40.39
N GLY A 354 14.02 -6.35 -40.10
CA GLY A 354 13.49 -5.43 -41.10
C GLY A 354 14.38 -4.21 -41.29
N PRO A 355 13.89 -3.21 -41.97
CA PRO A 355 14.70 -2.01 -42.16
C PRO A 355 14.48 -1.00 -41.07
N LEU A 356 15.17 0.10 -41.16
CA LEU A 356 15.03 1.16 -40.24
C LEU A 356 13.81 1.83 -40.74
N VAL A 357 13.20 2.62 -39.89
CA VAL A 357 11.97 3.30 -40.16
C VAL A 357 11.93 4.31 -41.27
N SER A 358 13.04 4.97 -41.47
CA SER A 358 13.05 6.10 -42.39
C SER A 358 14.38 6.33 -43.04
N LYS A 359 14.35 7.14 -44.09
CA LYS A 359 15.53 7.55 -44.79
C LYS A 359 16.39 8.35 -43.84
N LYS A 360 15.75 9.28 -43.15
CA LYS A 360 16.44 10.12 -42.18
C LYS A 360 17.17 9.26 -41.14
N GLN A 361 16.47 8.27 -40.58
CA GLN A 361 17.06 7.32 -39.62
C GLN A 361 18.19 6.49 -40.18
N GLN A 362 18.04 5.99 -41.41
CA GLN A 362 19.13 5.30 -42.10
C GLN A 362 20.33 6.22 -42.22
N GLU A 363 20.13 7.47 -42.60
CA GLU A 363 21.25 8.41 -42.71
C GLU A 363 21.88 8.67 -41.35
N ARG A 364 21.11 8.82 -40.29
CA ARG A 364 21.63 8.98 -38.94
C ARG A 364 22.52 7.84 -38.48
N VAL A 365 22.15 6.60 -38.65
CA VAL A 365 23.01 5.54 -38.20
C VAL A 365 24.22 5.23 -39.06
N LEU A 366 24.10 5.40 -40.37
CA LEU A 366 25.21 5.18 -41.26
C LEU A 366 26.29 6.15 -40.93
N ASN A 367 25.86 7.30 -40.55
CA ASN A 367 26.67 8.38 -40.15
C ASN A 367 27.35 8.25 -38.84
N TYR A 368 26.71 7.53 -37.94
CA TYR A 368 27.24 7.25 -36.66
C TYR A 368 28.29 6.21 -36.83
N ILE A 369 28.16 5.36 -37.84
CA ILE A 369 29.10 4.32 -38.17
C ILE A 369 30.37 4.94 -38.72
N GLU A 370 30.24 5.83 -39.67
CA GLU A 370 31.39 6.61 -40.17
C GLU A 370 32.17 7.32 -39.06
N GLN A 371 31.45 8.02 -38.20
CA GLN A 371 32.05 8.67 -37.02
C GLN A 371 32.80 7.64 -36.19
N GLY A 372 32.20 6.45 -36.07
CA GLY A 372 32.88 5.29 -35.47
C GLY A 372 34.23 4.98 -36.10
N LYS A 373 34.26 4.81 -37.41
CA LYS A 373 35.53 4.55 -38.13
C LYS A 373 36.54 5.72 -38.04
N LYS A 374 36.08 6.94 -38.14
CA LYS A 374 36.90 8.10 -38.04
C LYS A 374 37.59 8.25 -36.71
N GLU A 375 36.94 7.83 -35.65
CA GLU A 375 37.50 7.93 -34.34
C GLU A 375 38.45 6.80 -33.94
N GLY A 376 38.64 5.83 -34.81
CA GLY A 376 39.55 4.77 -34.53
C GLY A 376 39.11 3.36 -34.34
N ALA A 377 37.85 3.18 -34.05
CA ALA A 377 37.24 1.86 -33.79
C ALA A 377 37.24 1.00 -35.03
N THR A 378 37.22 -0.31 -34.85
CA THR A 378 37.17 -1.17 -36.02
C THR A 378 35.78 -1.79 -36.18
N VAL A 379 35.34 -1.89 -37.43
CA VAL A 379 34.07 -2.49 -37.75
C VAL A 379 34.35 -3.98 -38.04
N ALA A 380 33.99 -4.80 -37.03
CA ALA A 380 34.13 -6.26 -37.01
C ALA A 380 33.04 -6.99 -37.82
N ALA A 381 31.93 -6.31 -38.06
CA ALA A 381 30.89 -6.84 -38.94
C ALA A 381 29.98 -5.73 -39.38
N GLY A 382 29.36 -5.85 -40.57
CA GLY A 382 28.29 -4.93 -40.95
C GLY A 382 28.85 -3.60 -41.42
N GLY A 383 28.35 -2.50 -40.88
CA GLY A 383 28.89 -1.15 -41.16
C GLY A 383 28.41 -0.39 -42.39
N GLU A 384 27.28 -0.79 -43.00
CA GLU A 384 26.76 -0.13 -44.23
C GLU A 384 25.33 -0.54 -44.55
N ARG A 385 24.73 0.11 -45.53
CA ARG A 385 23.41 -0.26 -46.02
C ARG A 385 23.34 -1.71 -46.60
N ALA A 386 22.14 -2.30 -46.59
CA ALA A 386 21.91 -3.60 -47.19
C ALA A 386 20.79 -3.51 -48.20
N LEU A 387 20.76 -4.45 -49.11
CA LEU A 387 19.76 -4.59 -50.16
C LEU A 387 19.68 -3.52 -51.21
N GLU A 388 18.74 -3.65 -52.10
CA GLU A 388 18.62 -2.75 -53.21
C GLU A 388 17.74 -1.59 -52.94
N LYS A 389 16.63 -1.83 -52.30
CA LYS A 389 15.80 -0.74 -51.85
C LYS A 389 15.32 -0.96 -50.41
N GLY A 390 14.85 0.12 -49.79
CA GLY A 390 14.36 0.08 -48.44
C GLY A 390 15.41 0.59 -47.50
N TYR A 391 15.00 1.02 -46.32
CA TYR A 391 15.88 1.71 -45.40
C TYR A 391 16.72 0.78 -44.50
N PHE A 392 17.27 -0.26 -45.11
CA PHE A 392 18.02 -1.29 -44.37
C PHE A 392 19.44 -0.90 -43.95
N VAL A 393 19.85 -1.41 -42.78
CA VAL A 393 21.23 -1.35 -42.35
C VAL A 393 21.66 -2.70 -41.76
N LYS A 394 22.86 -3.09 -42.08
CA LYS A 394 23.46 -4.29 -41.59
C LYS A 394 23.75 -4.31 -40.10
N PRO A 395 23.44 -5.50 -39.44
CA PRO A 395 23.80 -5.55 -38.02
C PRO A 395 25.29 -5.25 -37.83
N THR A 396 25.63 -4.36 -36.92
CA THR A 396 27.00 -3.90 -36.78
C THR A 396 27.71 -4.13 -35.49
N VAL A 397 28.94 -4.59 -35.60
CA VAL A 397 29.74 -4.82 -34.40
C VAL A 397 31.01 -3.98 -34.40
N PHE A 398 31.18 -3.23 -33.34
CA PHE A 398 32.32 -2.39 -33.16
C PHE A 398 33.21 -2.88 -32.07
N THR A 399 34.49 -2.97 -32.38
CA THR A 399 35.49 -3.38 -31.46
C THR A 399 36.53 -2.32 -31.49
N ASP A 400 37.51 -2.40 -30.61
CA ASP A 400 38.59 -1.43 -30.51
C ASP A 400 38.03 -0.08 -30.21
N VAL A 401 37.26 -0.05 -29.14
CA VAL A 401 36.46 1.04 -28.66
C VAL A 401 36.93 1.59 -27.35
N THR A 402 36.73 2.86 -27.09
CA THR A 402 37.12 3.49 -25.80
C THR A 402 35.94 4.34 -25.35
N ASP A 403 35.85 4.58 -24.05
CA ASP A 403 34.66 5.20 -23.44
C ASP A 403 34.40 6.63 -23.87
N ASP A 404 35.43 7.29 -24.39
CA ASP A 404 35.30 8.68 -24.81
C ASP A 404 34.79 8.83 -26.28
N MET A 405 34.62 7.71 -27.01
CA MET A 405 34.20 7.78 -28.42
C MET A 405 32.71 8.16 -28.58
N THR A 406 32.41 9.05 -29.53
CA THR A 406 31.02 9.43 -29.86
C THR A 406 30.08 8.21 -29.83
N ILE A 407 30.46 7.14 -30.52
CA ILE A 407 29.64 5.94 -30.66
C ILE A 407 29.40 5.17 -29.39
N VAL A 408 30.18 5.33 -28.34
CA VAL A 408 29.94 4.60 -27.13
C VAL A 408 29.22 5.48 -26.12
N LYS A 409 29.20 6.75 -26.39
CA LYS A 409 28.53 7.67 -25.55
C LYS A 409 27.13 8.00 -26.02
N GLU A 410 26.98 8.18 -27.31
CA GLU A 410 25.69 8.67 -27.85
C GLU A 410 24.78 7.54 -28.33
N GLU A 411 23.46 7.72 -28.18
CA GLU A 411 22.44 6.79 -28.68
C GLU A 411 22.43 6.90 -30.19
N ILE A 412 22.64 5.74 -30.84
CA ILE A 412 22.64 5.53 -32.28
C ILE A 412 21.25 5.16 -32.82
N PHE A 413 20.57 4.30 -32.09
CA PHE A 413 19.21 3.90 -32.42
C PHE A 413 19.16 3.05 -33.67
N GLY A 414 20.14 2.18 -33.84
CA GLY A 414 20.25 1.23 -34.92
C GLY A 414 20.80 -0.11 -34.50
N PRO A 415 20.93 -1.07 -35.50
CA PRO A 415 21.47 -2.36 -35.06
C PRO A 415 23.02 -2.39 -34.98
N VAL A 416 23.47 -1.53 -34.10
CA VAL A 416 24.85 -1.21 -33.86
C VAL A 416 25.31 -1.34 -32.43
N VAL A 417 26.24 -2.23 -32.19
CA VAL A 417 26.75 -2.55 -30.89
C VAL A 417 28.20 -2.25 -30.72
N VAL A 418 28.58 -2.00 -29.50
CA VAL A 418 29.89 -1.67 -29.11
C VAL A 418 30.33 -2.68 -28.05
N VAL A 419 31.42 -3.36 -28.29
CA VAL A 419 31.91 -4.34 -27.33
C VAL A 419 33.20 -3.95 -26.60
N LEU A 420 33.13 -3.91 -25.28
CA LEU A 420 34.20 -3.48 -24.43
C LEU A 420 34.69 -4.42 -23.37
N PRO A 421 35.97 -4.72 -23.37
CA PRO A 421 36.51 -5.50 -22.31
C PRO A 421 36.70 -4.72 -20.98
N PHE A 422 36.61 -5.44 -19.87
CA PHE A 422 36.92 -4.88 -18.55
C PHE A 422 37.64 -5.95 -17.74
N ASP A 423 38.31 -5.51 -16.68
CA ASP A 423 39.17 -6.38 -15.85
C ASP A 423 38.72 -6.53 -14.40
N SER A 424 37.76 -5.75 -13.92
CA SER A 424 37.19 -5.96 -12.59
C SER A 424 35.81 -5.38 -12.52
N THR A 425 35.03 -5.86 -11.59
CA THR A 425 33.66 -5.47 -11.33
C THR A 425 33.47 -4.00 -10.95
N GLU A 426 34.30 -3.52 -10.03
CA GLU A 426 34.31 -2.13 -9.64
C GLU A 426 34.61 -1.27 -10.85
N GLU A 427 35.59 -1.61 -11.62
CA GLU A 427 35.80 -0.98 -12.90
C GLU A 427 34.49 -0.94 -13.76
N VAL A 428 33.87 -2.09 -14.05
CA VAL A 428 32.72 -2.10 -14.98
C VAL A 428 31.50 -1.32 -14.47
N ILE A 429 31.26 -1.37 -13.15
CA ILE A 429 30.21 -0.55 -12.53
C ILE A 429 30.47 0.94 -12.81
N GLU A 430 31.67 1.42 -12.51
CA GLU A 430 32.04 2.82 -12.75
C GLU A 430 31.85 3.22 -14.22
N ARG A 431 32.29 2.36 -15.15
CA ARG A 431 32.22 2.67 -16.60
C ARG A 431 30.81 2.58 -17.12
N ALA A 432 30.05 1.64 -16.61
CA ALA A 432 28.63 1.54 -16.94
C ALA A 432 27.88 2.77 -16.51
N ASN A 433 28.14 3.23 -15.32
CA ASN A 433 27.47 4.36 -14.74
C ASN A 433 27.84 5.75 -15.25
N ASN A 434 28.97 5.90 -15.89
CA ASN A 434 29.41 7.17 -16.43
C ASN A 434 28.72 7.47 -17.75
N SER A 435 27.53 7.99 -17.65
CA SER A 435 26.71 8.27 -18.77
C SER A 435 25.70 9.19 -18.24
N SER A 436 25.10 9.96 -19.11
CA SER A 436 24.05 10.85 -18.73
C SER A 436 22.81 10.02 -18.86
N TYR A 437 22.90 8.86 -19.49
CA TYR A 437 21.74 7.97 -19.61
C TYR A 437 21.68 7.03 -18.41
N GLY A 438 20.54 6.35 -18.26
CA GLY A 438 20.34 5.30 -17.25
C GLY A 438 18.92 4.74 -17.28
N LEU A 439 18.57 4.20 -18.44
CA LEU A 439 17.28 3.62 -18.67
C LEU A 439 17.21 2.12 -18.21
N ALA A 440 18.23 1.34 -18.56
CA ALA A 440 18.26 -0.08 -18.27
C ALA A 440 19.67 -0.57 -18.14
N ALA A 441 19.82 -1.77 -17.64
CA ALA A 441 21.07 -2.45 -17.49
C ALA A 441 20.82 -3.94 -17.42
N GLY A 442 21.77 -4.72 -17.87
CA GLY A 442 21.74 -6.13 -17.80
C GLY A 442 23.02 -6.61 -17.17
N VAL A 443 22.92 -7.58 -16.29
CA VAL A 443 24.08 -8.16 -15.67
C VAL A 443 24.05 -9.70 -15.73
N TRP A 444 25.13 -10.32 -16.16
CA TRP A 444 25.11 -11.78 -16.28
C TRP A 444 26.15 -12.36 -15.32
N THR A 445 25.69 -13.15 -14.37
CA THR A 445 26.49 -13.79 -13.33
C THR A 445 25.69 -14.87 -12.66
N GLN A 446 26.33 -15.95 -12.27
CA GLN A 446 25.64 -17.05 -11.64
C GLN A 446 25.62 -16.98 -10.14
N ASN A 447 26.40 -16.08 -9.59
CA ASN A 447 26.55 -15.85 -8.16
C ASN A 447 25.42 -15.09 -7.52
N ILE A 448 24.96 -15.54 -6.38
CA ILE A 448 23.80 -14.94 -5.79
C ILE A 448 24.12 -13.55 -5.24
N LYS A 449 25.27 -13.38 -4.63
CA LYS A 449 25.66 -12.12 -4.10
C LYS A 449 26.08 -11.13 -5.14
N THR A 450 26.94 -11.52 -6.05
CA THR A 450 27.39 -10.60 -7.06
C THR A 450 26.28 -10.06 -7.93
N GLY A 451 25.29 -10.87 -8.20
CA GLY A 451 24.09 -10.47 -8.96
C GLY A 451 23.38 -9.24 -8.40
N HIS A 452 22.86 -9.37 -7.18
CA HIS A 452 22.12 -8.27 -6.53
C HIS A 452 23.00 -7.06 -6.14
N GLN A 453 24.26 -7.33 -5.75
CA GLN A 453 25.24 -6.28 -5.42
C GLN A 453 25.40 -5.35 -6.63
N VAL A 454 25.59 -5.95 -7.81
CA VAL A 454 25.83 -5.20 -9.05
C VAL A 454 24.55 -4.52 -9.47
N ALA A 455 23.44 -5.23 -9.31
CA ALA A 455 22.15 -4.64 -9.63
C ALA A 455 21.87 -3.41 -8.78
N ASN A 456 22.21 -3.43 -7.51
CA ASN A 456 22.01 -2.30 -6.64
C ASN A 456 22.89 -1.12 -6.94
N LYS A 457 24.07 -1.36 -7.47
CA LYS A 457 25.03 -0.30 -7.71
C LYS A 457 24.90 0.44 -9.02
N LEU A 458 24.22 -0.16 -9.96
CA LEU A 458 23.97 0.38 -11.28
C LEU A 458 22.89 1.41 -11.30
N LYS A 459 23.15 2.53 -11.91
CA LYS A 459 22.17 3.58 -11.95
C LYS A 459 21.24 3.47 -13.13
N ALA A 460 20.22 2.64 -13.02
CA ALA A 460 19.28 2.33 -14.09
C ALA A 460 17.93 2.03 -13.57
N GLY A 461 16.93 2.28 -14.39
CA GLY A 461 15.56 2.08 -13.95
C GLY A 461 15.06 0.64 -13.93
N THR A 462 15.63 -0.17 -14.82
CA THR A 462 15.36 -1.58 -14.91
C THR A 462 16.70 -2.29 -14.96
N VAL A 463 16.93 -3.24 -14.06
CA VAL A 463 18.07 -4.13 -14.16
C VAL A 463 17.58 -5.56 -14.30
N TRP A 464 18.08 -6.23 -15.33
CA TRP A 464 17.81 -7.63 -15.61
C TRP A 464 19.04 -8.45 -15.22
N ILE A 465 18.85 -9.48 -14.40
CA ILE A 465 19.97 -10.31 -13.94
C ILE A 465 19.86 -11.62 -14.70
N ASN A 466 20.80 -11.84 -15.55
CA ASN A 466 20.82 -12.98 -16.39
C ASN A 466 19.66 -13.03 -17.37
N ASP A 467 19.31 -11.85 -17.86
CA ASP A 467 18.33 -11.67 -18.86
C ASP A 467 18.43 -10.29 -19.48
N TYR A 468 17.60 -9.95 -20.43
CA TYR A 468 17.61 -8.66 -21.07
C TYR A 468 16.33 -8.45 -21.83
N ASN A 469 15.92 -7.20 -21.96
CA ASN A 469 14.78 -6.71 -22.76
C ASN A 469 13.42 -7.24 -22.32
N LEU A 470 13.19 -7.43 -21.05
CA LEU A 470 11.91 -7.84 -20.57
C LEU A 470 11.00 -6.71 -20.09
N GLU A 471 9.77 -6.71 -20.52
CA GLU A 471 8.79 -5.74 -20.09
C GLU A 471 7.52 -6.46 -19.81
N ASN A 472 6.78 -5.97 -18.85
CA ASN A 472 5.50 -6.50 -18.52
C ASN A 472 4.71 -5.40 -17.93
N ALA A 473 3.46 -5.30 -18.26
CA ALA A 473 2.58 -4.25 -17.71
C ALA A 473 2.67 -3.98 -16.19
N ALA A 474 2.92 -5.03 -15.39
CA ALA A 474 2.92 -4.90 -13.93
C ALA A 474 4.23 -4.41 -13.31
N ALA A 475 5.23 -4.08 -14.14
CA ALA A 475 6.58 -3.76 -13.66
C ALA A 475 6.99 -2.41 -14.24
N PRO A 476 7.23 -1.40 -13.41
CA PRO A 476 7.61 -0.07 -13.86
C PRO A 476 8.81 0.03 -14.74
N PHE A 477 8.85 1.06 -15.53
CA PHE A 477 9.90 1.25 -16.45
C PHE A 477 10.16 2.71 -16.66
N GLY A 478 11.39 3.11 -16.70
CA GLY A 478 11.68 4.50 -16.86
C GLY A 478 13.07 4.82 -16.47
N GLY A 479 13.54 5.99 -16.78
CA GLY A 479 14.90 6.36 -16.49
C GLY A 479 15.29 7.22 -15.34
N TYR A 480 16.53 7.05 -14.95
CA TYR A 480 17.24 7.79 -13.95
C TYR A 480 18.00 8.77 -14.81
N LYS A 481 18.55 9.82 -14.24
CA LYS A 481 19.36 10.83 -14.94
C LYS A 481 18.62 11.38 -16.20
N GLN A 482 19.29 11.45 -17.36
CA GLN A 482 18.68 12.05 -18.54
C GLN A 482 17.89 11.07 -19.41
N SER A 483 17.68 9.84 -18.93
CA SER A 483 16.84 8.88 -19.66
C SER A 483 15.33 9.09 -19.35
N GLY A 484 15.02 9.93 -18.36
CA GLY A 484 13.64 10.39 -18.19
C GLY A 484 13.31 10.95 -16.82
N ILE A 485 11.99 11.14 -16.62
CA ILE A 485 11.35 11.51 -15.35
C ILE A 485 10.10 10.69 -15.24
N GLY A 486 9.85 10.07 -14.11
CA GLY A 486 8.68 9.26 -13.92
C GLY A 486 8.81 7.84 -14.39
N ARG A 487 7.75 7.10 -14.22
CA ARG A 487 7.72 5.72 -14.61
C ARG A 487 6.46 5.38 -15.34
N GLU A 488 6.48 4.36 -16.17
CA GLU A 488 5.30 3.90 -16.87
C GLU A 488 5.22 2.45 -16.59
N LEU A 489 4.06 1.90 -16.75
CA LEU A 489 3.73 0.53 -16.38
C LEU A 489 3.62 0.40 -14.87
N GLY A 490 3.06 -0.72 -14.43
CA GLY A 490 2.85 -0.98 -13.01
C GLY A 490 1.89 -0.06 -12.29
N SER A 491 1.85 -0.13 -11.00
CA SER A 491 1.03 0.76 -10.28
C SER A 491 1.52 2.21 -10.36
N TYR A 492 2.82 2.35 -10.45
CA TYR A 492 3.51 3.60 -10.49
C TYR A 492 3.04 4.53 -11.56
N ALA A 493 2.69 4.00 -12.69
CA ALA A 493 2.23 4.85 -13.77
C ALA A 493 0.94 5.63 -13.45
N LEU A 494 0.07 5.09 -12.64
CA LEU A 494 -1.17 5.74 -12.26
C LEU A 494 -1.02 7.03 -11.55
N ASP A 495 0.04 7.21 -10.81
CA ASP A 495 0.32 8.41 -10.06
C ASP A 495 0.57 9.59 -10.96
N ASN A 496 1.12 9.37 -12.13
CA ASN A 496 1.31 10.40 -13.12
C ASN A 496 0.00 11.01 -13.64
N TYR A 497 -1.12 10.32 -13.49
CA TYR A 497 -2.41 10.80 -13.97
C TYR A 497 -3.40 11.14 -12.90
N THR A 498 -2.89 11.39 -11.73
CA THR A 498 -3.69 11.66 -10.60
C THR A 498 -3.27 12.96 -9.96
N GLU A 499 -4.19 13.52 -9.21
CA GLU A 499 -3.98 14.70 -8.46
C GLU A 499 -4.45 14.27 -7.11
N VAL A 500 -3.58 14.25 -6.15
CA VAL A 500 -3.92 13.90 -4.76
C VAL A 500 -4.70 15.04 -4.07
N LYS A 501 -5.86 14.73 -3.49
CA LYS A 501 -6.62 15.72 -2.72
C LYS A 501 -6.69 15.29 -1.28
N SER A 502 -6.28 16.17 -0.36
CA SER A 502 -6.37 15.87 1.06
C SER A 502 -7.56 16.60 1.66
N VAL A 503 -8.50 15.84 2.23
CA VAL A 503 -9.73 16.39 2.75
C VAL A 503 -9.70 16.25 4.26
N TRP A 504 -10.10 17.28 4.94
CA TRP A 504 -10.17 17.30 6.35
C TRP A 504 -11.60 17.52 6.72
N VAL A 505 -12.19 16.71 7.57
CA VAL A 505 -13.55 16.88 8.00
C VAL A 505 -13.59 17.08 9.50
N ASN A 506 -13.90 18.30 9.91
CA ASN A 506 -14.04 18.63 11.29
C ASN A 506 -15.24 17.86 11.73
N ILE A 507 -15.04 17.07 12.77
CA ILE A 507 -16.02 16.26 13.45
C ILE A 507 -15.99 16.64 14.90
N LYS A 508 -15.88 17.94 15.07
CA LYS A 508 -15.85 18.76 16.26
C LYS A 508 -14.66 18.56 17.12
N ILE B 20 30.32 -11.39 36.96
CA ILE B 20 29.60 -10.09 36.69
C ILE B 20 28.84 -9.73 37.97
N GLU B 21 29.07 -8.55 38.52
CA GLU B 21 28.34 -8.18 39.71
C GLU B 21 27.05 -7.48 39.44
N LEU B 22 26.11 -7.80 40.31
CA LEU B 22 24.79 -7.26 40.30
C LEU B 22 24.77 -5.77 40.46
N LYS B 23 23.96 -5.20 39.62
CA LYS B 23 23.71 -3.84 39.51
C LYS B 23 22.97 -3.46 40.73
N PRO B 24 23.25 -2.21 41.22
CA PRO B 24 22.48 -1.80 42.39
C PRO B 24 20.97 -1.93 42.25
N LYS B 25 20.42 -1.50 41.16
CA LYS B 25 19.01 -1.55 40.90
C LYS B 25 18.34 -2.91 40.78
N VAL B 26 19.09 -3.96 40.45
CA VAL B 26 18.56 -5.30 40.39
C VAL B 26 18.65 -5.88 41.76
N GLU B 27 19.69 -5.52 42.48
CA GLU B 27 19.82 -5.91 43.84
C GLU B 27 18.61 -5.37 44.57
N ALA B 28 18.31 -4.09 44.42
CA ALA B 28 17.12 -3.51 45.07
C ALA B 28 15.83 -4.15 44.62
N PHE B 29 15.70 -4.44 43.31
CA PHE B 29 14.48 -5.06 42.79
C PHE B 29 14.30 -6.50 43.32
N LEU B 30 15.40 -7.24 43.48
CA LEU B 30 15.37 -8.65 43.97
C LEU B 30 15.25 -8.86 45.49
N ASN B 31 15.38 -7.77 46.23
CA ASN B 31 15.34 -7.76 47.66
C ASN B 31 13.99 -7.62 48.20
N GLU B 32 13.01 -7.70 47.35
CA GLU B 32 11.68 -7.54 47.74
C GLU B 32 10.83 -8.46 46.98
N GLU B 33 9.58 -8.59 47.37
CA GLU B 33 8.68 -9.41 46.62
C GLU B 33 8.40 -8.67 45.35
N ILE B 34 8.27 -9.40 44.27
CA ILE B 34 7.99 -8.83 42.99
C ILE B 34 6.53 -8.69 42.76
N LYS B 35 6.11 -7.47 42.59
CA LYS B 35 4.75 -7.10 42.38
C LYS B 35 4.29 -7.06 40.99
N MET B 36 2.99 -7.30 40.83
CA MET B 36 2.28 -7.13 39.55
C MET B 36 2.13 -5.67 39.19
N PHE B 37 1.70 -5.39 37.96
CA PHE B 37 1.42 -4.04 37.49
C PHE B 37 0.03 -4.01 36.89
N ILE B 38 -0.92 -3.39 37.61
CA ILE B 38 -2.30 -3.24 37.18
C ILE B 38 -2.78 -1.80 37.41
N ASN B 39 -3.50 -1.28 36.42
CA ASN B 39 -3.98 0.08 36.40
C ASN B 39 -2.96 1.11 36.89
N GLY B 40 -1.72 1.00 36.47
CA GLY B 40 -0.72 1.95 36.83
C GLY B 40 0.03 1.81 38.11
N GLU B 41 -0.41 0.92 38.97
CA GLU B 41 0.23 0.74 40.21
C GLU B 41 0.84 -0.63 40.38
N PHE B 42 1.88 -0.71 41.16
CA PHE B 42 2.50 -1.98 41.48
C PHE B 42 1.72 -2.55 42.65
N VAL B 43 1.28 -3.76 42.47
CA VAL B 43 0.48 -4.42 43.44
C VAL B 43 0.70 -5.89 43.64
N SER B 44 0.25 -6.33 44.79
CA SER B 44 0.28 -7.70 45.18
C SER B 44 -0.94 -8.31 44.60
N ALA B 45 -1.07 -9.60 44.69
CA ALA B 45 -2.29 -10.29 44.30
C ALA B 45 -3.34 -10.02 45.36
N ILE B 46 -4.60 -9.90 44.94
CA ILE B 46 -5.72 -9.63 45.85
C ILE B 46 -5.76 -10.62 47.06
N GLY B 47 -5.65 -11.93 46.81
CA GLY B 47 -5.58 -12.93 47.87
C GLY B 47 -4.16 -13.25 48.38
N GLY B 48 -3.16 -12.49 47.96
CA GLY B 48 -1.81 -12.58 48.51
C GLY B 48 -0.95 -13.79 48.12
N LYS B 49 -1.37 -14.59 47.14
CA LYS B 49 -0.58 -15.75 46.71
C LYS B 49 0.74 -15.29 46.07
N THR B 50 1.79 -16.10 46.20
CA THR B 50 3.08 -15.87 45.55
C THR B 50 3.73 -17.17 45.11
N PHE B 51 4.66 -17.03 44.19
CA PHE B 51 5.35 -18.15 43.61
C PHE B 51 6.80 -17.79 43.48
N GLU B 52 7.62 -18.76 43.14
CA GLU B 52 9.03 -18.59 42.99
C GLU B 52 9.56 -18.82 41.62
N THR B 53 10.56 -18.05 41.26
CA THR B 53 11.26 -18.14 40.01
C THR B 53 12.69 -18.49 40.37
N TYR B 54 13.31 -19.34 39.59
CA TYR B 54 14.66 -19.85 39.86
C TYR B 54 15.67 -19.31 38.86
N ASN B 55 16.88 -19.37 39.29
CA ASN B 55 18.06 -19.09 38.50
C ASN B 55 18.35 -20.50 38.10
N PRO B 56 18.33 -20.80 36.81
CA PRO B 56 18.56 -22.13 36.33
C PRO B 56 20.00 -22.61 36.31
N ALA B 57 20.96 -21.73 36.50
CA ALA B 57 22.39 -22.15 36.65
C ALA B 57 22.76 -22.77 38.03
N THR B 58 22.02 -22.40 39.07
CA THR B 58 22.29 -22.82 40.49
C THR B 58 21.18 -23.65 41.17
N GLU B 59 19.93 -23.48 40.72
CA GLU B 59 18.72 -24.06 41.29
C GLU B 59 18.19 -23.29 42.50
N ASP B 60 18.88 -22.22 42.91
CA ASP B 60 18.42 -21.35 43.99
C ASP B 60 17.16 -20.57 43.61
N VAL B 61 16.40 -20.15 44.62
CA VAL B 61 15.32 -19.21 44.42
C VAL B 61 15.95 -17.87 44.10
N LEU B 62 15.39 -17.20 43.09
CA LEU B 62 15.87 -15.90 42.63
C LEU B 62 15.01 -14.74 43.14
N ALA B 63 13.71 -14.96 43.20
CA ALA B 63 12.73 -14.01 43.62
C ALA B 63 11.43 -14.69 43.90
N VAL B 64 10.60 -14.03 44.67
CA VAL B 64 9.30 -14.52 44.96
C VAL B 64 8.38 -13.51 44.36
N VAL B 65 7.46 -13.98 43.57
CA VAL B 65 6.60 -13.15 42.78
C VAL B 65 5.15 -13.24 43.12
N CYS B 66 4.45 -12.13 43.05
CA CYS B 66 3.04 -12.12 43.32
C CYS B 66 2.37 -12.86 42.20
N GLU B 67 1.48 -13.74 42.56
CA GLU B 67 0.83 -14.63 41.65
C GLU B 67 -0.53 -14.24 41.22
N ALA B 68 -0.72 -13.98 39.94
CA ALA B 68 -2.05 -13.58 39.49
C ALA B 68 -3.08 -14.72 39.40
N GLN B 69 -4.25 -14.45 39.99
CA GLN B 69 -5.39 -15.36 40.03
C GLN B 69 -6.49 -14.86 39.09
N GLU B 70 -7.55 -15.65 38.90
CA GLU B 70 -8.68 -15.29 38.00
C GLU B 70 -9.18 -13.88 38.26
N GLU B 71 -9.40 -13.58 39.55
CA GLU B 71 -9.78 -12.23 40.06
C GLU B 71 -8.82 -11.06 39.77
N ASP B 72 -7.52 -11.29 39.66
CA ASP B 72 -6.55 -10.21 39.33
C ASP B 72 -6.57 -9.94 37.83
N ILE B 73 -6.75 -11.01 37.06
CA ILE B 73 -6.94 -10.90 35.63
C ILE B 73 -8.21 -10.10 35.32
N ASP B 74 -9.29 -10.33 36.08
CA ASP B 74 -10.51 -9.48 35.95
C ASP B 74 -10.20 -8.01 36.27
N ALA B 75 -9.42 -7.77 37.32
CA ALA B 75 -9.05 -6.40 37.68
C ALA B 75 -8.19 -5.74 36.60
N ALA B 76 -7.33 -6.50 35.93
CA ALA B 76 -6.49 -5.96 34.84
C ALA B 76 -7.29 -5.68 33.58
N VAL B 77 -8.23 -6.56 33.27
CA VAL B 77 -9.14 -6.39 32.12
C VAL B 77 -10.01 -5.15 32.29
N LYS B 78 -10.59 -4.97 33.48
CA LYS B 78 -11.36 -3.76 33.80
C LYS B 78 -10.52 -2.54 33.59
N ALA B 79 -9.30 -2.54 34.12
CA ALA B 79 -8.40 -1.40 33.98
C ALA B 79 -8.13 -1.08 32.50
N ALA B 80 -7.90 -2.13 31.72
CA ALA B 80 -7.65 -2.04 30.27
C ALA B 80 -8.88 -1.53 29.53
N ARG B 81 -10.03 -2.11 29.83
CA ARG B 81 -11.31 -1.65 29.27
C ARG B 81 -11.55 -0.15 29.54
N SER B 82 -11.23 0.28 30.75
CA SER B 82 -11.53 1.67 31.13
C SER B 82 -10.52 2.63 30.49
N ALA B 83 -9.31 2.18 30.28
CA ALA B 83 -8.30 2.97 29.63
C ALA B 83 -8.53 3.06 28.13
N PHE B 84 -9.19 2.09 27.55
CA PHE B 84 -9.49 2.12 26.14
C PHE B 84 -10.71 2.98 25.70
N GLU B 85 -11.60 3.26 26.61
CA GLU B 85 -12.83 3.95 26.35
C GLU B 85 -12.89 5.36 26.78
N SER B 86 -12.29 5.66 27.88
CA SER B 86 -12.30 7.00 28.29
C SER B 86 -10.88 7.22 28.59
N GLY B 87 -10.52 8.42 28.97
CA GLY B 87 -9.16 8.70 29.31
C GLY B 87 -8.23 9.17 28.27
N PRO B 88 -7.04 9.47 28.71
CA PRO B 88 -5.97 10.01 27.87
C PRO B 88 -5.59 9.19 26.70
N TRP B 89 -5.51 7.88 26.84
CA TRP B 89 -5.17 6.95 25.80
C TRP B 89 -6.16 6.97 24.69
N ALA B 90 -7.40 7.19 25.05
CA ALA B 90 -8.45 7.25 24.09
C ALA B 90 -8.60 8.57 23.34
N GLU B 91 -8.21 9.69 23.90
CA GLU B 91 -8.37 11.05 23.32
C GLU B 91 -7.13 11.55 22.55
N MET B 92 -5.99 11.12 23.05
CA MET B 92 -4.65 11.39 22.57
C MET B 92 -4.41 11.22 21.05
N THR B 93 -3.67 12.13 20.49
CA THR B 93 -3.39 12.05 19.09
C THR B 93 -2.45 10.94 18.84
N THR B 94 -2.41 10.59 17.61
CA THR B 94 -1.54 9.60 17.10
C THR B 94 -0.07 9.99 17.29
N ALA B 95 0.29 11.21 17.07
CA ALA B 95 1.66 11.71 17.35
C ALA B 95 2.08 11.62 18.85
N GLU B 96 1.14 11.91 19.73
CA GLU B 96 1.42 11.83 21.17
C GLU B 96 1.66 10.38 21.62
N ARG B 97 0.89 9.48 21.04
CA ARG B 97 0.99 8.09 21.38
C ARG B 97 2.36 7.51 20.95
N ALA B 98 2.74 7.84 19.72
CA ALA B 98 4.05 7.50 19.16
C ALA B 98 5.15 7.96 20.09
N HIS B 99 4.98 9.15 20.66
CA HIS B 99 5.99 9.71 21.56
C HIS B 99 6.12 8.90 22.84
N LEU B 100 4.99 8.42 23.38
CA LEU B 100 5.03 7.58 24.59
C LEU B 100 5.81 6.29 24.35
N ILE B 101 5.57 5.68 23.19
CA ILE B 101 6.21 4.41 22.80
C ILE B 101 7.71 4.60 22.56
N TYR B 102 8.11 5.72 22.01
CA TYR B 102 9.48 6.04 21.76
C TYR B 102 10.25 6.40 23.05
N LYS B 103 9.53 6.89 24.02
CA LYS B 103 10.08 7.26 25.28
C LYS B 103 10.31 6.03 26.08
N LEU B 104 9.49 5.00 25.87
CA LEU B 104 9.60 3.73 26.48
C LEU B 104 10.86 3.06 26.02
N ALA B 105 11.13 3.10 24.73
CA ALA B 105 12.34 2.56 24.18
C ALA B 105 13.56 3.27 24.73
N ASP B 106 13.54 4.59 24.84
CA ASP B 106 14.75 5.27 25.41
C ASP B 106 15.04 4.73 26.81
N LEU B 107 13.98 4.60 27.60
CA LEU B 107 14.12 4.09 28.96
C LEU B 107 14.66 2.65 29.00
N ILE B 108 14.15 1.77 28.15
CA ILE B 108 14.63 0.42 28.08
C ILE B 108 16.09 0.42 27.72
N GLU B 109 16.52 1.33 26.87
CA GLU B 109 17.90 1.46 26.51
C GLU B 109 18.71 2.01 27.71
N GLU B 110 18.22 3.03 28.39
CA GLU B 110 18.86 3.50 29.67
C GLU B 110 19.13 2.36 30.68
N HIS B 111 18.14 1.47 30.83
CA HIS B 111 18.20 0.31 31.73
C HIS B 111 18.74 -1.02 31.14
N ARG B 112 19.43 -0.93 30.00
CA ARG B 112 19.93 -2.10 29.27
C ARG B 112 20.69 -3.11 30.14
N GLU B 113 21.57 -2.64 31.03
CA GLU B 113 22.40 -3.56 31.83
C GLU B 113 21.58 -4.28 32.88
N GLU B 114 20.64 -3.56 33.47
CA GLU B 114 19.75 -4.10 34.44
C GLU B 114 18.86 -5.18 33.78
N LEU B 115 18.27 -4.87 32.64
CA LEU B 115 17.38 -5.84 31.97
C LEU B 115 18.14 -7.10 31.53
N ALA B 116 19.31 -6.92 30.94
CA ALA B 116 20.13 -8.05 30.54
C ALA B 116 20.58 -8.94 31.70
N GLN B 117 20.86 -8.33 32.86
CA GLN B 117 21.21 -9.10 34.05
C GLN B 117 20.04 -9.94 34.54
N LEU B 118 18.90 -9.29 34.74
CA LEU B 118 17.63 -9.98 34.98
C LEU B 118 17.32 -11.16 34.03
N GLU B 119 17.63 -10.97 32.76
CA GLU B 119 17.37 -11.95 31.72
C GLU B 119 18.36 -13.12 31.82
N ALA B 120 19.58 -12.84 32.13
CA ALA B 120 20.54 -13.87 32.26
C ALA B 120 20.36 -14.69 33.49
N LEU B 121 19.84 -14.07 34.51
CA LEU B 121 19.67 -14.69 35.77
C LEU B 121 18.46 -15.54 35.89
N ASP B 122 17.40 -15.04 35.30
CA ASP B 122 16.05 -15.65 35.44
C ASP B 122 15.72 -16.71 34.37
N ASN B 123 16.16 -16.42 33.15
CA ASN B 123 15.99 -17.27 31.98
C ASN B 123 17.17 -18.21 31.81
N GLY B 124 18.39 -17.68 32.05
CA GLY B 124 19.63 -18.47 32.01
C GLY B 124 20.64 -18.18 30.91
N LYS B 125 20.28 -17.33 29.93
CA LYS B 125 21.19 -17.08 28.79
C LYS B 125 22.38 -16.22 29.20
N PRO B 126 23.46 -16.24 28.39
CA PRO B 126 24.62 -15.42 28.74
C PRO B 126 24.31 -13.92 28.68
N TYR B 127 24.66 -13.22 29.75
CA TYR B 127 24.55 -11.77 29.87
C TYR B 127 24.85 -10.99 28.60
N GLN B 128 26.03 -11.26 28.02
CA GLN B 128 26.51 -10.47 26.91
C GLN B 128 25.53 -10.54 25.75
N VAL B 129 25.04 -11.74 25.45
CA VAL B 129 24.10 -11.88 24.32
C VAL B 129 22.68 -11.30 24.64
N ALA B 130 22.26 -11.34 25.91
CA ALA B 130 21.04 -10.65 26.29
C ALA B 130 21.19 -9.16 26.16
N LEU B 131 22.36 -8.61 26.43
CA LEU B 131 22.58 -7.19 26.21
C LEU B 131 22.51 -6.82 24.72
N ASP B 132 23.29 -7.55 23.91
CA ASP B 132 23.49 -7.26 22.48
C ASP B 132 22.37 -7.69 21.59
N ASP B 133 21.73 -8.80 21.89
CA ASP B 133 20.62 -9.27 21.04
C ASP B 133 19.29 -8.87 21.62
N ASP B 134 18.96 -9.40 22.79
CA ASP B 134 17.62 -9.25 23.35
C ASP B 134 17.24 -7.78 23.60
N ILE B 135 17.98 -7.14 24.49
CA ILE B 135 17.70 -5.77 24.90
C ILE B 135 17.72 -4.82 23.73
N SER B 136 18.74 -4.86 22.87
CA SER B 136 18.73 -3.92 21.75
C SER B 136 17.62 -4.25 20.73
N ALA B 137 17.24 -5.51 20.62
CA ALA B 137 16.15 -5.85 19.73
C ALA B 137 14.84 -5.33 20.32
N THR B 138 14.62 -5.48 21.62
CA THR B 138 13.38 -4.95 22.18
C THR B 138 13.32 -3.42 22.07
N VAL B 139 14.44 -2.74 22.30
CA VAL B 139 14.55 -1.29 22.08
C VAL B 139 14.12 -0.91 20.67
N GLU B 140 14.84 -1.44 19.69
CA GLU B 140 14.58 -1.24 18.25
C GLU B 140 13.14 -1.57 17.80
N ASN B 141 12.51 -2.58 18.41
CA ASN B 141 11.12 -2.95 18.05
C ASN B 141 10.09 -1.83 18.50
N TYR B 142 10.35 -1.16 19.61
CA TYR B 142 9.45 -0.12 20.07
C TYR B 142 9.69 1.16 19.28
N ARG B 143 10.96 1.47 19.02
CA ARG B 143 11.28 2.55 18.08
C ARG B 143 10.60 2.35 16.75
N TYR B 144 10.75 1.18 16.17
CA TYR B 144 10.07 0.89 14.90
C TYR B 144 8.54 1.04 15.00
N TYR B 145 7.91 0.47 16.02
CA TYR B 145 6.45 0.57 16.10
C TYR B 145 5.92 1.91 16.54
N ALA B 146 6.71 2.69 17.26
CA ALA B 146 6.35 4.08 17.52
C ALA B 146 6.11 4.89 16.21
N GLY B 147 6.86 4.57 15.18
CA GLY B 147 6.64 5.19 13.89
C GLY B 147 5.40 4.79 13.12
N TRP B 148 4.79 3.69 13.45
CA TRP B 148 3.61 3.19 12.84
C TRP B 148 2.34 3.83 13.36
N THR B 149 2.31 4.42 14.54
CA THR B 149 1.06 4.97 15.03
C THR B 149 0.37 5.97 14.14
N THR B 150 1.17 6.75 13.45
CA THR B 150 0.77 7.79 12.57
C THR B 150 0.56 7.32 11.16
N LYS B 151 0.81 6.06 10.89
CA LYS B 151 0.74 5.51 9.57
C LYS B 151 -0.17 4.34 9.33
N ILE B 152 -1.02 4.06 10.28
CA ILE B 152 -1.94 2.99 10.14
C ILE B 152 -3.12 3.44 9.30
N ILE B 153 -2.90 3.50 8.02
CA ILE B 153 -3.89 3.95 7.07
C ILE B 153 -4.93 2.97 6.53
N GLY B 154 -6.11 3.48 6.25
CA GLY B 154 -7.20 2.80 5.64
C GLY B 154 -7.32 3.25 4.19
N GLN B 155 -8.38 2.83 3.53
CA GLN B 155 -8.62 3.18 2.15
C GLN B 155 -9.76 4.11 1.80
N THR B 156 -9.64 4.70 0.65
CA THR B 156 -10.65 5.49 0.03
C THR B 156 -10.83 4.72 -1.26
N ILE B 157 -12.01 4.20 -1.50
CA ILE B 157 -12.26 3.34 -2.62
C ILE B 157 -13.21 3.94 -3.63
N PRO B 158 -12.71 4.22 -4.84
CA PRO B 158 -13.57 4.79 -5.85
C PRO B 158 -14.49 3.67 -6.38
N ILE B 159 -15.79 3.83 -6.18
CA ILE B 159 -16.74 2.82 -6.68
C ILE B 159 -17.73 3.46 -7.65
N SER B 160 -18.34 4.53 -7.18
CA SER B 160 -19.41 5.22 -7.86
C SER B 160 -19.33 6.67 -7.41
N LYS B 161 -19.65 7.60 -8.30
CA LYS B 161 -19.74 8.99 -7.86
C LYS B 161 -20.92 9.29 -6.90
N ASP B 162 -21.78 8.33 -6.62
CA ASP B 162 -22.86 8.49 -5.66
C ASP B 162 -22.50 8.22 -4.21
N TYR B 163 -21.32 7.73 -3.94
CA TYR B 163 -20.90 7.42 -2.60
C TYR B 163 -19.49 7.72 -2.30
N LEU B 164 -19.19 7.94 -1.05
CA LEU B 164 -17.86 8.05 -0.56
C LEU B 164 -17.68 6.77 0.24
N ASN B 165 -16.70 5.99 -0.15
CA ASN B 165 -16.38 4.71 0.47
C ASN B 165 -15.02 4.84 1.13
N TYR B 166 -14.95 4.55 2.43
CA TYR B 166 -13.68 4.53 3.10
C TYR B 166 -13.67 3.48 4.19
N THR B 167 -12.49 3.06 4.56
CA THR B 167 -12.31 2.11 5.60
C THR B 167 -11.53 2.74 6.72
N ARG B 168 -11.75 2.25 7.90
CA ARG B 168 -11.11 2.68 9.09
C ARG B 168 -10.49 1.45 9.68
N HIS B 169 -9.26 1.55 10.13
CA HIS B 169 -8.58 0.46 10.80
C HIS B 169 -8.63 0.79 12.28
N GLU B 170 -9.64 0.34 12.98
CA GLU B 170 -9.85 0.70 14.40
C GLU B 170 -9.18 -0.38 15.28
N PRO B 171 -8.49 0.03 16.35
CA PRO B 171 -7.91 -0.98 17.22
C PRO B 171 -9.01 -1.88 17.84
N VAL B 172 -8.79 -3.22 17.89
CA VAL B 172 -9.79 -4.15 18.52
C VAL B 172 -10.20 -3.80 19.94
N GLY B 173 -9.26 -3.31 20.76
CA GLY B 173 -9.53 -2.85 22.12
C GLY B 173 -8.59 -3.48 23.13
N VAL B 174 -9.18 -4.28 24.03
CA VAL B 174 -8.44 -4.95 25.08
C VAL B 174 -7.91 -6.22 24.47
N VAL B 175 -6.58 -6.37 24.46
CA VAL B 175 -6.00 -7.64 24.01
C VAL B 175 -5.25 -8.40 25.07
N GLY B 176 -5.32 -9.71 24.91
CA GLY B 176 -4.86 -10.65 25.88
C GLY B 176 -3.68 -11.32 25.24
N GLN B 177 -2.54 -11.23 25.91
CA GLN B 177 -1.30 -11.70 25.36
C GLN B 177 -0.62 -12.61 26.38
N ILE B 178 -0.09 -13.73 25.87
CA ILE B 178 0.68 -14.70 26.62
C ILE B 178 1.94 -15.07 25.81
N ILE B 179 3.08 -14.89 26.43
CA ILE B 179 4.35 -15.12 25.83
C ILE B 179 5.10 -16.14 26.63
N PRO B 180 6.14 -16.76 25.97
CA PRO B 180 6.87 -17.72 26.75
C PRO B 180 8.17 -17.21 27.35
N TRP B 181 8.94 -18.15 27.83
CA TRP B 181 10.17 -18.00 28.55
C TRP B 181 11.52 -17.90 27.85
N ASN B 182 11.60 -18.22 26.59
CA ASN B 182 12.85 -18.28 25.87
C ASN B 182 13.56 -16.99 25.40
N PHE B 183 12.79 -15.94 25.15
CA PHE B 183 13.27 -14.65 24.76
C PHE B 183 12.28 -13.77 25.46
N PRO B 184 12.33 -13.78 26.85
CA PRO B 184 11.27 -13.04 27.55
C PRO B 184 10.95 -11.57 27.32
N LEU B 185 11.93 -10.71 27.33
CA LEU B 185 11.69 -9.29 27.11
C LEU B 185 11.36 -9.04 25.64
N VAL B 186 12.16 -9.58 24.73
CA VAL B 186 11.90 -9.33 23.32
C VAL B 186 10.53 -9.83 22.92
N MET B 187 10.10 -10.92 23.51
CA MET B 187 8.82 -11.50 23.12
C MET B 187 7.67 -10.59 23.60
N SER B 188 7.84 -9.94 24.75
CA SER B 188 6.90 -8.92 25.22
C SER B 188 6.75 -7.70 24.24
N SER B 189 7.84 -7.31 23.57
CA SER B 189 7.78 -6.26 22.51
C SER B 189 7.17 -6.70 21.18
N TRP B 190 7.37 -7.95 20.81
CA TRP B 190 6.68 -8.50 19.63
C TRP B 190 5.16 -8.34 19.77
N LYS B 191 4.62 -8.67 20.93
CA LYS B 191 3.19 -8.50 21.21
C LYS B 191 2.74 -7.04 21.50
N MET B 192 3.55 -6.21 22.17
CA MET B 192 3.04 -4.92 22.63
C MET B 192 3.32 -3.78 21.64
N GLY B 193 4.45 -3.81 20.93
CA GLY B 193 4.75 -2.78 19.91
C GLY B 193 3.61 -2.60 18.92
N ALA B 194 3.25 -3.69 18.24
CA ALA B 194 2.16 -3.65 17.25
C ALA B 194 0.79 -3.27 17.89
N ALA B 195 0.45 -3.93 19.01
CA ALA B 195 -0.81 -3.72 19.70
C ALA B 195 -0.97 -2.27 20.14
N LEU B 196 0.02 -1.74 20.88
CA LEU B 196 -0.01 -0.33 21.30
C LEU B 196 -0.07 0.66 20.12
N ALA B 197 0.56 0.33 19.01
CA ALA B 197 0.67 1.28 17.94
C ALA B 197 -0.70 1.49 17.32
N THR B 198 -1.54 0.43 17.30
CA THR B 198 -2.93 0.57 16.81
C THR B 198 -3.87 1.36 17.74
N GLY B 199 -3.49 1.43 19.00
CA GLY B 199 -4.17 2.07 20.07
C GLY B 199 -4.90 1.13 20.96
N CYS B 200 -4.46 -0.08 21.07
CA CYS B 200 -5.08 -1.09 21.86
C CYS B 200 -4.64 -1.00 23.30
N THR B 201 -5.28 -1.80 24.10
CA THR B 201 -5.03 -1.83 25.51
C THR B 201 -4.64 -3.25 25.85
N ILE B 202 -3.69 -3.40 26.72
CA ILE B 202 -3.10 -4.69 27.04
C ILE B 202 -3.16 -5.32 28.44
N VAL B 203 -3.39 -6.63 28.45
CA VAL B 203 -3.35 -7.55 29.58
C VAL B 203 -2.41 -8.68 29.11
N LEU B 204 -1.20 -8.65 29.59
CA LEU B 204 -0.06 -9.51 29.18
C LEU B 204 0.36 -10.40 30.34
N LYS B 205 0.58 -11.67 30.07
CA LYS B 205 1.07 -12.60 31.05
C LYS B 205 2.43 -13.20 30.64
N PRO B 206 3.49 -12.90 31.41
CA PRO B 206 4.77 -13.56 31.22
C PRO B 206 4.80 -15.02 31.69
N ALA B 207 5.83 -15.76 31.26
CA ALA B 207 6.00 -17.14 31.67
C ALA B 207 6.34 -17.25 33.13
N GLU B 208 5.79 -18.26 33.77
CA GLU B 208 6.12 -18.53 35.17
C GLU B 208 7.64 -18.67 35.40
N GLN B 209 8.36 -19.18 34.43
CA GLN B 209 9.79 -19.37 34.53
C GLN B 209 10.64 -18.06 34.48
N THR B 210 10.11 -17.03 33.80
CA THR B 210 10.84 -15.76 33.51
C THR B 210 9.99 -14.45 33.62
N PRO B 211 9.42 -14.17 34.76
CA PRO B 211 8.65 -12.94 34.86
C PRO B 211 9.36 -11.67 35.24
N LEU B 212 10.61 -11.70 35.66
CA LEU B 212 11.33 -10.56 36.14
C LEU B 212 11.63 -9.40 35.20
N SER B 213 12.09 -9.69 34.01
CA SER B 213 12.39 -8.70 32.99
C SER B 213 11.23 -7.76 32.75
N LEU B 214 10.08 -8.30 32.50
CA LEU B 214 8.93 -7.53 32.24
C LEU B 214 8.34 -6.80 33.42
N LEU B 215 8.53 -7.30 34.61
CA LEU B 215 8.05 -6.65 35.79
C LEU B 215 8.96 -5.55 36.20
N TYR B 216 10.22 -5.61 35.85
CA TYR B 216 11.15 -4.53 36.07
C TYR B 216 10.83 -3.51 34.98
N ALA B 217 10.58 -3.95 33.76
CA ALA B 217 10.21 -3.06 32.67
C ALA B 217 8.97 -2.28 33.01
N ALA B 218 8.07 -2.87 33.79
CA ALA B 218 6.87 -2.14 34.23
C ALA B 218 7.16 -0.73 34.68
N LYS B 219 8.20 -0.54 35.49
CA LYS B 219 8.45 0.81 36.03
C LYS B 219 8.83 1.78 34.93
N LEU B 220 9.28 1.26 33.81
CA LEU B 220 9.65 2.05 32.65
C LEU B 220 8.44 2.47 31.83
N PHE B 221 7.37 1.73 31.89
CA PHE B 221 6.13 2.08 31.23
C PHE B 221 5.52 3.26 31.98
N LYS B 222 5.56 3.21 33.31
CA LYS B 222 5.07 4.32 34.14
C LYS B 222 5.90 5.60 33.95
N GLU B 223 7.21 5.48 34.00
CA GLU B 223 8.08 6.63 33.90
C GLU B 223 7.92 7.33 32.56
N ALA B 224 7.72 6.60 31.47
CA ALA B 224 7.52 7.18 30.13
C ALA B 224 6.21 8.00 29.98
N GLY B 225 5.25 7.74 30.89
CA GLY B 225 3.95 8.41 30.98
C GLY B 225 2.75 7.63 30.48
N PHE B 226 2.84 6.30 30.40
CA PHE B 226 1.68 5.53 29.99
C PHE B 226 0.53 5.77 30.97
N PRO B 227 -0.65 6.14 30.46
CA PRO B 227 -1.82 6.26 31.33
C PRO B 227 -2.20 4.95 31.99
N ASN B 228 -2.73 5.08 33.20
CA ASN B 228 -3.24 3.96 34.01
C ASN B 228 -4.03 2.97 33.19
N GLY B 229 -3.68 1.70 33.31
CA GLY B 229 -4.46 0.64 32.68
C GLY B 229 -4.11 0.36 31.23
N VAL B 230 -3.32 1.19 30.55
CA VAL B 230 -3.00 0.90 29.14
C VAL B 230 -2.27 -0.43 29.01
N VAL B 231 -1.50 -0.76 30.04
CA VAL B 231 -0.65 -1.92 30.05
C VAL B 231 -0.75 -2.54 31.43
N ASN B 232 -0.94 -3.85 31.50
CA ASN B 232 -1.15 -4.61 32.73
C ASN B 232 -0.43 -5.95 32.77
N PHE B 233 0.57 -6.12 33.62
CA PHE B 233 1.37 -7.33 33.68
C PHE B 233 1.03 -8.30 34.77
N VAL B 234 0.68 -9.49 34.36
CA VAL B 234 0.24 -10.51 35.30
C VAL B 234 0.99 -11.83 35.29
N PRO B 235 1.92 -11.95 36.18
CA PRO B 235 2.64 -13.21 36.23
C PRO B 235 1.85 -14.27 36.96
N GLY B 236 2.09 -15.52 36.56
CA GLY B 236 1.48 -16.67 37.21
C GLY B 236 1.62 -17.92 36.38
N PHE B 237 0.58 -18.76 36.44
CA PHE B 237 0.56 -20.09 35.84
C PHE B 237 -0.58 -20.17 34.82
N GLY B 238 -0.39 -21.01 33.79
CA GLY B 238 -1.42 -21.32 32.77
C GLY B 238 -2.76 -21.83 33.31
N PRO B 239 -2.74 -22.86 34.19
CA PRO B 239 -4.01 -23.37 34.74
C PRO B 239 -4.93 -22.32 35.37
N GLU B 240 -4.39 -21.18 35.81
CA GLU B 240 -5.19 -20.09 36.43
C GLU B 240 -5.13 -18.74 35.63
N ALA B 241 -3.99 -18.06 35.64
CA ALA B 241 -3.87 -16.74 34.99
C ALA B 241 -3.98 -16.83 33.48
N GLY B 242 -3.30 -17.81 32.86
CA GLY B 242 -3.45 -18.05 31.43
C GLY B 242 -4.87 -18.37 30.98
N ALA B 243 -5.56 -19.22 31.72
CA ALA B 243 -6.90 -19.68 31.35
C ALA B 243 -7.90 -18.52 31.44
N ALA B 244 -7.75 -17.74 32.51
CA ALA B 244 -8.60 -16.58 32.76
C ALA B 244 -8.46 -15.55 31.63
N ILE B 245 -7.25 -15.43 31.08
CA ILE B 245 -7.03 -14.59 29.91
C ILE B 245 -7.79 -15.15 28.70
N VAL B 246 -7.55 -16.41 28.38
CA VAL B 246 -8.14 -16.96 27.14
C VAL B 246 -9.67 -17.04 27.17
N ASN B 247 -10.26 -17.17 28.37
CA ASN B 247 -11.70 -17.33 28.58
C ASN B 247 -12.41 -16.05 29.00
N HIS B 248 -11.69 -14.94 29.15
CA HIS B 248 -12.31 -13.74 29.64
C HIS B 248 -13.25 -13.16 28.58
N HIS B 249 -14.53 -13.02 28.92
CA HIS B 249 -15.59 -12.52 28.00
C HIS B 249 -15.35 -11.08 27.47
N ASP B 250 -14.73 -10.23 28.28
CA ASP B 250 -14.45 -8.85 27.89
C ASP B 250 -13.09 -8.58 27.27
N ILE B 251 -12.42 -9.61 26.79
CA ILE B 251 -11.17 -9.50 26.09
C ILE B 251 -11.56 -9.70 24.64
N ASP B 252 -11.13 -8.77 23.82
CA ASP B 252 -11.46 -8.71 22.43
C ASP B 252 -10.73 -9.57 21.45
N LYS B 253 -9.47 -9.83 21.70
CA LYS B 253 -8.65 -10.57 20.81
C LYS B 253 -7.55 -11.22 21.61
N VAL B 254 -7.01 -12.33 21.20
CA VAL B 254 -5.95 -12.98 21.91
C VAL B 254 -4.77 -13.33 21.02
N ALA B 255 -3.58 -13.27 21.60
CA ALA B 255 -2.34 -13.54 20.96
C ALA B 255 -1.41 -14.41 21.84
N PHE B 256 -0.84 -15.45 21.25
CA PHE B 256 -0.01 -16.40 21.95
C PHE B 256 1.18 -17.00 21.25
N THR B 257 2.25 -17.18 21.99
CA THR B 257 3.48 -17.79 21.53
C THR B 257 3.80 -18.90 22.52
N GLY B 258 4.24 -20.02 22.02
CA GLY B 258 4.47 -21.22 22.82
C GLY B 258 4.22 -22.50 22.04
N SER B 259 4.10 -23.60 22.78
CA SER B 259 4.00 -24.95 22.17
C SER B 259 2.78 -25.09 21.26
N THR B 260 2.93 -25.84 20.15
CA THR B 260 1.80 -26.16 19.29
C THR B 260 0.58 -26.75 20.03
N VAL B 261 0.79 -27.54 21.09
CA VAL B 261 -0.30 -28.17 21.88
C VAL B 261 -1.23 -27.13 22.53
N THR B 262 -0.65 -26.09 23.13
CA THR B 262 -1.45 -25.04 23.83
C THR B 262 -2.16 -24.09 22.88
N GLY B 263 -1.54 -23.81 21.74
CA GLY B 263 -2.17 -23.04 20.67
C GLY B 263 -3.47 -23.65 20.16
N LYS B 264 -3.54 -24.98 20.08
CA LYS B 264 -4.80 -25.68 19.78
C LYS B 264 -5.86 -25.36 20.85
N TYR B 265 -5.49 -25.53 22.13
CA TYR B 265 -6.38 -25.20 23.28
C TYR B 265 -6.90 -23.75 23.22
N ILE B 266 -5.97 -22.82 23.05
CA ILE B 266 -6.29 -21.39 22.91
C ILE B 266 -7.20 -21.08 21.71
N MET B 267 -7.01 -21.79 20.61
CA MET B 267 -7.86 -21.63 19.43
C MET B 267 -9.26 -22.27 19.63
N ARG B 268 -9.30 -23.41 20.31
CA ARG B 268 -10.55 -24.07 20.71
C ARG B 268 -11.34 -23.18 21.66
N GLN B 269 -10.69 -22.66 22.71
CA GLN B 269 -11.37 -21.79 23.70
C GLN B 269 -11.78 -20.45 23.10
N SER B 270 -11.01 -19.95 22.15
CA SER B 270 -11.37 -18.70 21.49
C SER B 270 -12.60 -18.80 20.57
N ALA B 271 -13.03 -20.03 20.24
CA ALA B 271 -14.18 -20.30 19.36
C ALA B 271 -15.52 -19.97 19.98
N GLU B 272 -15.64 -20.06 21.31
CA GLU B 272 -16.89 -19.69 22.00
C GLU B 272 -17.28 -18.20 21.86
N MET B 273 -16.29 -17.30 21.74
CA MET B 273 -16.52 -15.86 21.52
C MET B 273 -16.26 -15.37 20.10
N ILE B 274 -15.80 -16.25 19.22
CA ILE B 274 -15.48 -15.94 17.84
C ILE B 274 -14.47 -14.79 17.85
N LYS B 275 -13.43 -15.01 18.59
CA LYS B 275 -12.40 -14.06 18.83
C LYS B 275 -11.21 -14.25 17.92
N HIS B 276 -10.66 -13.17 17.38
CA HIS B 276 -9.51 -13.32 16.51
C HIS B 276 -8.30 -13.87 17.28
N VAL B 277 -7.45 -14.65 16.63
CA VAL B 277 -6.29 -15.25 17.26
C VAL B 277 -5.01 -15.13 16.48
N THR B 278 -3.90 -15.00 17.16
CA THR B 278 -2.62 -14.95 16.52
C THR B 278 -1.82 -15.97 17.26
N LEU B 279 -1.20 -16.88 16.55
CA LEU B 279 -0.43 -17.91 17.17
C LEU B 279 0.92 -18.06 16.59
N GLU B 280 1.95 -18.10 17.41
CA GLU B 280 3.30 -18.33 16.98
C GLU B 280 3.71 -19.56 17.72
N LEU B 281 3.93 -20.65 17.02
CA LEU B 281 4.26 -21.92 17.63
C LEU B 281 5.59 -22.59 17.29
N GLY B 282 5.69 -23.90 17.48
CA GLY B 282 6.96 -24.58 17.29
C GLY B 282 7.37 -24.79 15.86
N GLY B 283 8.54 -25.38 15.71
CA GLY B 283 9.01 -25.74 14.41
C GLY B 283 9.97 -26.90 14.49
N LYS B 284 10.48 -27.25 13.34
CA LYS B 284 11.43 -28.28 13.14
C LYS B 284 12.15 -27.87 11.88
N SER B 285 12.51 -26.63 11.86
CA SER B 285 13.10 -26.03 10.71
C SER B 285 14.34 -26.58 10.09
N PRO B 286 14.27 -26.62 8.70
CA PRO B 286 15.48 -27.07 8.04
C PRO B 286 16.53 -26.00 7.63
N ASN B 287 17.78 -26.41 7.66
CA ASN B 287 18.95 -25.64 7.30
C ASN B 287 19.60 -26.56 6.31
N ILE B 288 19.52 -26.24 5.04
CA ILE B 288 20.01 -27.05 3.92
C ILE B 288 21.28 -26.58 3.26
N ILE B 289 22.25 -27.46 3.14
CA ILE B 289 23.58 -27.17 2.59
C ILE B 289 23.74 -27.91 1.28
N LEU B 290 23.72 -27.19 0.18
CA LEU B 290 23.69 -27.83 -1.14
C LEU B 290 25.12 -27.90 -1.59
N GLU B 291 25.35 -28.52 -2.75
CA GLU B 291 26.70 -28.80 -3.16
C GLU B 291 27.54 -27.55 -3.32
N ASP B 292 26.97 -26.49 -3.88
CA ASP B 292 27.73 -25.26 -4.17
C ASP B 292 27.70 -24.24 -3.00
N ALA B 293 27.39 -24.65 -1.79
CA ALA B 293 27.46 -23.75 -0.67
C ALA B 293 28.90 -23.38 -0.33
N ASP B 294 29.11 -22.22 0.24
CA ASP B 294 30.39 -21.86 0.74
C ASP B 294 30.31 -22.51 2.08
N LEU B 295 30.97 -23.65 2.18
CA LEU B 295 31.00 -24.56 3.29
C LEU B 295 31.43 -24.02 4.62
N GLU B 296 32.48 -23.26 4.65
CA GLU B 296 32.87 -22.57 5.88
C GLU B 296 31.73 -21.75 6.48
N GLU B 297 31.16 -20.83 5.69
CA GLU B 297 30.07 -19.97 6.20
C GLU B 297 28.86 -20.82 6.64
N ALA B 298 28.60 -21.91 5.94
CA ALA B 298 27.45 -22.79 6.17
C ALA B 298 27.56 -23.73 7.36
N ILE B 299 28.77 -24.19 7.65
CA ILE B 299 29.00 -24.96 8.85
C ILE B 299 28.74 -24.12 10.10
N ASN B 300 29.28 -22.88 10.13
CA ASN B 300 28.99 -21.91 11.21
C ASN B 300 27.51 -21.57 11.29
N GLY B 301 26.86 -21.42 10.14
CA GLY B 301 25.44 -21.11 10.11
C GLY B 301 24.60 -22.25 10.69
N ALA B 302 24.98 -23.48 10.32
CA ALA B 302 24.27 -24.67 10.79
C ALA B 302 24.45 -24.81 12.28
N PHE B 303 25.68 -24.60 12.73
CA PHE B 303 25.98 -24.72 14.13
C PHE B 303 25.28 -23.65 14.97
N GLN B 304 25.38 -22.38 14.55
CA GLN B 304 24.75 -21.29 15.30
C GLN B 304 23.24 -21.46 15.23
N GLY B 305 22.75 -21.94 14.11
CA GLY B 305 21.36 -22.17 13.87
C GLY B 305 20.63 -23.02 14.83
N ILE B 306 21.29 -24.00 15.38
CA ILE B 306 20.69 -24.86 16.34
C ILE B 306 21.16 -24.48 17.72
N MET B 307 22.40 -24.12 17.87
CA MET B 307 22.87 -23.88 19.21
C MET B 307 22.53 -22.49 19.77
N TYR B 308 22.12 -21.53 18.94
CA TYR B 308 21.80 -20.17 19.47
C TYR B 308 20.69 -20.32 20.51
N ASN B 309 20.89 -19.64 21.64
CA ASN B 309 19.98 -19.65 22.80
C ASN B 309 19.69 -21.05 23.28
N HIS B 310 20.71 -21.90 23.23
CA HIS B 310 20.65 -23.27 23.75
C HIS B 310 19.62 -24.14 23.03
N GLY B 311 19.24 -23.76 21.82
CA GLY B 311 18.17 -24.38 21.05
C GLY B 311 16.76 -24.10 21.54
N GLN B 312 16.57 -23.18 22.46
CA GLN B 312 15.25 -22.84 22.95
C GLN B 312 14.73 -21.68 22.11
N ASN B 313 14.49 -22.02 20.87
CA ASN B 313 14.11 -21.13 19.85
C ASN B 313 13.23 -21.91 18.94
N CYS B 314 12.01 -21.49 18.77
CA CYS B 314 11.06 -22.20 17.92
C CYS B 314 11.55 -22.39 16.47
N SER B 315 12.33 -21.42 15.99
CA SER B 315 12.88 -21.45 14.65
C SER B 315 14.27 -22.05 14.50
N ALA B 316 14.80 -22.69 15.53
CA ALA B 316 16.09 -23.44 15.47
C ALA B 316 16.18 -24.30 14.25
N GLY B 317 17.33 -24.36 13.65
CA GLY B 317 17.57 -25.18 12.53
C GLY B 317 17.98 -26.53 13.05
N SER B 318 16.99 -27.24 13.52
CA SER B 318 17.10 -28.54 14.12
C SER B 318 17.32 -29.70 13.18
N ARG B 319 17.03 -29.56 11.92
CA ARG B 319 17.33 -30.55 10.91
C ARG B 319 18.33 -29.98 9.93
N VAL B 320 19.60 -30.30 10.04
CA VAL B 320 20.63 -29.84 9.12
C VAL B 320 20.72 -30.86 8.01
N PHE B 321 20.22 -30.51 6.83
CA PHE B 321 20.35 -31.29 5.60
C PHE B 321 21.64 -30.88 4.92
N VAL B 322 22.43 -31.87 4.51
CA VAL B 322 23.72 -31.67 3.89
C VAL B 322 23.81 -32.56 2.67
N HIS B 323 24.18 -31.97 1.53
CA HIS B 323 24.45 -32.70 0.31
C HIS B 323 25.53 -33.74 0.57
N ARG B 324 25.38 -34.91 -0.04
CA ARG B 324 26.20 -36.08 0.30
C ARG B 324 27.70 -35.83 0.26
N LYS B 325 28.12 -35.07 -0.73
CA LYS B 325 29.48 -34.69 -0.91
C LYS B 325 30.08 -34.03 0.31
N HIS B 326 29.29 -33.29 1.06
CA HIS B 326 29.82 -32.64 2.22
C HIS B 326 29.39 -33.16 3.56
N TYR B 327 28.63 -34.22 3.59
CA TYR B 327 28.02 -34.71 4.83
C TYR B 327 29.03 -35.05 5.89
N GLU B 328 30.03 -35.84 5.53
CA GLU B 328 31.07 -36.29 6.46
C GLU B 328 31.77 -35.05 7.01
N THR B 329 32.16 -34.13 6.16
CA THR B 329 32.82 -32.91 6.54
C THR B 329 32.06 -32.06 7.55
N VAL B 330 30.76 -31.93 7.39
CA VAL B 330 29.98 -31.14 8.29
C VAL B 330 29.57 -31.85 9.53
N VAL B 331 29.54 -33.17 9.54
CA VAL B 331 29.21 -33.91 10.73
C VAL B 331 30.41 -33.79 11.65
N ASP B 332 31.58 -34.01 11.11
CA ASP B 332 32.82 -33.83 11.85
C ASP B 332 32.97 -32.44 12.46
N ALA B 333 32.83 -31.40 11.61
CA ALA B 333 32.95 -30.01 12.06
C ALA B 333 31.93 -29.69 13.16
N LEU B 334 30.68 -30.15 13.00
CA LEU B 334 29.63 -29.86 14.00
C LEU B 334 29.81 -30.64 15.32
N VAL B 335 30.42 -31.81 15.27
CA VAL B 335 30.79 -32.57 16.50
C VAL B 335 31.85 -31.81 17.30
N LYS B 336 32.95 -31.47 16.63
CA LYS B 336 34.01 -30.64 17.24
C LYS B 336 33.49 -29.39 17.93
N MET B 337 32.58 -28.71 17.24
CA MET B 337 32.01 -27.43 17.72
C MET B 337 31.15 -27.69 18.94
N ALA B 338 30.38 -28.77 18.88
CA ALA B 338 29.52 -29.17 19.96
C ALA B 338 30.29 -29.51 21.19
N ASN B 339 31.35 -30.29 21.05
CA ASN B 339 32.19 -30.64 22.19
C ASN B 339 32.94 -29.43 22.79
N ASN B 340 33.13 -28.39 22.02
CA ASN B 340 33.84 -27.26 22.46
C ASN B 340 33.05 -26.14 23.05
N VAL B 341 31.73 -26.18 22.98
CA VAL B 341 30.95 -25.13 23.57
C VAL B 341 31.19 -25.07 25.07
N LYS B 342 31.23 -23.86 25.55
CA LYS B 342 31.52 -23.60 26.93
C LYS B 342 30.33 -23.40 27.83
N LEU B 343 30.03 -24.37 28.66
CA LEU B 343 28.88 -24.26 29.56
C LEU B 343 29.21 -23.58 30.91
N GLY B 344 28.30 -22.74 31.36
CA GLY B 344 28.44 -22.03 32.61
C GLY B 344 27.18 -21.21 32.88
N ALA B 345 27.22 -20.45 33.97
CA ALA B 345 26.08 -19.63 34.34
C ALA B 345 26.18 -18.40 33.47
N GLY B 346 25.01 -17.85 33.14
CA GLY B 346 24.91 -16.72 32.24
C GLY B 346 25.58 -15.46 32.73
N MET B 347 25.71 -15.31 34.03
CA MET B 347 26.37 -14.19 34.57
C MET B 347 27.87 -14.38 34.62
N GLU B 348 28.38 -15.53 34.22
CA GLU B 348 29.79 -15.75 34.17
C GLU B 348 30.23 -15.23 32.81
N LYS B 349 31.21 -14.35 32.79
CA LYS B 349 31.65 -13.72 31.57
C LYS B 349 32.20 -14.57 30.45
N GLU B 350 32.70 -15.75 30.72
CA GLU B 350 33.29 -16.61 29.66
C GLU B 350 32.35 -17.77 29.20
N THR B 351 31.08 -17.67 29.59
CA THR B 351 30.03 -18.62 29.25
C THR B 351 29.51 -18.35 27.82
N GLU B 352 29.42 -19.42 27.02
CA GLU B 352 28.91 -19.42 25.63
C GLU B 352 27.50 -19.99 25.57
N MET B 353 27.20 -20.99 26.39
CA MET B 353 25.86 -21.55 26.50
C MET B 353 25.52 -21.82 27.97
N GLY B 354 24.33 -21.36 28.39
CA GLY B 354 23.85 -21.57 29.73
C GLY B 354 23.02 -22.83 29.84
N PRO B 355 22.20 -22.97 30.83
CA PRO B 355 21.38 -24.16 30.88
C PRO B 355 19.99 -23.97 30.36
N LEU B 356 19.25 -25.04 30.36
CA LEU B 356 17.88 -25.06 29.97
C LEU B 356 17.23 -24.36 31.12
N VAL B 357 16.03 -23.87 30.94
CA VAL B 357 15.34 -23.05 31.89
C VAL B 357 14.71 -23.61 33.13
N SER B 358 14.57 -24.89 33.16
CA SER B 358 13.83 -25.54 34.27
C SER B 358 14.19 -27.01 34.39
N LYS B 359 13.92 -27.61 35.56
CA LYS B 359 14.13 -29.04 35.72
C LYS B 359 13.30 -29.83 34.70
N LYS B 360 12.03 -29.46 34.56
CA LYS B 360 11.09 -30.06 33.59
C LYS B 360 11.65 -30.09 32.15
N GLN B 361 12.21 -28.95 31.70
CA GLN B 361 12.78 -28.87 30.35
C GLN B 361 13.98 -29.76 30.18
N GLN B 362 14.90 -29.75 31.13
CA GLN B 362 16.06 -30.63 31.10
C GLN B 362 15.62 -32.09 31.01
N GLU B 363 14.63 -32.46 31.81
CA GLU B 363 14.12 -33.82 31.78
C GLU B 363 13.45 -34.13 30.44
N ARG B 364 12.71 -33.18 29.86
CA ARG B 364 12.12 -33.38 28.52
C ARG B 364 13.18 -33.59 27.43
N VAL B 365 14.20 -32.72 27.40
CA VAL B 365 15.14 -32.85 26.29
C VAL B 365 16.04 -34.09 26.47
N LEU B 366 16.36 -34.46 27.69
CA LEU B 366 17.16 -35.62 27.95
C LEU B 366 16.45 -36.88 27.58
N ASN B 367 15.14 -36.84 27.69
CA ASN B 367 14.29 -37.92 27.34
C ASN B 367 14.11 -38.08 25.85
N TYR B 368 14.25 -36.97 25.13
CA TYR B 368 14.18 -36.95 23.70
C TYR B 368 15.46 -37.56 23.24
N ILE B 369 16.52 -37.37 23.99
CA ILE B 369 17.77 -38.00 23.66
C ILE B 369 17.67 -39.54 23.77
N GLU B 370 17.18 -40.06 24.88
CA GLU B 370 17.00 -41.50 25.05
C GLU B 370 16.16 -42.08 23.94
N GLN B 371 15.04 -41.41 23.68
CA GLN B 371 14.15 -41.79 22.62
C GLN B 371 14.93 -41.90 21.31
N GLY B 372 15.76 -40.89 21.02
CA GLY B 372 16.61 -40.94 19.85
C GLY B 372 17.46 -42.20 19.80
N LYS B 373 18.10 -42.49 20.93
CA LYS B 373 19.01 -43.61 21.04
C LYS B 373 18.32 -44.95 20.78
N LYS B 374 17.20 -45.18 21.47
CA LYS B 374 16.56 -46.49 21.41
C LYS B 374 15.76 -46.73 20.14
N GLU B 375 15.59 -45.69 19.33
CA GLU B 375 14.94 -45.79 18.02
C GLU B 375 15.96 -46.00 16.90
N GLY B 376 17.26 -46.05 17.21
CA GLY B 376 18.27 -46.47 16.25
C GLY B 376 19.30 -45.45 15.88
N ALA B 377 19.12 -44.20 16.31
CA ALA B 377 20.02 -43.13 15.93
C ALA B 377 21.26 -43.19 16.80
N THR B 378 22.30 -42.45 16.40
CA THR B 378 23.51 -42.43 17.17
C THR B 378 23.92 -41.05 17.59
N VAL B 379 24.57 -41.05 18.75
CA VAL B 379 25.06 -39.88 19.41
C VAL B 379 26.53 -39.70 19.04
N ALA B 380 26.76 -38.88 18.02
CA ALA B 380 28.07 -38.41 17.61
C ALA B 380 28.67 -37.42 18.61
N ALA B 381 27.84 -36.71 19.37
CA ALA B 381 28.34 -35.78 20.44
C ALA B 381 27.31 -35.45 21.52
N GLY B 382 27.80 -35.13 22.71
CA GLY B 382 26.93 -34.75 23.81
C GLY B 382 26.07 -35.92 24.25
N GLY B 383 24.78 -35.66 24.47
CA GLY B 383 23.79 -36.72 24.67
C GLY B 383 23.49 -37.07 26.13
N GLU B 384 23.90 -36.19 27.04
CA GLU B 384 23.69 -36.34 28.47
C GLU B 384 23.75 -34.96 29.17
N ARG B 385 23.56 -34.97 30.49
CA ARG B 385 23.64 -33.74 31.28
C ARG B 385 25.11 -33.23 31.41
N ALA B 386 25.28 -32.08 32.06
CA ALA B 386 26.60 -31.45 32.25
C ALA B 386 26.66 -30.71 33.59
N LEU B 387 27.83 -30.76 34.24
CA LEU B 387 28.17 -30.01 35.46
C LEU B 387 27.51 -30.53 36.73
N GLU B 388 27.96 -29.98 37.87
CA GLU B 388 27.46 -30.36 39.20
C GLU B 388 25.97 -30.06 39.34
N LYS B 389 25.59 -28.80 39.17
CA LYS B 389 24.19 -28.36 39.35
C LYS B 389 23.78 -27.41 38.24
N GLY B 390 22.47 -27.25 38.15
CA GLY B 390 21.86 -26.52 37.08
C GLY B 390 21.26 -27.44 36.02
N TYR B 391 20.31 -26.92 35.29
CA TYR B 391 19.59 -27.61 34.27
C TYR B 391 20.30 -27.72 32.93
N PHE B 392 21.59 -27.97 32.96
CA PHE B 392 22.38 -28.04 31.77
C PHE B 392 22.26 -29.28 30.94
N VAL B 393 22.39 -29.13 29.64
CA VAL B 393 22.48 -30.23 28.70
C VAL B 393 23.60 -30.00 27.71
N LYS B 394 24.45 -30.96 27.55
CA LYS B 394 25.50 -30.87 26.58
C LYS B 394 24.98 -30.74 25.17
N PRO B 395 25.63 -29.84 24.36
CA PRO B 395 25.18 -29.81 22.97
C PRO B 395 25.28 -31.16 22.30
N THR B 396 24.23 -31.60 21.63
CA THR B 396 24.16 -32.93 21.03
C THR B 396 24.01 -33.05 19.52
N VAL B 397 24.69 -34.01 18.95
CA VAL B 397 24.62 -34.26 17.50
C VAL B 397 24.21 -35.71 17.21
N PHE B 398 23.06 -35.85 16.57
CA PHE B 398 22.51 -37.13 16.20
C PHE B 398 22.84 -37.42 14.78
N THR B 399 23.27 -38.64 14.56
CA THR B 399 23.67 -39.07 13.26
C THR B 399 22.89 -40.33 12.90
N ASP B 400 23.09 -40.91 11.73
CA ASP B 400 22.37 -42.11 11.33
C ASP B 400 20.86 -42.00 11.61
N VAL B 401 20.26 -41.02 10.98
CA VAL B 401 18.90 -40.62 11.18
C VAL B 401 17.94 -40.95 10.06
N THR B 402 16.69 -41.10 10.42
CA THR B 402 15.60 -41.47 9.54
C THR B 402 14.48 -40.48 9.71
N ASP B 403 13.71 -40.26 8.66
CA ASP B 403 12.64 -39.29 8.67
C ASP B 403 11.40 -39.55 9.53
N ASP B 404 11.16 -40.78 9.91
CA ASP B 404 10.04 -41.15 10.75
C ASP B 404 10.42 -41.18 12.22
N MET B 405 11.69 -41.03 12.49
CA MET B 405 12.16 -41.01 13.87
C MET B 405 11.57 -39.84 14.65
N THR B 406 11.37 -40.05 15.95
CA THR B 406 10.71 -39.06 16.79
C THR B 406 11.61 -37.85 16.88
N ILE B 407 12.92 -38.08 17.04
CA ILE B 407 13.81 -36.93 17.11
C ILE B 407 13.90 -36.04 15.84
N VAL B 408 13.40 -36.48 14.71
CA VAL B 408 13.46 -35.69 13.51
C VAL B 408 12.14 -35.09 13.11
N LYS B 409 11.09 -35.49 13.77
CA LYS B 409 9.81 -34.93 13.52
C LYS B 409 9.38 -33.98 14.60
N GLU B 410 9.75 -34.23 15.83
CA GLU B 410 9.27 -33.43 16.96
C GLU B 410 10.25 -32.38 17.45
N GLU B 411 9.69 -31.23 17.85
CA GLU B 411 10.44 -30.13 18.48
C GLU B 411 10.96 -30.58 19.85
N ILE B 412 12.29 -30.57 20.00
CA ILE B 412 13.01 -30.98 21.25
C ILE B 412 13.22 -29.80 22.24
N PHE B 413 13.39 -28.61 21.68
CA PHE B 413 13.66 -27.39 22.42
C PHE B 413 14.95 -27.46 23.25
N GLY B 414 16.01 -27.97 22.65
CA GLY B 414 17.28 -28.01 23.33
C GLY B 414 18.40 -27.96 22.34
N PRO B 415 19.62 -28.01 22.78
CA PRO B 415 20.78 -27.96 21.88
C PRO B 415 21.04 -29.30 21.24
N VAL B 416 20.10 -29.72 20.46
CA VAL B 416 20.08 -31.06 19.90
C VAL B 416 19.81 -30.98 18.44
N VAL B 417 20.81 -31.33 17.66
CA VAL B 417 20.71 -31.31 16.22
C VAL B 417 20.76 -32.72 15.65
N VAL B 418 20.11 -32.86 14.53
CA VAL B 418 20.02 -34.07 13.77
C VAL B 418 20.56 -33.76 12.38
N VAL B 419 21.54 -34.48 11.90
CA VAL B 419 22.10 -34.24 10.58
C VAL B 419 21.91 -35.37 9.55
N LEU B 420 21.24 -35.05 8.47
CA LEU B 420 20.90 -35.96 7.39
C LEU B 420 21.48 -35.71 6.05
N PRO B 421 21.92 -36.74 5.36
CA PRO B 421 22.44 -36.55 4.00
C PRO B 421 21.32 -36.49 2.97
N PHE B 422 21.55 -35.91 1.78
CA PHE B 422 20.61 -36.07 0.65
C PHE B 422 21.33 -36.11 -0.67
N ASP B 423 20.66 -36.53 -1.75
CA ASP B 423 21.34 -36.65 -3.06
C ASP B 423 20.90 -35.69 -4.14
N SER B 424 19.69 -35.16 -4.05
CA SER B 424 19.19 -34.23 -5.07
C SER B 424 18.41 -33.10 -4.44
N THR B 425 18.29 -32.04 -5.22
CA THR B 425 17.53 -30.86 -4.80
C THR B 425 16.02 -31.15 -4.67
N GLU B 426 15.43 -31.85 -5.65
CA GLU B 426 14.01 -32.24 -5.57
C GLU B 426 13.75 -33.03 -4.26
N GLU B 427 14.65 -33.93 -3.95
CA GLU B 427 14.54 -34.69 -2.77
C GLU B 427 14.59 -33.88 -1.48
N VAL B 428 15.55 -32.97 -1.33
CA VAL B 428 15.66 -32.19 -0.12
C VAL B 428 14.51 -31.24 0.10
N ILE B 429 13.89 -30.78 -0.95
CA ILE B 429 12.73 -29.92 -0.87
C ILE B 429 11.55 -30.71 -0.34
N GLU B 430 11.36 -31.92 -0.79
CA GLU B 430 10.26 -32.80 -0.37
C GLU B 430 10.44 -33.21 1.10
N ARG B 431 11.66 -33.59 1.47
CA ARG B 431 11.91 -33.94 2.86
C ARG B 431 11.84 -32.75 3.80
N ALA B 432 12.18 -31.55 3.37
CA ALA B 432 12.13 -30.39 4.26
C ALA B 432 10.69 -30.01 4.56
N ASN B 433 9.86 -30.10 3.53
CA ASN B 433 8.44 -29.83 3.61
C ASN B 433 7.60 -30.89 4.27
N ASN B 434 8.12 -32.08 4.40
CA ASN B 434 7.40 -33.16 5.04
C ASN B 434 7.37 -33.04 6.54
N SER B 435 6.61 -32.08 6.99
CA SER B 435 6.55 -31.77 8.35
C SER B 435 5.29 -31.06 8.62
N SER B 436 4.77 -31.28 9.78
CA SER B 436 3.63 -30.50 10.24
C SER B 436 4.03 -29.09 10.56
N TYR B 437 5.33 -28.88 10.79
CA TYR B 437 5.83 -27.55 11.09
C TYR B 437 6.27 -26.85 9.78
N GLY B 438 6.35 -25.54 9.87
CA GLY B 438 6.75 -24.68 8.78
C GLY B 438 7.06 -23.27 9.16
N LEU B 439 7.96 -23.08 10.08
CA LEU B 439 8.31 -21.77 10.58
C LEU B 439 9.40 -21.00 9.88
N ALA B 440 10.48 -21.66 9.59
CA ALA B 440 11.60 -21.05 9.01
C ALA B 440 12.41 -22.07 8.29
N ALA B 441 13.35 -21.64 7.50
CA ALA B 441 14.29 -22.48 6.80
C ALA B 441 15.50 -21.74 6.36
N GLY B 442 16.56 -22.52 6.09
CA GLY B 442 17.84 -22.00 5.70
C GLY B 442 18.28 -22.72 4.46
N VAL B 443 18.81 -21.98 3.49
CA VAL B 443 19.39 -22.59 2.31
C VAL B 443 20.73 -21.92 2.01
N TRP B 444 21.73 -22.75 1.76
CA TRP B 444 23.07 -22.32 1.54
C TRP B 444 23.47 -22.77 0.16
N THR B 445 23.69 -21.80 -0.73
CA THR B 445 24.15 -22.06 -2.09
C THR B 445 24.70 -20.75 -2.65
N GLN B 446 25.73 -20.82 -3.48
CA GLN B 446 26.27 -19.62 -4.12
C GLN B 446 25.53 -19.25 -5.40
N ASN B 447 24.69 -20.13 -5.90
CA ASN B 447 23.93 -19.95 -7.12
C ASN B 447 22.76 -19.05 -6.98
N ILE B 448 22.62 -18.10 -7.88
CA ILE B 448 21.56 -17.14 -7.83
C ILE B 448 20.20 -17.75 -8.14
N LYS B 449 20.16 -18.66 -9.08
CA LYS B 449 18.95 -19.31 -9.46
C LYS B 449 18.48 -20.32 -8.43
N THR B 450 19.34 -21.19 -7.96
CA THR B 450 18.88 -22.22 -7.06
C THR B 450 18.54 -21.65 -5.66
N GLY B 451 19.21 -20.59 -5.23
CA GLY B 451 18.88 -19.94 -3.97
C GLY B 451 17.43 -19.45 -3.96
N HIS B 452 17.01 -18.73 -5.00
CA HIS B 452 15.63 -18.30 -5.15
C HIS B 452 14.62 -19.42 -5.47
N GLN B 453 14.98 -20.34 -6.36
CA GLN B 453 14.13 -21.52 -6.59
C GLN B 453 13.86 -22.30 -5.29
N VAL B 454 14.91 -22.64 -4.55
CA VAL B 454 14.73 -23.45 -3.34
C VAL B 454 13.88 -22.69 -2.31
N ALA B 455 14.13 -21.40 -2.16
CA ALA B 455 13.36 -20.61 -1.20
C ALA B 455 11.89 -20.47 -1.59
N ASN B 456 11.63 -20.34 -2.87
CA ASN B 456 10.24 -20.31 -3.34
C ASN B 456 9.43 -21.57 -3.05
N LYS B 457 10.05 -22.75 -3.15
CA LYS B 457 9.39 -24.05 -2.97
C LYS B 457 9.29 -24.49 -1.50
N LEU B 458 10.02 -23.86 -0.58
CA LEU B 458 9.99 -24.30 0.84
C LEU B 458 8.78 -23.75 1.57
N LYS B 459 8.08 -24.62 2.30
CA LYS B 459 6.84 -24.22 2.92
C LYS B 459 7.17 -23.75 4.34
N ALA B 460 7.72 -22.54 4.39
CA ALA B 460 8.21 -21.85 5.62
C ALA B 460 7.92 -20.34 5.58
N GLY B 461 7.65 -19.74 6.73
CA GLY B 461 7.39 -18.31 6.87
C GLY B 461 8.54 -17.35 6.68
N THR B 462 9.73 -17.76 7.02
CA THR B 462 10.91 -17.01 6.82
C THR B 462 11.88 -17.92 6.14
N VAL B 463 12.62 -17.41 5.20
CA VAL B 463 13.68 -18.17 4.57
C VAL B 463 14.95 -17.35 4.53
N TRP B 464 16.04 -17.91 5.00
CA TRP B 464 17.32 -17.24 4.92
C TRP B 464 18.19 -17.90 3.84
N ILE B 465 18.50 -17.17 2.79
CA ILE B 465 19.48 -17.62 1.79
C ILE B 465 20.87 -17.18 2.21
N ASN B 466 21.70 -18.16 2.52
CA ASN B 466 23.08 -17.97 2.99
C ASN B 466 23.26 -17.20 4.30
N ASP B 467 22.40 -17.53 5.26
CA ASP B 467 22.45 -16.99 6.63
C ASP B 467 21.43 -17.73 7.48
N TYR B 468 21.29 -17.34 8.75
CA TYR B 468 20.33 -18.03 9.62
C TYR B 468 20.04 -17.27 10.89
N ASN B 469 18.82 -17.45 11.41
CA ASN B 469 18.41 -16.86 12.72
C ASN B 469 18.40 -15.31 12.77
N LEU B 470 18.01 -14.67 11.70
CA LEU B 470 17.91 -13.23 11.64
C LEU B 470 16.49 -12.71 11.82
N GLU B 471 16.32 -11.73 12.66
CA GLU B 471 15.02 -11.13 12.90
C GLU B 471 15.19 -9.63 12.86
N ASN B 472 14.15 -8.91 12.56
CA ASN B 472 14.18 -7.49 12.55
C ASN B 472 12.80 -6.94 12.64
N ALA B 473 12.60 -6.01 13.51
CA ALA B 473 11.29 -5.39 13.68
C ALA B 473 10.52 -5.22 12.39
N ALA B 474 11.20 -4.86 11.30
CA ALA B 474 10.56 -4.54 10.02
C ALA B 474 10.16 -5.75 9.07
N ALA B 475 10.64 -6.96 9.36
CA ALA B 475 10.43 -8.13 8.48
C ALA B 475 9.57 -9.12 9.23
N PRO B 476 8.42 -9.51 8.66
CA PRO B 476 7.47 -10.33 9.38
C PRO B 476 7.98 -11.72 9.70
N PHE B 477 7.39 -12.32 10.72
CA PHE B 477 7.75 -13.62 11.21
C PHE B 477 6.50 -14.39 11.64
N GLY B 478 6.40 -15.66 11.27
CA GLY B 478 5.29 -16.51 11.59
C GLY B 478 5.34 -17.78 10.81
N GLY B 479 4.60 -18.79 11.19
CA GLY B 479 4.64 -20.02 10.47
C GLY B 479 3.50 -20.43 9.58
N TYR B 480 3.82 -21.35 8.69
CA TYR B 480 2.91 -22.00 7.75
C TYR B 480 2.47 -23.20 8.55
N LYS B 481 1.46 -23.91 8.08
CA LYS B 481 0.95 -25.10 8.71
C LYS B 481 0.68 -25.02 10.21
N GLN B 482 1.15 -25.97 10.98
CA GLN B 482 0.89 -25.95 12.38
C GLN B 482 1.92 -25.15 13.18
N SER B 483 2.70 -24.36 12.48
CA SER B 483 3.68 -23.52 13.11
C SER B 483 3.05 -22.18 13.49
N GLY B 484 1.81 -21.97 13.14
CA GLY B 484 1.09 -20.79 13.50
C GLY B 484 0.01 -20.32 12.58
N ILE B 485 -0.58 -19.20 12.97
CA ILE B 485 -1.59 -18.42 12.27
C ILE B 485 -1.16 -16.96 12.45
N GLY B 486 -1.07 -16.21 11.37
CA GLY B 486 -0.63 -14.83 11.37
C GLY B 486 0.85 -14.58 11.50
N ARG B 487 1.19 -13.30 11.48
CA ARG B 487 2.54 -12.82 11.60
C ARG B 487 2.76 -11.74 12.67
N GLU B 488 3.98 -11.69 13.21
CA GLU B 488 4.43 -10.69 14.17
C GLU B 488 5.55 -10.03 13.44
N LEU B 489 5.93 -8.85 13.89
CA LEU B 489 6.87 -7.94 13.27
C LEU B 489 6.39 -7.39 11.93
N GLY B 490 7.02 -6.32 11.48
CA GLY B 490 6.68 -5.66 10.23
C GLY B 490 5.35 -4.93 10.25
N SER B 491 4.95 -4.46 9.07
CA SER B 491 3.60 -3.90 8.88
C SER B 491 2.46 -4.93 9.16
N TYR B 492 2.73 -6.20 8.86
CA TYR B 492 1.75 -7.29 8.92
C TYR B 492 1.19 -7.50 10.31
N ALA B 493 2.01 -7.35 11.32
CA ALA B 493 1.52 -7.52 12.68
C ALA B 493 0.44 -6.51 13.07
N LEU B 494 0.42 -5.34 12.45
CA LEU B 494 -0.61 -4.33 12.78
C LEU B 494 -2.03 -4.89 12.55
N ASP B 495 -2.17 -5.67 11.49
CA ASP B 495 -3.46 -6.16 11.06
C ASP B 495 -4.09 -7.11 12.08
N ASN B 496 -3.32 -7.73 12.94
CA ASN B 496 -3.91 -8.58 13.95
C ASN B 496 -4.58 -7.81 15.06
N TYR B 497 -4.25 -6.53 15.18
CA TYR B 497 -4.80 -5.71 16.25
C TYR B 497 -5.83 -4.73 15.83
N THR B 498 -6.26 -4.91 14.62
CA THR B 498 -7.16 -4.03 13.99
C THR B 498 -8.44 -4.66 13.62
N GLU B 499 -9.43 -3.83 13.48
CA GLU B 499 -10.75 -4.28 13.04
C GLU B 499 -11.19 -3.33 11.90
N VAL B 500 -11.40 -3.90 10.70
CA VAL B 500 -11.73 -3.11 9.51
C VAL B 500 -13.19 -2.76 9.52
N LYS B 501 -13.45 -1.45 9.47
CA LYS B 501 -14.77 -0.86 9.31
C LYS B 501 -14.85 -0.20 7.91
N SER B 502 -15.88 -0.55 7.16
CA SER B 502 -16.16 0.00 5.82
C SER B 502 -17.36 0.94 5.92
N VAL B 503 -17.08 2.23 5.73
CA VAL B 503 -18.09 3.26 5.82
C VAL B 503 -18.54 3.65 4.42
N TRP B 504 -19.87 3.71 4.25
CA TRP B 504 -20.50 4.26 3.03
C TRP B 504 -21.24 5.59 3.29
N VAL B 505 -20.81 6.65 2.64
CA VAL B 505 -21.50 7.92 2.76
C VAL B 505 -22.20 8.14 1.44
N ASN B 506 -23.52 8.10 1.46
CA ASN B 506 -24.38 8.38 0.34
C ASN B 506 -24.31 9.87 0.11
N ILE B 507 -24.00 10.26 -1.10
CA ILE B 507 -23.90 11.64 -1.45
C ILE B 507 -24.84 11.91 -2.60
N LYS B 508 -25.94 11.19 -2.56
CA LYS B 508 -27.07 11.24 -3.49
C LYS B 508 -26.93 10.16 -4.53
N LEU C 22 -39.70 -21.26 -18.68
CA LEU C 22 -38.42 -21.96 -18.32
C LEU C 22 -37.46 -22.07 -19.50
N LYS C 23 -36.30 -21.43 -19.41
CA LYS C 23 -35.22 -21.58 -20.38
C LYS C 23 -34.87 -23.01 -20.75
N PRO C 24 -34.59 -23.26 -22.05
CA PRO C 24 -34.23 -24.62 -22.50
C PRO C 24 -33.00 -25.21 -21.84
N LYS C 25 -31.95 -24.42 -21.60
CA LYS C 25 -30.76 -24.97 -20.94
C LYS C 25 -31.03 -25.37 -19.48
N VAL C 26 -31.91 -24.66 -18.78
CA VAL C 26 -32.24 -25.07 -17.39
C VAL C 26 -33.19 -26.28 -17.36
N GLU C 27 -34.08 -26.38 -18.35
CA GLU C 27 -34.97 -27.55 -18.55
C GLU C 27 -34.15 -28.85 -18.74
N ALA C 28 -33.15 -28.79 -19.62
CA ALA C 28 -32.21 -29.88 -19.84
C ALA C 28 -31.40 -30.23 -18.59
N PHE C 29 -31.01 -29.20 -17.83
CA PHE C 29 -30.26 -29.38 -16.60
C PHE C 29 -31.14 -30.08 -15.53
N LEU C 30 -32.39 -29.64 -15.38
CA LEU C 30 -33.33 -30.26 -14.42
C LEU C 30 -33.92 -31.64 -14.80
N ASN C 31 -33.66 -32.05 -16.03
CA ASN C 31 -34.15 -33.33 -16.59
C ASN C 31 -33.37 -34.57 -16.20
N GLU C 32 -32.23 -34.39 -15.57
CA GLU C 32 -31.28 -35.44 -15.28
C GLU C 32 -30.93 -35.24 -13.80
N GLU C 33 -30.36 -36.25 -13.15
CA GLU C 33 -29.86 -36.07 -11.77
C GLU C 33 -28.68 -35.07 -11.80
N ILE C 34 -28.57 -34.28 -10.75
CA ILE C 34 -27.55 -33.30 -10.63
C ILE C 34 -26.28 -33.85 -10.09
N LYS C 35 -25.28 -33.80 -10.94
CA LYS C 35 -23.95 -34.26 -10.68
C LYS C 35 -23.01 -33.29 -10.01
N MET C 36 -22.10 -33.82 -9.22
CA MET C 36 -21.10 -33.04 -8.56
C MET C 36 -19.95 -32.82 -9.54
N PHE C 37 -19.04 -31.95 -9.23
CA PHE C 37 -17.99 -31.57 -10.18
C PHE C 37 -16.68 -31.75 -9.48
N ILE C 38 -15.87 -32.74 -9.88
CA ILE C 38 -14.60 -33.06 -9.22
C ILE C 38 -13.52 -33.33 -10.27
N ASN C 39 -12.36 -32.69 -10.12
CA ASN C 39 -11.26 -32.88 -11.04
C ASN C 39 -11.66 -32.71 -12.52
N GLY C 40 -12.41 -31.67 -12.81
CA GLY C 40 -12.83 -31.37 -14.14
C GLY C 40 -13.94 -32.15 -14.74
N GLU C 41 -14.52 -33.02 -13.95
CA GLU C 41 -15.56 -33.88 -14.42
C GLU C 41 -16.82 -33.89 -13.62
N PHE C 42 -17.91 -34.20 -14.28
CA PHE C 42 -19.18 -34.32 -13.64
C PHE C 42 -19.36 -35.74 -13.21
N VAL C 43 -19.53 -35.93 -11.94
CA VAL C 43 -19.62 -37.23 -11.38
C VAL C 43 -20.74 -37.42 -10.41
N SER C 44 -20.97 -38.67 -10.13
CA SER C 44 -21.98 -39.06 -9.21
C SER C 44 -21.26 -39.28 -7.98
N ALA C 45 -21.97 -39.48 -6.92
CA ALA C 45 -21.34 -39.80 -5.66
C ALA C 45 -20.76 -41.22 -5.73
N ILE C 46 -19.60 -41.48 -5.13
CA ILE C 46 -18.98 -42.81 -5.23
C ILE C 46 -19.91 -43.90 -4.69
N GLY C 47 -20.60 -43.61 -3.58
CA GLY C 47 -21.58 -44.52 -2.96
C GLY C 47 -22.98 -44.46 -3.56
N GLY C 48 -23.18 -43.61 -4.58
CA GLY C 48 -24.45 -43.51 -5.31
C GLY C 48 -25.63 -42.77 -4.65
N LYS C 49 -25.45 -42.25 -3.45
CA LYS C 49 -26.56 -41.57 -2.77
C LYS C 49 -26.97 -40.29 -3.46
N THR C 50 -28.22 -39.91 -3.22
CA THR C 50 -28.75 -38.67 -3.70
C THR C 50 -29.65 -38.09 -2.62
N PHE C 51 -29.90 -36.81 -2.78
CA PHE C 51 -30.74 -35.98 -1.95
C PHE C 51 -31.63 -35.08 -2.82
N GLU C 52 -32.69 -34.59 -2.25
CA GLU C 52 -33.63 -33.77 -2.94
C GLU C 52 -33.58 -32.32 -2.60
N THR C 53 -33.72 -31.50 -3.61
CA THR C 53 -33.79 -30.09 -3.42
C THR C 53 -35.19 -29.67 -3.84
N TYR C 54 -35.81 -28.78 -3.10
CA TYR C 54 -37.15 -28.33 -3.38
C TYR C 54 -37.21 -26.92 -3.93
N ASN C 55 -38.40 -26.62 -4.41
CA ASN C 55 -38.88 -25.35 -4.90
C ASN C 55 -39.72 -24.83 -3.75
N PRO C 56 -39.26 -23.70 -3.09
CA PRO C 56 -40.03 -23.27 -1.92
C PRO C 56 -41.38 -22.62 -2.09
N ALA C 57 -41.75 -22.35 -3.30
CA ALA C 57 -43.07 -21.77 -3.59
C ALA C 57 -44.13 -22.87 -3.69
N THR C 58 -43.72 -24.05 -4.07
CA THR C 58 -44.65 -25.13 -4.36
C THR C 58 -44.48 -26.33 -3.44
N GLU C 59 -43.32 -26.50 -2.85
CA GLU C 59 -42.99 -27.61 -1.98
C GLU C 59 -42.68 -28.88 -2.71
N ASP C 60 -42.54 -28.80 -4.01
CA ASP C 60 -42.24 -29.95 -4.82
C ASP C 60 -40.75 -30.17 -4.95
N VAL C 61 -40.36 -31.35 -5.36
CA VAL C 61 -38.99 -31.66 -5.59
C VAL C 61 -38.66 -31.01 -6.91
N LEU C 62 -37.56 -30.30 -6.93
CA LEU C 62 -37.10 -29.59 -8.10
C LEU C 62 -36.09 -30.46 -8.83
N ALA C 63 -35.26 -31.14 -8.08
CA ALA C 63 -34.23 -31.96 -8.61
C ALA C 63 -33.69 -32.94 -7.62
N VAL C 64 -33.09 -33.99 -8.12
CA VAL C 64 -32.43 -34.94 -7.30
C VAL C 64 -30.98 -34.67 -7.62
N VAL C 65 -30.17 -34.69 -6.60
CA VAL C 65 -28.79 -34.35 -6.64
C VAL C 65 -27.83 -35.38 -6.05
N CYS C 66 -26.72 -35.58 -6.71
CA CYS C 66 -25.72 -36.49 -6.16
C CYS C 66 -25.21 -35.96 -4.78
N GLU C 67 -25.24 -36.85 -3.78
CA GLU C 67 -24.94 -36.49 -2.38
C GLU C 67 -23.47 -36.80 -2.06
N ALA C 68 -22.67 -35.77 -1.77
CA ALA C 68 -21.27 -36.00 -1.43
C ALA C 68 -21.06 -36.60 -0.04
N GLN C 69 -20.40 -37.75 0.01
CA GLN C 69 -19.99 -38.40 1.28
C GLN C 69 -18.54 -38.06 1.63
N GLU C 70 -18.08 -38.48 2.81
CA GLU C 70 -16.71 -38.21 3.23
C GLU C 70 -15.74 -38.60 2.13
N GLU C 71 -15.96 -39.70 1.44
CA GLU C 71 -14.99 -40.16 0.46
C GLU C 71 -14.98 -39.36 -0.85
N ASP C 72 -16.06 -38.64 -1.12
CA ASP C 72 -16.10 -37.74 -2.28
C ASP C 72 -15.28 -36.47 -2.00
N ILE C 73 -15.39 -35.99 -0.77
CA ILE C 73 -14.55 -34.91 -0.27
C ILE C 73 -13.07 -35.31 -0.30
N ASP C 74 -12.72 -36.57 -0.01
CA ASP C 74 -11.31 -36.99 -0.07
C ASP C 74 -10.88 -36.98 -1.55
N ALA C 75 -11.79 -37.31 -2.48
CA ALA C 75 -11.43 -37.30 -3.92
C ALA C 75 -11.23 -35.86 -4.43
N ALA C 76 -12.15 -34.96 -4.08
CA ALA C 76 -12.06 -33.52 -4.42
C ALA C 76 -10.78 -32.88 -3.91
N VAL C 77 -10.39 -33.22 -2.69
CA VAL C 77 -9.17 -32.67 -2.06
C VAL C 77 -7.90 -33.17 -2.77
N LYS C 78 -7.89 -34.45 -3.13
CA LYS C 78 -6.78 -35.02 -3.93
C LYS C 78 -6.65 -34.30 -5.26
N ALA C 79 -7.80 -34.08 -5.92
CA ALA C 79 -7.81 -33.38 -7.20
C ALA C 79 -7.28 -31.93 -7.05
N ALA C 80 -7.74 -31.27 -5.95
CA ALA C 80 -7.33 -29.89 -5.60
C ALA C 80 -5.84 -29.82 -5.30
N ARG C 81 -5.40 -30.65 -4.37
CA ARG C 81 -3.99 -30.74 -3.99
C ARG C 81 -3.11 -30.90 -5.24
N SER C 82 -3.48 -31.83 -6.09
CA SER C 82 -2.75 -32.11 -7.30
C SER C 82 -2.67 -30.95 -8.31
N ALA C 83 -3.77 -30.24 -8.49
CA ALA C 83 -3.82 -29.12 -9.43
C ALA C 83 -2.99 -27.91 -8.91
N PHE C 84 -2.78 -27.85 -7.60
CA PHE C 84 -2.01 -26.76 -7.01
C PHE C 84 -0.50 -27.04 -7.01
N GLU C 85 -0.11 -28.30 -6.80
CA GLU C 85 1.30 -28.69 -6.69
C GLU C 85 1.95 -28.78 -8.06
N SER C 86 1.20 -29.20 -9.05
CA SER C 86 1.72 -29.29 -10.38
C SER C 86 0.70 -29.05 -11.44
N GLY C 87 1.17 -28.83 -12.64
CA GLY C 87 0.31 -28.58 -13.75
C GLY C 87 0.01 -27.17 -14.14
N PRO C 88 -0.94 -27.08 -15.13
CA PRO C 88 -1.23 -25.73 -15.61
C PRO C 88 -1.55 -24.62 -14.62
N TRP C 89 -2.31 -24.90 -13.59
CA TRP C 89 -2.67 -23.84 -12.62
C TRP C 89 -1.47 -23.30 -11.84
N ALA C 90 -0.55 -24.21 -11.56
CA ALA C 90 0.65 -23.95 -10.83
C ALA C 90 1.77 -23.38 -11.69
N GLU C 91 1.65 -23.46 -12.99
CA GLU C 91 2.64 -22.99 -13.92
C GLU C 91 2.28 -21.73 -14.68
N MET C 92 1.02 -21.38 -14.64
CA MET C 92 0.44 -20.25 -15.28
C MET C 92 0.89 -18.88 -14.80
N THR C 93 1.13 -17.97 -15.72
CA THR C 93 1.42 -16.58 -15.35
C THR C 93 0.18 -15.99 -14.70
N THR C 94 0.38 -14.97 -13.89
CA THR C 94 -0.73 -14.19 -13.33
C THR C 94 -1.67 -13.60 -14.39
N ALA C 95 -1.15 -13.15 -15.54
CA ALA C 95 -2.01 -12.69 -16.66
C ALA C 95 -2.90 -13.84 -17.23
N GLU C 96 -2.36 -15.04 -17.30
CA GLU C 96 -3.11 -16.20 -17.82
C GLU C 96 -4.21 -16.57 -16.84
N ARG C 97 -3.91 -16.61 -15.52
CA ARG C 97 -4.92 -16.83 -14.49
C ARG C 97 -6.02 -15.78 -14.51
N ALA C 98 -5.63 -14.52 -14.61
CA ALA C 98 -6.55 -13.41 -14.77
C ALA C 98 -7.50 -13.63 -15.94
N HIS C 99 -6.98 -14.07 -17.07
CA HIS C 99 -7.82 -14.26 -18.25
C HIS C 99 -8.90 -15.31 -17.99
N LEU C 100 -8.51 -16.45 -17.46
CA LEU C 100 -9.47 -17.48 -17.03
C LEU C 100 -10.59 -16.98 -16.14
N ILE C 101 -10.25 -16.13 -15.17
CA ILE C 101 -11.26 -15.61 -14.24
C ILE C 101 -12.19 -14.61 -14.95
N TYR C 102 -11.63 -13.77 -15.81
CA TYR C 102 -12.41 -12.81 -16.60
C TYR C 102 -13.37 -13.55 -17.57
N LYS C 103 -12.87 -14.60 -18.21
CA LYS C 103 -13.67 -15.45 -19.07
C LYS C 103 -14.81 -16.12 -18.32
N LEU C 104 -14.62 -16.52 -17.08
CA LEU C 104 -15.72 -17.03 -16.26
C LEU C 104 -16.78 -15.98 -16.05
N ALA C 105 -16.37 -14.76 -15.68
CA ALA C 105 -17.29 -13.63 -15.59
C ALA C 105 -18.12 -13.47 -16.86
N ASP C 106 -17.49 -13.52 -18.02
CA ASP C 106 -18.26 -13.39 -19.26
C ASP C 106 -19.30 -14.50 -19.41
N LEU C 107 -18.88 -15.75 -19.18
CA LEU C 107 -19.76 -16.89 -19.29
C LEU C 107 -20.94 -16.80 -18.32
N ILE C 108 -20.71 -16.41 -17.08
CA ILE C 108 -21.82 -16.20 -16.14
C ILE C 108 -22.77 -15.12 -16.64
N GLU C 109 -22.25 -14.02 -17.13
CA GLU C 109 -23.08 -13.02 -17.80
C GLU C 109 -23.89 -13.58 -19.00
N GLU C 110 -23.26 -14.41 -19.84
CA GLU C 110 -23.97 -14.94 -21.02
C GLU C 110 -25.14 -15.82 -20.57
N HIS C 111 -24.96 -16.57 -19.48
CA HIS C 111 -25.99 -17.44 -18.89
C HIS C 111 -26.82 -16.80 -17.74
N ARG C 112 -26.86 -15.47 -17.71
CA ARG C 112 -27.52 -14.72 -16.64
C ARG C 112 -28.97 -15.15 -16.39
N GLU C 113 -29.73 -15.37 -17.48
CA GLU C 113 -31.14 -15.74 -17.35
C GLU C 113 -31.30 -17.15 -16.83
N GLU C 114 -30.46 -18.05 -17.31
CA GLU C 114 -30.46 -19.42 -16.82
C GLU C 114 -30.20 -19.49 -15.29
N LEU C 115 -29.13 -18.82 -14.83
CA LEU C 115 -28.75 -18.82 -13.41
C LEU C 115 -29.79 -18.10 -12.53
N ALA C 116 -30.32 -16.98 -13.05
CA ALA C 116 -31.36 -16.22 -12.34
C ALA C 116 -32.59 -17.13 -12.09
N GLN C 117 -33.01 -17.88 -13.11
CA GLN C 117 -34.14 -18.81 -12.95
C GLN C 117 -33.87 -19.90 -11.93
N LEU C 118 -32.72 -20.52 -12.08
CA LEU C 118 -32.22 -21.48 -11.09
C LEU C 118 -32.23 -20.93 -9.66
N GLU C 119 -31.78 -19.71 -9.49
CA GLU C 119 -31.78 -19.11 -8.16
C GLU C 119 -33.23 -18.96 -7.62
N ALA C 120 -34.09 -18.41 -8.43
CA ALA C 120 -35.45 -18.20 -8.08
C ALA C 120 -36.23 -19.44 -7.76
N LEU C 121 -35.96 -20.51 -8.47
CA LEU C 121 -36.61 -21.74 -8.29
C LEU C 121 -36.12 -22.50 -7.13
N ASP C 122 -34.84 -22.36 -6.84
CA ASP C 122 -34.19 -23.19 -5.85
C ASP C 122 -34.11 -22.57 -4.47
N ASN C 123 -33.79 -21.26 -4.47
CA ASN C 123 -33.77 -20.38 -3.30
C ASN C 123 -35.16 -19.80 -2.92
N GLY C 124 -35.86 -19.28 -3.92
CA GLY C 124 -37.22 -18.78 -3.78
C GLY C 124 -37.43 -17.34 -4.19
N LYS C 125 -36.32 -16.60 -4.31
CA LYS C 125 -36.35 -15.15 -4.49
C LYS C 125 -36.86 -14.76 -5.85
N PRO C 126 -37.43 -13.56 -5.96
CA PRO C 126 -37.93 -13.13 -7.26
C PRO C 126 -36.89 -13.18 -8.38
N TYR C 127 -37.27 -13.74 -9.53
CA TYR C 127 -36.43 -13.77 -10.73
C TYR C 127 -35.72 -12.42 -11.05
N GLN C 128 -36.44 -11.32 -11.07
CA GLN C 128 -35.86 -10.09 -11.46
C GLN C 128 -34.79 -9.55 -10.56
N VAL C 129 -34.84 -9.87 -9.28
CA VAL C 129 -33.84 -9.41 -8.37
C VAL C 129 -32.69 -10.34 -8.38
N ALA C 130 -32.94 -11.57 -8.77
CA ALA C 130 -31.90 -12.55 -8.87
C ALA C 130 -31.07 -12.19 -10.04
N LEU C 131 -31.71 -11.75 -11.10
CA LEU C 131 -31.04 -11.26 -12.30
C LEU C 131 -30.31 -9.90 -12.10
N ASP C 132 -31.02 -8.89 -11.60
CA ASP C 132 -30.50 -7.55 -11.49
C ASP C 132 -29.46 -7.40 -10.38
N ASP C 133 -29.53 -8.19 -9.31
CA ASP C 133 -28.62 -8.06 -8.16
C ASP C 133 -27.62 -9.22 -8.08
N ASP C 134 -28.12 -10.44 -7.90
CA ASP C 134 -27.27 -11.60 -7.64
C ASP C 134 -26.34 -11.96 -8.78
N ILE C 135 -26.90 -12.07 -9.97
CA ILE C 135 -26.08 -12.42 -11.12
C ILE C 135 -25.14 -11.26 -11.48
N SER C 136 -25.60 -10.02 -11.49
CA SER C 136 -24.67 -8.93 -11.86
C SER C 136 -23.60 -8.75 -10.80
N ALA C 137 -23.94 -8.98 -9.53
CA ALA C 137 -22.95 -8.86 -8.44
C ALA C 137 -21.88 -9.96 -8.56
N THR C 138 -22.32 -11.15 -8.92
CA THR C 138 -21.40 -12.29 -9.15
C THR C 138 -20.43 -12.03 -10.28
N VAL C 139 -20.95 -11.55 -11.40
CA VAL C 139 -20.13 -11.14 -12.56
C VAL C 139 -19.14 -10.03 -12.14
N GLU C 140 -19.63 -8.95 -11.52
CA GLU C 140 -18.73 -7.86 -11.02
C GLU C 140 -17.61 -8.38 -10.11
N ASN C 141 -17.91 -9.40 -9.27
CA ASN C 141 -16.94 -9.92 -8.29
C ASN C 141 -15.79 -10.65 -8.99
N TYR C 142 -16.11 -11.50 -9.95
CA TYR C 142 -15.08 -12.20 -10.70
C TYR C 142 -14.22 -11.24 -11.61
N ARG C 143 -14.84 -10.27 -12.24
CA ARG C 143 -14.06 -9.20 -12.92
C ARG C 143 -13.16 -8.40 -11.96
N TYR C 144 -13.63 -8.15 -10.75
CA TYR C 144 -12.84 -7.39 -9.79
C TYR C 144 -11.61 -8.20 -9.42
N TYR C 145 -11.84 -9.46 -9.00
CA TYR C 145 -10.78 -10.33 -8.53
C TYR C 145 -9.88 -10.76 -9.63
N ALA C 146 -10.38 -10.85 -10.86
CA ALA C 146 -9.49 -11.10 -12.01
C ALA C 146 -8.41 -10.02 -12.11
N GLY C 147 -8.77 -8.82 -11.75
CA GLY C 147 -7.91 -7.69 -11.72
C GLY C 147 -6.85 -7.70 -10.68
N TRP C 148 -7.04 -8.43 -9.59
CA TRP C 148 -6.07 -8.56 -8.54
C TRP C 148 -4.96 -9.58 -8.79
N THR C 149 -5.17 -10.61 -9.60
CA THR C 149 -4.13 -11.62 -9.80
C THR C 149 -2.76 -11.10 -10.13
N THR C 150 -2.72 -10.07 -10.95
CA THR C 150 -1.52 -9.43 -11.39
C THR C 150 -1.04 -8.33 -10.46
N LYS C 151 -1.79 -8.10 -9.39
CA LYS C 151 -1.54 -7.04 -8.47
C LYS C 151 -1.40 -7.36 -7.01
N ILE C 152 -1.16 -8.62 -6.70
CA ILE C 152 -0.96 -9.09 -5.37
C ILE C 152 0.49 -9.04 -5.03
N ILE C 153 0.94 -7.93 -4.56
CA ILE C 153 2.32 -7.70 -4.26
C ILE C 153 2.76 -7.79 -2.81
N GLY C 154 4.00 -8.19 -2.62
CA GLY C 154 4.61 -8.26 -1.35
C GLY C 154 5.53 -7.08 -1.26
N GLN C 155 6.41 -7.05 -0.28
CA GLN C 155 7.32 -5.94 -0.07
C GLN C 155 8.79 -6.15 -0.19
N THR C 156 9.50 -5.04 -0.37
CA THR C 156 10.94 -4.97 -0.39
C THR C 156 11.23 -4.11 0.80
N ILE C 157 11.95 -4.65 1.76
CA ILE C 157 12.15 -3.96 3.01
C ILE C 157 13.54 -3.46 3.26
N PRO C 158 13.62 -2.07 3.31
CA PRO C 158 14.95 -1.56 3.54
C PRO C 158 15.31 -1.60 4.99
N ILE C 159 16.24 -2.47 5.23
CA ILE C 159 16.73 -2.71 6.52
C ILE C 159 18.19 -2.44 6.73
N SER C 160 19.01 -3.01 5.88
CA SER C 160 20.44 -3.04 6.04
C SER C 160 21.07 -3.20 4.69
N LYS C 161 22.21 -2.57 4.43
CA LYS C 161 22.88 -2.81 3.12
C LYS C 161 23.37 -4.28 2.92
N ASP C 162 23.46 -5.04 4.00
CA ASP C 162 23.92 -6.40 3.99
C ASP C 162 22.91 -7.41 3.51
N TYR C 163 21.65 -7.02 3.46
CA TYR C 163 20.61 -7.92 3.04
C TYR C 163 19.68 -7.34 2.05
N LEU C 164 18.99 -8.23 1.39
CA LEU C 164 17.93 -7.91 0.49
C LEU C 164 16.85 -8.61 1.23
N ASN C 165 15.82 -7.86 1.56
CA ASN C 165 14.68 -8.32 2.32
C ASN C 165 13.45 -8.12 1.49
N TYR C 166 12.71 -9.20 1.28
CA TYR C 166 11.46 -9.17 0.54
C TYR C 166 10.44 -10.20 1.06
N THR C 167 9.17 -9.94 0.78
CA THR C 167 8.12 -10.86 1.20
C THR C 167 7.40 -11.31 -0.03
N ARG C 168 6.98 -12.58 -0.04
CA ARG C 168 6.13 -13.09 -1.09
C ARG C 168 4.78 -13.33 -0.50
N HIS C 169 3.72 -12.97 -1.20
CA HIS C 169 2.37 -13.34 -0.79
C HIS C 169 2.03 -14.60 -1.59
N GLU C 170 2.26 -15.77 -1.00
CA GLU C 170 2.05 -17.05 -1.66
C GLU C 170 0.69 -17.58 -1.33
N PRO C 171 0.04 -18.26 -2.27
CA PRO C 171 -1.27 -18.86 -1.98
C PRO C 171 -1.23 -20.01 -0.95
N VAL C 172 -2.22 -20.12 -0.05
CA VAL C 172 -2.16 -21.14 1.07
C VAL C 172 -2.08 -22.56 0.57
N GLY C 173 -2.88 -22.85 -0.47
CA GLY C 173 -2.94 -24.14 -1.12
C GLY C 173 -4.38 -24.51 -1.31
N VAL C 174 -4.74 -25.66 -0.79
CA VAL C 174 -6.11 -26.15 -0.96
C VAL C 174 -7.01 -25.49 0.08
N VAL C 175 -8.10 -24.87 -0.37
CA VAL C 175 -9.04 -24.24 0.58
C VAL C 175 -10.39 -24.92 0.62
N GLY C 176 -10.93 -25.01 1.83
CA GLY C 176 -12.25 -25.52 2.09
C GLY C 176 -13.27 -24.41 2.38
N GLN C 177 -14.35 -24.44 1.62
CA GLN C 177 -15.29 -23.36 1.59
C GLN C 177 -16.68 -23.92 1.76
N ILE C 178 -17.43 -23.31 2.66
CA ILE C 178 -18.82 -23.69 2.87
C ILE C 178 -19.65 -22.43 2.84
N ILE C 179 -20.74 -22.45 2.05
CA ILE C 179 -21.57 -21.28 1.85
C ILE C 179 -23.00 -21.61 2.13
N PRO C 180 -23.80 -20.59 2.51
CA PRO C 180 -25.19 -20.79 2.86
C PRO C 180 -26.12 -20.64 1.64
N TRP C 181 -27.39 -20.63 1.93
CA TRP C 181 -28.44 -20.67 0.95
C TRP C 181 -29.13 -19.43 0.60
N ASN C 182 -28.91 -18.39 1.36
CA ASN C 182 -29.59 -17.12 1.16
C ASN C 182 -29.25 -16.31 -0.09
N PHE C 183 -28.01 -16.38 -0.55
CA PHE C 183 -27.49 -15.72 -1.76
C PHE C 183 -26.58 -16.75 -2.35
N PRO C 184 -27.22 -17.87 -2.87
CA PRO C 184 -26.33 -18.94 -3.35
C PRO C 184 -25.20 -18.70 -4.37
N LEU C 185 -25.45 -18.07 -5.50
CA LEU C 185 -24.39 -17.82 -6.51
C LEU C 185 -23.46 -16.74 -6.02
N VAL C 186 -23.92 -15.58 -5.64
CA VAL C 186 -23.04 -14.54 -5.15
C VAL C 186 -22.06 -14.97 -4.07
N MET C 187 -22.43 -15.89 -3.22
CA MET C 187 -21.56 -16.28 -2.16
C MET C 187 -20.55 -17.26 -2.59
N SER C 188 -20.80 -17.91 -3.69
CA SER C 188 -19.85 -18.79 -4.25
C SER C 188 -18.78 -17.89 -4.80
N SER C 189 -19.13 -16.72 -5.31
CA SER C 189 -18.12 -15.74 -5.78
C SER C 189 -17.32 -15.04 -4.66
N TRP C 190 -17.96 -14.72 -3.54
CA TRP C 190 -17.29 -14.02 -2.43
C TRP C 190 -16.10 -14.86 -2.02
N LYS C 191 -16.35 -16.13 -1.89
CA LYS C 191 -15.38 -17.14 -1.57
C LYS C 191 -14.35 -17.46 -2.64
N MET C 192 -14.78 -17.85 -3.81
CA MET C 192 -13.90 -18.23 -4.88
C MET C 192 -13.07 -17.18 -5.62
N GLY C 193 -13.62 -16.01 -5.84
CA GLY C 193 -12.94 -14.93 -6.55
C GLY C 193 -11.62 -14.56 -5.91
N ALA C 194 -11.64 -14.25 -4.61
CA ALA C 194 -10.40 -13.91 -3.88
C ALA C 194 -9.42 -15.10 -3.80
N ALA C 195 -9.88 -16.25 -3.33
CA ALA C 195 -9.05 -17.48 -3.33
C ALA C 195 -8.41 -17.77 -4.71
N LEU C 196 -9.22 -17.95 -5.75
CA LEU C 196 -8.70 -18.16 -7.11
C LEU C 196 -7.73 -17.09 -7.60
N ALA C 197 -7.93 -15.83 -7.21
CA ALA C 197 -7.02 -14.77 -7.64
C ALA C 197 -5.61 -14.90 -7.07
N THR C 198 -5.50 -15.49 -5.87
CA THR C 198 -4.21 -15.74 -5.20
C THR C 198 -3.49 -16.99 -5.71
N GLY C 199 -4.17 -17.81 -6.51
CA GLY C 199 -3.58 -19.01 -7.05
C GLY C 199 -3.90 -20.23 -6.20
N CYS C 200 -4.89 -20.13 -5.36
CA CYS C 200 -5.37 -21.21 -4.54
C CYS C 200 -6.24 -22.18 -5.30
N THR C 201 -6.43 -23.31 -4.72
CA THR C 201 -7.21 -24.33 -5.34
C THR C 201 -8.36 -24.56 -4.38
N ILE C 202 -9.54 -24.86 -4.89
CA ILE C 202 -10.72 -24.97 -4.04
C ILE C 202 -11.61 -26.22 -3.99
N VAL C 203 -12.18 -26.49 -2.83
CA VAL C 203 -13.18 -27.52 -2.56
C VAL C 203 -14.34 -26.77 -1.89
N LEU C 204 -15.44 -26.62 -2.58
CA LEU C 204 -16.61 -25.86 -2.11
C LEU C 204 -17.91 -26.69 -2.00
N LYS C 205 -18.56 -26.58 -0.85
CA LYS C 205 -19.83 -27.20 -0.62
C LYS C 205 -20.94 -26.13 -0.59
N PRO C 206 -21.88 -26.17 -1.57
CA PRO C 206 -23.04 -25.30 -1.48
C PRO C 206 -24.04 -25.86 -0.46
N ALA C 207 -24.94 -24.99 -0.02
CA ALA C 207 -25.99 -25.40 0.90
C ALA C 207 -26.92 -26.45 0.27
N GLU C 208 -27.45 -27.32 1.11
CA GLU C 208 -28.27 -28.41 0.63
C GLU C 208 -29.62 -27.89 0.13
N GLN C 209 -30.03 -26.74 0.64
CA GLN C 209 -31.31 -26.14 0.21
C GLN C 209 -31.19 -25.54 -1.20
N THR C 210 -30.01 -25.07 -1.57
CA THR C 210 -29.78 -24.44 -2.84
C THR C 210 -28.51 -24.88 -3.59
N PRO C 211 -28.45 -26.20 -4.00
CA PRO C 211 -27.24 -26.60 -4.72
C PRO C 211 -27.16 -26.29 -6.20
N LEU C 212 -28.28 -26.07 -6.82
CA LEU C 212 -28.41 -25.87 -8.23
C LEU C 212 -27.66 -24.82 -9.03
N SER C 213 -27.62 -23.60 -8.59
CA SER C 213 -26.96 -22.61 -9.38
C SER C 213 -25.44 -22.84 -9.42
N LEU C 214 -24.85 -23.32 -8.33
CA LEU C 214 -23.42 -23.55 -8.33
C LEU C 214 -23.07 -24.67 -9.29
N LEU C 215 -23.80 -25.74 -9.23
CA LEU C 215 -23.59 -26.87 -10.06
C LEU C 215 -23.85 -26.68 -11.56
N TYR C 216 -24.65 -25.69 -11.92
CA TYR C 216 -24.88 -25.33 -13.28
C TYR C 216 -23.70 -24.47 -13.72
N ALA C 217 -23.22 -23.60 -12.86
CA ALA C 217 -22.04 -22.77 -13.12
C ALA C 217 -20.76 -23.56 -13.27
N ALA C 218 -20.70 -24.76 -12.70
CA ALA C 218 -19.59 -25.66 -12.99
C ALA C 218 -19.28 -25.77 -14.48
N LYS C 219 -20.30 -25.99 -15.32
CA LYS C 219 -20.20 -25.96 -16.82
C LYS C 219 -19.32 -24.87 -17.36
N LEU C 220 -19.45 -23.71 -16.72
CA LEU C 220 -18.81 -22.48 -17.14
C LEU C 220 -17.36 -22.40 -16.70
N PHE C 221 -17.02 -23.01 -15.57
CA PHE C 221 -15.62 -23.19 -15.22
C PHE C 221 -14.92 -24.11 -16.22
N LYS C 222 -15.58 -25.17 -16.66
CA LYS C 222 -14.95 -26.05 -17.64
C LYS C 222 -14.82 -25.32 -19.01
N GLU C 223 -15.90 -24.66 -19.43
CA GLU C 223 -15.89 -23.96 -20.70
C GLU C 223 -14.86 -22.78 -20.70
N ALA C 224 -14.65 -22.11 -19.57
CA ALA C 224 -13.65 -21.02 -19.52
C ALA C 224 -12.22 -21.54 -19.63
N GLY C 225 -12.00 -22.81 -19.30
CA GLY C 225 -10.68 -23.42 -19.42
C GLY C 225 -9.95 -23.66 -18.09
N PHE C 226 -10.64 -23.70 -16.99
CA PHE C 226 -9.99 -23.98 -15.74
C PHE C 226 -9.44 -25.36 -15.81
N PRO C 227 -8.10 -25.51 -15.49
CA PRO C 227 -7.61 -26.89 -15.53
C PRO C 227 -8.26 -27.79 -14.52
N ASN C 228 -8.19 -29.10 -14.69
CA ASN C 228 -8.85 -30.03 -13.79
C ASN C 228 -8.44 -29.97 -12.37
N GLY C 229 -9.40 -29.91 -11.49
CA GLY C 229 -9.15 -29.85 -10.08
C GLY C 229 -8.92 -28.52 -9.42
N VAL C 230 -8.93 -27.45 -10.19
CA VAL C 230 -8.72 -26.16 -9.63
C VAL C 230 -9.90 -25.82 -8.73
N VAL C 231 -11.04 -26.28 -9.13
CA VAL C 231 -12.28 -26.05 -8.48
C VAL C 231 -13.08 -27.36 -8.41
N ASN C 232 -13.69 -27.64 -7.27
CA ASN C 232 -14.43 -28.87 -7.02
C ASN C 232 -15.67 -28.62 -6.23
N PHE C 233 -16.81 -28.86 -6.82
CA PHE C 233 -18.09 -28.59 -6.19
C PHE C 233 -18.71 -29.83 -5.63
N VAL C 234 -18.94 -29.81 -4.34
CA VAL C 234 -19.37 -30.98 -3.62
C VAL C 234 -20.59 -30.79 -2.74
N PRO C 235 -21.78 -31.02 -3.29
CA PRO C 235 -23.03 -30.78 -2.53
C PRO C 235 -23.41 -31.93 -1.61
N GLY C 236 -24.15 -31.67 -0.58
CA GLY C 236 -24.53 -32.67 0.36
C GLY C 236 -25.02 -32.04 1.63
N PHE C 237 -24.82 -32.72 2.76
CA PHE C 237 -25.27 -32.25 4.07
C PHE C 237 -24.15 -31.81 4.97
N GLY C 238 -24.47 -31.06 6.01
CA GLY C 238 -23.53 -30.47 6.94
C GLY C 238 -22.77 -31.39 7.85
N PRO C 239 -23.45 -32.30 8.48
CA PRO C 239 -22.73 -33.29 9.28
C PRO C 239 -21.98 -34.39 8.47
N GLU C 240 -21.94 -34.35 7.13
CA GLU C 240 -21.21 -35.34 6.36
C GLU C 240 -20.14 -34.65 5.49
N ALA C 241 -20.55 -33.97 4.43
CA ALA C 241 -19.63 -33.28 3.54
C ALA C 241 -18.98 -32.07 4.18
N GLY C 242 -19.82 -31.27 4.84
CA GLY C 242 -19.37 -30.12 5.61
C GLY C 242 -18.36 -30.42 6.69
N ALA C 243 -18.50 -31.53 7.39
CA ALA C 243 -17.56 -31.90 8.46
C ALA C 243 -16.30 -32.53 7.85
N ALA C 244 -16.50 -33.26 6.78
CA ALA C 244 -15.38 -33.79 6.04
C ALA C 244 -14.43 -32.70 5.56
N ILE C 245 -14.97 -31.53 5.23
CA ILE C 245 -14.13 -30.43 4.75
C ILE C 245 -13.39 -29.85 5.93
N VAL C 246 -14.14 -29.58 6.98
CA VAL C 246 -13.52 -28.88 8.10
C VAL C 246 -12.50 -29.76 8.87
N ASN C 247 -12.71 -31.08 8.89
CA ASN C 247 -11.80 -32.02 9.59
C ASN C 247 -10.68 -32.63 8.75
N HIS C 248 -10.56 -32.23 7.47
CA HIS C 248 -9.71 -32.92 6.52
C HIS C 248 -8.26 -32.50 6.72
N HIS C 249 -7.37 -33.49 6.80
CA HIS C 249 -5.95 -33.29 7.12
C HIS C 249 -5.17 -32.51 6.04
N ASP C 250 -5.60 -32.60 4.79
CA ASP C 250 -5.01 -31.90 3.68
C ASP C 250 -5.68 -30.57 3.23
N ILE C 251 -6.64 -30.06 3.96
CA ILE C 251 -7.21 -28.81 3.58
C ILE C 251 -6.40 -27.79 4.34
N ASP C 252 -5.87 -26.80 3.67
CA ASP C 252 -4.97 -25.84 4.28
C ASP C 252 -5.52 -24.65 4.99
N LYS C 253 -6.75 -24.32 4.72
CA LYS C 253 -7.40 -23.14 5.20
C LYS C 253 -8.92 -23.32 4.96
N VAL C 254 -9.72 -22.69 5.81
CA VAL C 254 -11.14 -22.91 5.74
C VAL C 254 -11.88 -21.60 5.91
N ALA C 255 -12.93 -21.40 5.14
CA ALA C 255 -13.76 -20.24 5.17
C ALA C 255 -15.20 -20.64 5.19
N PHE C 256 -16.02 -20.00 6.00
CA PHE C 256 -17.41 -20.34 6.16
C PHE C 256 -18.32 -19.15 6.42
N THR C 257 -19.53 -19.22 5.90
CA THR C 257 -20.59 -18.23 6.14
C THR C 257 -21.82 -19.05 6.51
N GLY C 258 -22.61 -18.63 7.46
CA GLY C 258 -23.74 -19.37 8.06
C GLY C 258 -24.00 -18.88 9.47
N SER C 259 -24.58 -19.70 10.31
CA SER C 259 -24.87 -19.33 11.70
C SER C 259 -23.71 -19.19 12.64
N THR C 260 -23.83 -18.38 13.68
CA THR C 260 -22.77 -18.24 14.68
C THR C 260 -22.60 -19.56 15.41
N VAL C 261 -23.67 -20.31 15.63
CA VAL C 261 -23.52 -21.63 16.32
C VAL C 261 -22.67 -22.67 15.52
N THR C 262 -22.85 -22.74 14.21
CA THR C 262 -21.98 -23.60 13.39
C THR C 262 -20.54 -23.06 13.27
N GLY C 263 -20.40 -21.73 13.23
CA GLY C 263 -19.11 -21.04 13.17
C GLY C 263 -18.20 -21.39 14.32
N LYS C 264 -18.78 -21.55 15.51
CA LYS C 264 -18.04 -21.97 16.71
C LYS C 264 -17.49 -23.37 16.52
N TYR C 265 -18.33 -24.27 16.00
CA TYR C 265 -17.96 -25.66 15.69
C TYR C 265 -16.81 -25.65 14.67
N ILE C 266 -16.99 -24.86 13.61
CA ILE C 266 -15.95 -24.77 12.59
C ILE C 266 -14.60 -24.27 13.09
N MET C 267 -14.61 -23.33 14.03
CA MET C 267 -13.37 -22.83 14.63
C MET C 267 -12.77 -23.81 15.65
N ARG C 268 -13.61 -24.42 16.48
CA ARG C 268 -13.20 -25.55 17.37
C ARG C 268 -12.44 -26.67 16.65
N GLN C 269 -12.94 -27.07 15.48
CA GLN C 269 -12.36 -28.19 14.70
C GLN C 269 -11.13 -27.80 13.88
N SER C 270 -11.15 -26.58 13.35
CA SER C 270 -9.99 -25.96 12.70
C SER C 270 -8.79 -25.89 13.63
N ALA C 271 -9.06 -25.69 14.92
CA ALA C 271 -8.00 -25.65 15.98
C ALA C 271 -7.10 -26.88 16.03
N GLU C 272 -7.65 -28.06 15.82
CA GLU C 272 -6.81 -29.26 15.86
C GLU C 272 -5.59 -29.21 14.93
N MET C 273 -5.65 -28.39 13.89
CA MET C 273 -4.61 -28.28 12.85
C MET C 273 -4.00 -26.90 12.58
N ILE C 274 -4.21 -25.99 13.52
CA ILE C 274 -3.80 -24.59 13.40
C ILE C 274 -4.09 -24.11 11.97
N LYS C 275 -5.35 -24.33 11.60
CA LYS C 275 -5.92 -23.93 10.31
C LYS C 275 -6.56 -22.51 10.45
N HIS C 276 -6.22 -21.61 9.55
CA HIS C 276 -6.77 -20.26 9.46
C HIS C 276 -8.25 -20.33 9.19
N VAL C 277 -9.01 -19.41 9.74
CA VAL C 277 -10.43 -19.37 9.56
C VAL C 277 -10.90 -18.00 9.30
N THR C 278 -11.79 -17.90 8.37
CA THR C 278 -12.42 -16.66 8.08
C THR C 278 -13.85 -17.05 8.13
N LEU C 279 -14.62 -16.32 8.92
CA LEU C 279 -16.03 -16.57 9.11
C LEU C 279 -16.90 -15.38 9.00
N GLU C 280 -17.94 -15.48 8.24
CA GLU C 280 -19.02 -14.47 8.13
C GLU C 280 -20.26 -15.11 8.74
N LEU C 281 -20.85 -14.47 9.75
CA LEU C 281 -21.94 -15.12 10.53
C LEU C 281 -23.13 -14.18 10.74
N GLY C 282 -23.92 -14.41 11.78
CA GLY C 282 -25.15 -13.70 11.98
C GLY C 282 -25.02 -12.26 12.41
N GLY C 283 -26.14 -11.60 12.48
CA GLY C 283 -26.21 -10.25 12.91
C GLY C 283 -27.55 -9.93 13.53
N LYS C 284 -27.67 -8.71 13.99
CA LYS C 284 -28.86 -8.15 14.58
C LYS C 284 -28.71 -6.68 14.46
N SER C 285 -28.20 -6.29 13.32
CA SER C 285 -27.89 -4.93 13.01
C SER C 285 -28.88 -3.84 13.23
N PRO C 286 -28.41 -2.73 13.67
CA PRO C 286 -29.23 -1.56 13.86
C PRO C 286 -29.31 -0.59 12.66
N ASN C 287 -30.48 -0.05 12.47
CA ASN C 287 -30.74 0.95 11.47
C ASN C 287 -31.33 2.15 12.25
N ILE C 288 -30.53 3.18 12.46
CA ILE C 288 -30.89 4.32 13.27
C ILE C 288 -31.37 5.62 12.61
N ILE C 289 -32.60 6.02 12.93
CA ILE C 289 -33.19 7.21 12.34
C ILE C 289 -33.13 8.29 13.41
N LEU C 290 -32.13 9.16 13.25
CA LEU C 290 -31.95 10.30 14.11
C LEU C 290 -32.94 11.39 13.74
N GLU C 291 -33.08 12.38 14.58
CA GLU C 291 -34.04 13.43 14.40
C GLU C 291 -33.86 14.27 13.18
N ASP C 292 -32.64 14.48 12.74
CA ASP C 292 -32.41 15.28 11.57
C ASP C 292 -32.27 14.53 10.28
N ALA C 293 -32.75 13.31 10.25
CA ALA C 293 -32.76 12.53 9.04
C ALA C 293 -33.79 13.03 8.04
N ASP C 294 -33.62 12.64 6.79
CA ASP C 294 -34.59 12.88 5.80
C ASP C 294 -35.46 11.70 6.01
N LEU C 295 -36.61 11.92 6.59
CA LEU C 295 -37.51 10.88 6.91
C LEU C 295 -38.04 10.07 5.75
N GLU C 296 -38.25 10.65 4.61
CA GLU C 296 -38.78 9.81 3.54
C GLU C 296 -37.76 8.82 3.03
N GLU C 297 -36.52 9.24 2.90
CA GLU C 297 -35.45 8.33 2.47
C GLU C 297 -35.16 7.25 3.53
N ALA C 298 -35.29 7.63 4.81
CA ALA C 298 -34.96 6.74 5.92
C ALA C 298 -36.00 5.66 6.15
N ILE C 299 -37.26 6.02 5.94
CA ILE C 299 -38.34 5.05 6.03
C ILE C 299 -38.14 3.95 4.99
N ASN C 300 -37.86 4.32 3.74
CA ASN C 300 -37.63 3.33 2.67
C ASN C 300 -36.41 2.49 2.88
N GLY C 301 -35.31 3.12 3.27
CA GLY C 301 -34.13 2.37 3.73
C GLY C 301 -34.37 1.41 4.89
N ALA C 302 -35.18 1.82 5.87
CA ALA C 302 -35.51 0.98 7.04
C ALA C 302 -36.32 -0.20 6.61
N PHE C 303 -37.21 0.02 5.67
CA PHE C 303 -38.01 -1.06 5.17
C PHE C 303 -37.25 -2.02 4.23
N GLN C 304 -36.48 -1.51 3.29
CA GLN C 304 -35.71 -2.38 2.45
C GLN C 304 -34.69 -3.09 3.27
N GLY C 305 -34.20 -2.43 4.29
CA GLY C 305 -33.18 -2.93 5.15
C GLY C 305 -33.41 -4.23 5.82
N ILE C 306 -34.64 -4.47 6.15
CA ILE C 306 -35.09 -5.72 6.75
C ILE C 306 -35.76 -6.64 5.71
N MET C 307 -36.63 -6.10 4.87
CA MET C 307 -37.43 -6.94 3.98
C MET C 307 -36.69 -7.46 2.70
N TYR C 308 -35.55 -6.87 2.38
CA TYR C 308 -34.81 -7.30 1.22
C TYR C 308 -34.40 -8.76 1.41
N ASN C 309 -34.62 -9.56 0.38
CA ASN C 309 -34.33 -10.97 0.42
C ASN C 309 -35.10 -11.70 1.50
N HIS C 310 -36.32 -11.27 1.71
CA HIS C 310 -37.24 -11.78 2.69
C HIS C 310 -36.67 -11.78 4.10
N GLY C 311 -35.80 -10.82 4.43
CA GLY C 311 -35.07 -10.84 5.73
C GLY C 311 -34.08 -11.97 5.97
N GLN C 312 -33.79 -12.73 4.94
CA GLN C 312 -32.84 -13.82 5.00
C GLN C 312 -31.52 -13.25 4.57
N ASN C 313 -30.96 -12.47 5.44
CA ASN C 313 -29.79 -11.75 5.21
C ASN C 313 -29.12 -11.44 6.50
N CYS C 314 -27.91 -11.93 6.67
CA CYS C 314 -27.11 -11.76 7.87
C CYS C 314 -27.01 -10.29 8.35
N SER C 315 -26.89 -9.39 7.39
CA SER C 315 -26.76 -7.94 7.64
C SER C 315 -28.08 -7.14 7.69
N ALA C 316 -29.21 -7.81 7.69
CA ALA C 316 -30.50 -7.19 7.74
C ALA C 316 -30.62 -6.23 8.87
N GLY C 317 -31.32 -5.15 8.67
CA GLY C 317 -31.53 -4.18 9.69
C GLY C 317 -32.79 -4.50 10.45
N SER C 318 -32.67 -5.46 11.33
CA SER C 318 -33.75 -5.99 12.09
C SER C 318 -34.12 -5.21 13.32
N ARG C 319 -33.24 -4.34 13.76
CA ARG C 319 -33.55 -3.39 14.83
C ARG C 319 -33.64 -1.97 14.26
N VAL C 320 -34.86 -1.49 14.00
CA VAL C 320 -35.02 -0.08 13.58
C VAL C 320 -35.18 0.81 14.83
N PHE C 321 -34.14 1.58 15.16
CA PHE C 321 -34.18 2.58 16.22
C PHE C 321 -34.61 3.88 15.55
N VAL C 322 -35.59 4.55 16.13
CA VAL C 322 -36.11 5.81 15.67
C VAL C 322 -36.29 6.83 16.77
N HIS C 323 -35.77 8.02 16.58
CA HIS C 323 -35.92 9.10 17.52
C HIS C 323 -37.39 9.28 17.86
N ARG C 324 -37.74 9.44 19.13
CA ARG C 324 -39.10 9.56 19.64
C ARG C 324 -40.05 10.47 18.90
N LYS C 325 -39.55 11.63 18.58
CA LYS C 325 -40.24 12.58 17.71
C LYS C 325 -40.81 12.00 16.42
N HIS C 326 -40.19 10.97 15.83
CA HIS C 326 -40.68 10.34 14.58
C HIS C 326 -41.08 8.89 14.69
N TYR C 327 -41.06 8.32 15.87
CA TYR C 327 -41.40 6.92 16.05
C TYR C 327 -42.74 6.49 15.44
N GLU C 328 -43.80 7.16 15.86
CA GLU C 328 -45.13 6.86 15.38
C GLU C 328 -45.26 7.05 13.87
N THR C 329 -44.64 8.10 13.31
CA THR C 329 -44.65 8.27 11.84
C THR C 329 -44.06 7.04 11.12
N VAL C 330 -42.90 6.56 11.60
CA VAL C 330 -42.24 5.46 10.89
C VAL C 330 -42.97 4.15 11.12
N VAL C 331 -43.53 3.92 12.31
CA VAL C 331 -44.33 2.71 12.51
C VAL C 331 -45.53 2.62 11.52
N ASP C 332 -46.34 3.67 11.44
CA ASP C 332 -47.41 3.75 10.44
C ASP C 332 -46.88 3.42 9.05
N ALA C 333 -45.83 4.09 8.60
CA ALA C 333 -45.24 3.84 7.28
C ALA C 333 -44.74 2.39 7.12
N LEU C 334 -44.05 1.86 8.11
CA LEU C 334 -43.55 0.47 7.98
C LEU C 334 -44.70 -0.56 7.95
N VAL C 335 -45.74 -0.34 8.76
CA VAL C 335 -46.96 -1.18 8.73
C VAL C 335 -47.64 -1.13 7.32
N LYS C 336 -47.87 0.09 6.84
CA LYS C 336 -48.44 0.29 5.50
C LYS C 336 -47.68 -0.53 4.48
N MET C 337 -46.36 -0.37 4.48
CA MET C 337 -45.46 -1.02 3.50
C MET C 337 -45.32 -2.51 3.71
N ALA C 338 -45.30 -2.94 4.97
CA ALA C 338 -45.36 -4.37 5.30
C ALA C 338 -46.55 -5.06 4.64
N ASN C 339 -47.76 -4.51 4.74
CA ASN C 339 -48.93 -5.18 4.13
C ASN C 339 -49.03 -5.01 2.59
N ASN C 340 -48.33 -4.03 2.01
CA ASN C 340 -48.34 -3.81 0.56
C ASN C 340 -47.47 -4.76 -0.21
N VAL C 341 -46.57 -5.46 0.46
CA VAL C 341 -45.68 -6.37 -0.24
C VAL C 341 -46.48 -7.49 -0.93
N LYS C 342 -46.22 -7.65 -2.21
CA LYS C 342 -46.86 -8.68 -3.00
C LYS C 342 -46.09 -10.03 -2.86
N LEU C 343 -46.73 -11.00 -2.20
CA LEU C 343 -46.20 -12.35 -1.95
C LEU C 343 -46.59 -13.30 -3.07
N GLY C 344 -45.65 -14.11 -3.49
CA GLY C 344 -45.88 -15.03 -4.59
C GLY C 344 -44.58 -15.76 -4.92
N ALA C 345 -44.66 -16.60 -5.93
CA ALA C 345 -43.52 -17.42 -6.35
C ALA C 345 -42.58 -16.53 -7.13
N GLY C 346 -41.29 -16.83 -6.99
CA GLY C 346 -40.22 -16.05 -7.61
C GLY C 346 -40.31 -16.02 -9.13
N MET C 347 -40.84 -17.07 -9.71
CA MET C 347 -41.01 -17.11 -11.12
C MET C 347 -42.21 -16.35 -11.69
N GLU C 348 -42.96 -15.66 -10.86
CA GLU C 348 -44.07 -14.89 -11.34
C GLU C 348 -43.58 -13.47 -11.35
N LYS C 349 -43.90 -12.75 -12.39
CA LYS C 349 -43.44 -11.38 -12.58
C LYS C 349 -43.86 -10.31 -11.57
N GLU C 350 -45.02 -10.44 -10.99
CA GLU C 350 -45.50 -9.45 -10.06
C GLU C 350 -44.96 -9.54 -8.66
N THR C 351 -44.26 -10.62 -8.38
CA THR C 351 -43.70 -10.85 -7.05
C THR C 351 -42.61 -9.93 -6.56
N GLU C 352 -42.81 -9.42 -5.36
CA GLU C 352 -41.82 -8.60 -4.68
C GLU C 352 -41.10 -9.39 -3.60
N MET C 353 -41.78 -10.26 -2.88
CA MET C 353 -41.13 -11.14 -1.92
C MET C 353 -41.64 -12.58 -2.09
N GLY C 354 -40.67 -13.51 -2.06
CA GLY C 354 -40.92 -14.94 -2.13
C GLY C 354 -41.09 -15.59 -0.79
N PRO C 355 -41.07 -16.88 -0.75
CA PRO C 355 -41.18 -17.58 0.50
C PRO C 355 -39.83 -17.72 1.18
N LEU C 356 -39.88 -18.38 2.28
CA LEU C 356 -38.74 -18.68 3.05
C LEU C 356 -38.20 -19.92 2.36
N VAL C 357 -36.93 -20.20 2.54
CA VAL C 357 -36.26 -21.30 1.89
C VAL C 357 -36.69 -22.71 2.12
N SER C 358 -37.17 -22.98 3.30
CA SER C 358 -37.52 -24.35 3.71
C SER C 358 -38.69 -24.39 4.70
N LYS C 359 -39.24 -25.59 4.89
CA LYS C 359 -40.22 -25.79 5.95
C LYS C 359 -39.59 -25.46 7.29
N LYS C 360 -38.40 -26.00 7.58
CA LYS C 360 -37.72 -25.76 8.86
C LYS C 360 -37.59 -24.25 9.20
N GLN C 361 -37.13 -23.46 8.23
CA GLN C 361 -37.07 -22.01 8.36
C GLN C 361 -38.43 -21.34 8.66
N GLN C 362 -39.48 -21.66 7.92
CA GLN C 362 -40.81 -21.07 8.19
C GLN C 362 -41.23 -21.38 9.62
N GLU C 363 -41.03 -22.63 10.07
CA GLU C 363 -41.36 -23.00 11.44
C GLU C 363 -40.54 -22.16 12.43
N ARG C 364 -39.27 -21.98 12.16
CA ARG C 364 -38.39 -21.18 12.94
C ARG C 364 -38.78 -19.73 13.07
N VAL C 365 -39.17 -19.07 12.01
CA VAL C 365 -39.55 -17.67 12.08
C VAL C 365 -40.95 -17.48 12.59
N LEU C 366 -41.80 -18.47 12.38
CA LEU C 366 -43.15 -18.42 12.87
C LEU C 366 -43.10 -18.67 14.33
N ASN C 367 -42.18 -19.50 14.76
CA ASN C 367 -41.98 -19.71 16.18
C ASN C 367 -41.29 -18.51 16.89
N TYR C 368 -40.45 -17.76 16.20
CA TYR C 368 -39.94 -16.52 16.80
C TYR C 368 -41.05 -15.48 17.01
N ILE C 369 -42.04 -15.48 16.14
CA ILE C 369 -43.15 -14.55 16.22
C ILE C 369 -44.01 -14.86 17.45
N GLU C 370 -44.33 -16.15 17.65
CA GLU C 370 -45.09 -16.55 18.84
C GLU C 370 -44.35 -16.11 20.12
N GLN C 371 -43.05 -16.40 20.16
CA GLN C 371 -42.18 -16.03 21.31
C GLN C 371 -42.23 -14.52 21.61
N GLY C 372 -42.27 -13.70 20.56
CA GLY C 372 -42.49 -12.27 20.70
C GLY C 372 -43.85 -11.86 21.26
N LYS C 373 -44.94 -12.49 20.80
CA LYS C 373 -46.27 -12.17 21.35
C LYS C 373 -46.31 -12.53 22.83
N LYS C 374 -45.84 -13.71 23.13
CA LYS C 374 -45.83 -14.23 24.45
C LYS C 374 -44.91 -13.55 25.41
N GLU C 375 -44.04 -12.73 24.90
CA GLU C 375 -43.14 -12.01 25.73
C GLU C 375 -43.70 -10.62 25.94
N GLY C 376 -44.73 -10.31 25.18
CA GLY C 376 -45.48 -9.06 25.41
C GLY C 376 -45.38 -7.99 24.34
N ALA C 377 -44.53 -8.21 23.33
CA ALA C 377 -44.53 -7.36 22.12
C ALA C 377 -45.87 -7.42 21.41
N THR C 378 -46.15 -6.41 20.59
CA THR C 378 -47.36 -6.44 19.81
C THR C 378 -47.03 -6.42 18.32
N VAL C 379 -47.80 -7.19 17.56
CA VAL C 379 -47.61 -7.31 16.14
C VAL C 379 -48.53 -6.29 15.49
N ALA C 380 -47.90 -5.18 15.07
CA ALA C 380 -48.53 -4.13 14.32
C ALA C 380 -48.82 -4.50 12.85
N ALA C 381 -48.15 -5.54 12.32
CA ALA C 381 -48.47 -6.06 10.96
C ALA C 381 -47.89 -7.46 10.78
N GLY C 382 -48.59 -8.30 10.04
CA GLY C 382 -48.09 -9.62 9.68
C GLY C 382 -48.20 -10.66 10.79
N GLY C 383 -47.09 -11.31 11.10
CA GLY C 383 -47.04 -12.22 12.23
C GLY C 383 -47.65 -13.59 12.03
N GLU C 384 -47.77 -14.02 10.78
CA GLU C 384 -48.35 -15.33 10.44
C GLU C 384 -47.95 -15.76 9.02
N ARG C 385 -48.23 -17.03 8.69
CA ARG C 385 -48.01 -17.56 7.36
C ARG C 385 -48.90 -16.89 6.34
N ALA C 386 -48.53 -17.02 5.06
CA ALA C 386 -49.30 -16.49 3.94
C ALA C 386 -49.52 -17.56 2.88
N LEU C 387 -50.65 -17.46 2.17
CA LEU C 387 -51.01 -18.32 1.03
C LEU C 387 -51.32 -19.79 1.35
N GLU C 388 -51.66 -20.52 0.32
CA GLU C 388 -52.04 -21.92 0.42
C GLU C 388 -50.92 -22.91 0.51
N LYS C 389 -49.88 -22.76 -0.30
CA LYS C 389 -48.69 -23.60 -0.25
C LYS C 389 -47.47 -22.73 -0.32
N GLY C 390 -46.30 -23.28 -0.03
CA GLY C 390 -45.07 -22.55 0.00
C GLY C 390 -44.72 -22.14 1.42
N TYR C 391 -43.46 -21.87 1.66
CA TYR C 391 -43.03 -21.50 2.99
C TYR C 391 -43.07 -20.01 3.27
N PHE C 392 -44.21 -19.39 3.03
CA PHE C 392 -44.39 -17.97 3.19
C PHE C 392 -44.79 -17.45 4.55
N VAL C 393 -44.21 -16.34 4.93
CA VAL C 393 -44.48 -15.64 6.15
C VAL C 393 -44.74 -14.21 5.77
N LYS C 394 -45.74 -13.60 6.36
CA LYS C 394 -46.06 -12.24 6.09
C LYS C 394 -45.05 -11.27 6.64
N PRO C 395 -44.72 -10.20 5.82
CA PRO C 395 -43.82 -9.22 6.42
C PRO C 395 -44.37 -8.73 7.76
N THR C 396 -43.55 -8.71 8.79
CA THR C 396 -43.95 -8.40 10.16
C THR C 396 -43.25 -7.29 10.88
N VAL C 397 -44.03 -6.47 11.54
CA VAL C 397 -43.54 -5.32 12.30
C VAL C 397 -43.92 -5.48 13.75
N PHE C 398 -42.92 -5.57 14.65
CA PHE C 398 -43.14 -5.60 16.11
C PHE C 398 -42.96 -4.23 16.79
N THR C 399 -43.89 -3.90 17.67
CA THR C 399 -43.83 -2.71 18.48
C THR C 399 -43.93 -3.13 19.91
N ASP C 400 -43.76 -2.16 20.80
CA ASP C 400 -43.77 -2.32 22.25
C ASP C 400 -42.80 -3.39 22.62
N VAL C 401 -41.56 -3.15 22.30
CA VAL C 401 -40.53 -4.12 22.52
C VAL C 401 -39.49 -3.58 23.49
N THR C 402 -38.77 -4.44 24.16
CA THR C 402 -37.74 -4.01 25.06
C THR C 402 -36.48 -4.68 24.64
N ASP C 403 -35.35 -4.14 25.02
CA ASP C 403 -34.06 -4.70 24.63
C ASP C 403 -33.81 -6.06 25.18
N ASP C 404 -34.57 -6.36 26.19
CA ASP C 404 -34.56 -7.54 26.94
C ASP C 404 -35.15 -8.73 26.26
N MET C 405 -36.07 -8.50 25.35
CA MET C 405 -36.79 -9.56 24.65
C MET C 405 -35.95 -10.34 23.66
N THR C 406 -36.24 -11.63 23.60
CA THR C 406 -35.73 -12.60 22.62
C THR C 406 -35.81 -12.07 21.17
N ILE C 407 -37.00 -11.66 20.71
CA ILE C 407 -37.11 -11.16 19.34
C ILE C 407 -36.16 -10.00 19.03
N VAL C 408 -35.64 -9.29 20.04
CA VAL C 408 -34.71 -8.18 19.75
C VAL C 408 -33.21 -8.51 19.90
N LYS C 409 -32.86 -9.55 20.66
CA LYS C 409 -31.46 -10.00 20.75
C LYS C 409 -31.06 -11.00 19.66
N GLU C 410 -31.97 -11.90 19.30
CA GLU C 410 -31.67 -13.08 18.47
C GLU C 410 -32.03 -12.85 17.01
N GLU C 411 -31.20 -13.41 16.13
CA GLU C 411 -31.37 -13.33 14.68
C GLU C 411 -32.52 -14.26 14.29
N ILE C 412 -33.56 -13.65 13.73
CA ILE C 412 -34.76 -14.33 13.34
C ILE C 412 -34.61 -14.91 11.94
N PHE C 413 -33.97 -14.14 11.05
CA PHE C 413 -33.69 -14.54 9.66
C PHE C 413 -34.95 -14.65 8.79
N GLY C 414 -35.85 -13.71 8.98
CA GLY C 414 -37.07 -13.66 8.26
C GLY C 414 -37.53 -12.27 8.08
N PRO C 415 -38.71 -12.10 7.38
CA PRO C 415 -39.15 -10.71 7.17
C PRO C 415 -39.81 -10.02 8.37
N VAL C 416 -39.06 -9.94 9.46
CA VAL C 416 -39.50 -9.45 10.74
C VAL C 416 -38.68 -8.32 11.33
N VAL C 417 -39.29 -7.22 11.64
CA VAL C 417 -38.58 -6.06 12.10
C VAL C 417 -39.18 -5.66 13.43
N VAL C 418 -38.32 -5.03 14.21
CA VAL C 418 -38.60 -4.63 15.55
C VAL C 418 -38.28 -3.12 15.55
N VAL C 419 -39.23 -2.31 15.98
CA VAL C 419 -39.08 -0.86 15.94
C VAL C 419 -38.97 -0.31 17.38
N LEU C 420 -37.94 0.51 17.67
CA LEU C 420 -37.56 0.87 19.06
C LEU C 420 -37.41 2.38 19.17
N PRO C 421 -38.20 3.02 20.04
CA PRO C 421 -37.98 4.45 20.22
C PRO C 421 -36.73 4.68 21.08
N PHE C 422 -36.03 5.81 20.86
CA PHE C 422 -34.89 6.28 21.71
C PHE C 422 -35.02 7.78 21.83
N ASP C 423 -34.37 8.36 22.83
CA ASP C 423 -34.44 9.81 23.14
C ASP C 423 -33.14 10.63 22.96
N SER C 424 -31.99 9.96 22.85
CA SER C 424 -30.70 10.66 22.77
C SER C 424 -29.68 9.84 22.01
N THR C 425 -28.73 10.56 21.42
CA THR C 425 -27.72 9.95 20.61
C THR C 425 -26.81 9.04 21.45
N GLU C 426 -26.43 9.45 22.66
CA GLU C 426 -25.60 8.54 23.47
C GLU C 426 -26.37 7.23 23.85
N GLU C 427 -27.67 7.36 24.05
CA GLU C 427 -28.47 6.20 24.42
C GLU C 427 -28.51 5.17 23.27
N VAL C 428 -28.86 5.63 22.06
CA VAL C 428 -28.94 4.76 20.88
C VAL C 428 -27.62 4.08 20.54
N ILE C 429 -26.51 4.79 20.66
CA ILE C 429 -25.22 4.18 20.39
C ILE C 429 -25.00 2.97 21.32
N GLU C 430 -25.32 3.14 22.58
CA GLU C 430 -25.09 2.13 23.58
C GLU C 430 -26.00 0.93 23.38
N ARG C 431 -27.25 1.19 23.07
CA ARG C 431 -28.25 0.13 22.82
C ARG C 431 -27.95 -0.65 21.52
N ALA C 432 -27.54 0.05 20.48
CA ALA C 432 -27.04 -0.58 19.25
C ALA C 432 -25.85 -1.46 19.49
N ASN C 433 -24.91 -1.00 20.29
CA ASN C 433 -23.68 -1.75 20.54
C ASN C 433 -23.82 -2.86 21.55
N ASN C 434 -24.84 -2.81 22.36
CA ASN C 434 -25.09 -3.83 23.33
C ASN C 434 -25.69 -5.00 22.63
N SER C 435 -24.80 -5.77 22.07
CA SER C 435 -25.12 -6.91 21.29
C SER C 435 -23.84 -7.70 21.19
N SER C 436 -24.01 -8.96 20.84
CA SER C 436 -22.97 -9.93 20.66
C SER C 436 -22.60 -9.88 19.22
N TYR C 437 -23.47 -9.32 18.44
CA TYR C 437 -23.30 -9.16 17.01
C TYR C 437 -22.76 -7.75 16.67
N GLY C 438 -22.24 -7.61 15.46
CA GLY C 438 -21.74 -6.32 14.97
C GLY C 438 -21.32 -6.49 13.52
N LEU C 439 -22.25 -6.94 12.69
CA LEU C 439 -21.96 -7.18 11.30
C LEU C 439 -22.09 -5.87 10.51
N ALA C 440 -23.20 -5.15 10.78
CA ALA C 440 -23.53 -3.93 10.06
C ALA C 440 -24.37 -2.95 10.87
N ALA C 441 -24.47 -1.74 10.35
CA ALA C 441 -25.33 -0.73 10.95
C ALA C 441 -25.67 0.38 9.97
N GLY C 442 -26.78 1.04 10.22
CA GLY C 442 -27.18 2.14 9.42
C GLY C 442 -27.47 3.33 10.29
N VAL C 443 -27.11 4.51 9.79
CA VAL C 443 -27.37 5.72 10.49
C VAL C 443 -27.89 6.73 9.48
N TRP C 444 -29.03 7.33 9.84
CA TRP C 444 -29.75 8.29 9.02
C TRP C 444 -29.76 9.66 9.72
N THR C 445 -29.06 10.63 9.10
CA THR C 445 -28.91 11.97 9.65
C THR C 445 -28.37 12.84 8.56
N GLN C 446 -28.93 14.04 8.44
CA GLN C 446 -28.50 15.04 7.45
C GLN C 446 -27.25 15.79 7.90
N ASN C 447 -26.80 15.58 9.14
CA ASN C 447 -25.72 16.38 9.70
C ASN C 447 -24.36 15.70 9.52
N ILE C 448 -23.42 16.42 8.91
CA ILE C 448 -22.10 15.94 8.57
C ILE C 448 -21.29 15.36 9.70
N LYS C 449 -21.30 16.07 10.80
CA LYS C 449 -20.57 15.74 11.97
C LYS C 449 -21.17 14.56 12.66
N THR C 450 -22.45 14.60 12.88
CA THR C 450 -23.13 13.57 13.59
C THR C 450 -23.14 12.25 12.88
N GLY C 451 -23.16 12.28 11.56
CA GLY C 451 -23.07 11.12 10.70
C GLY C 451 -21.78 10.37 10.90
N HIS C 452 -20.64 11.01 10.83
CA HIS C 452 -19.33 10.36 11.12
C HIS C 452 -19.02 10.04 12.57
N GLN C 453 -19.60 10.76 13.50
CA GLN C 453 -19.39 10.54 14.90
C GLN C 453 -20.03 9.25 15.31
N VAL C 454 -21.21 9.01 14.78
CA VAL C 454 -22.00 7.84 15.06
C VAL C 454 -21.36 6.68 14.35
N ALA C 455 -21.06 6.85 13.08
CA ALA C 455 -20.36 5.85 12.30
C ALA C 455 -19.11 5.35 13.01
N ASN C 456 -18.32 6.23 13.56
CA ASN C 456 -17.13 5.83 14.25
C ASN C 456 -17.40 5.06 15.50
N LYS C 457 -18.38 5.49 16.24
CA LYS C 457 -18.79 4.93 17.48
C LYS C 457 -19.46 3.55 17.48
N LEU C 458 -20.00 3.10 16.36
CA LEU C 458 -20.73 1.82 16.27
C LEU C 458 -19.79 0.63 16.03
N LYS C 459 -20.04 -0.44 16.78
CA LYS C 459 -19.20 -1.63 16.71
C LYS C 459 -19.77 -2.52 15.61
N ALA C 460 -19.40 -2.23 14.37
CA ALA C 460 -19.98 -2.90 13.20
C ALA C 460 -19.05 -2.85 12.01
N GLY C 461 -18.97 -3.98 11.31
CA GLY C 461 -18.09 -4.13 10.16
C GLY C 461 -18.29 -3.14 9.05
N THR C 462 -19.56 -2.86 8.72
CA THR C 462 -19.83 -1.81 7.73
C THR C 462 -20.95 -0.91 8.20
N VAL C 463 -20.72 0.38 8.09
CA VAL C 463 -21.70 1.36 8.46
C VAL C 463 -22.11 2.09 7.20
N TRP C 464 -23.41 2.25 7.06
CA TRP C 464 -24.02 2.98 5.99
C TRP C 464 -24.59 4.27 6.57
N ILE C 465 -24.23 5.41 6.00
CA ILE C 465 -24.75 6.69 6.43
C ILE C 465 -25.71 7.12 5.36
N ASN C 466 -26.99 7.12 5.70
CA ASN C 466 -28.08 7.49 4.82
C ASN C 466 -28.24 6.55 3.67
N ASP C 467 -28.12 5.29 3.95
CA ASP C 467 -28.32 4.27 2.99
C ASP C 467 -28.30 2.96 3.73
N TYR C 468 -28.58 1.86 3.07
CA TYR C 468 -28.57 0.53 3.72
C TYR C 468 -28.43 -0.58 2.71
N ASN C 469 -27.84 -1.69 3.14
CA ASN C 469 -27.69 -2.93 2.38
C ASN C 469 -26.80 -2.87 1.14
N LEU C 470 -25.88 -1.96 1.05
CA LEU C 470 -25.00 -1.90 -0.07
C LEU C 470 -23.71 -2.76 -0.01
N GLU C 471 -23.46 -3.51 -1.07
CA GLU C 471 -22.30 -4.36 -1.13
C GLU C 471 -21.65 -4.10 -2.45
N ASN C 472 -20.33 -4.25 -2.51
CA ASN C 472 -19.56 -4.10 -3.70
C ASN C 472 -18.27 -4.85 -3.61
N ALA C 473 -17.83 -5.42 -4.71
CA ALA C 473 -16.62 -6.22 -4.74
C ALA C 473 -15.44 -5.47 -4.08
N ALA C 474 -15.40 -4.16 -4.27
CA ALA C 474 -14.26 -3.35 -3.85
C ALA C 474 -14.20 -2.99 -2.35
N ALA C 475 -15.33 -3.09 -1.67
CA ALA C 475 -15.48 -2.62 -0.28
C ALA C 475 -15.53 -3.82 0.62
N PRO C 476 -14.63 -3.88 1.63
CA PRO C 476 -14.62 -5.04 2.53
C PRO C 476 -15.92 -5.24 3.31
N PHE C 477 -16.27 -6.50 3.57
CA PHE C 477 -17.45 -6.87 4.34
C PHE C 477 -17.15 -7.94 5.37
N GLY C 478 -17.55 -7.73 6.60
CA GLY C 478 -17.36 -8.66 7.69
C GLY C 478 -17.74 -8.12 9.04
N GLY C 479 -17.80 -8.98 10.04
CA GLY C 479 -18.18 -8.55 11.36
C GLY C 479 -17.25 -8.50 12.55
N TYR C 480 -17.58 -7.62 13.48
CA TYR C 480 -16.89 -7.43 14.76
C TYR C 480 -17.50 -8.45 15.69
N LYS C 481 -16.86 -8.74 16.81
CA LYS C 481 -17.40 -9.63 17.84
C LYS C 481 -17.89 -10.99 17.26
N GLN C 482 -19.12 -11.43 17.58
CA GLN C 482 -19.61 -12.74 17.17
C GLN C 482 -20.25 -12.75 15.78
N SER C 483 -20.11 -11.70 15.04
CA SER C 483 -20.58 -11.71 13.68
C SER C 483 -19.51 -12.24 12.72
N GLY C 484 -18.30 -12.46 13.21
CA GLY C 484 -17.22 -13.03 12.41
C GLY C 484 -15.76 -12.79 12.74
N ILE C 485 -14.90 -13.38 11.92
CA ILE C 485 -13.45 -13.23 11.94
C ILE C 485 -13.01 -13.01 10.50
N GLY C 486 -12.38 -11.89 10.25
CA GLY C 486 -11.89 -11.54 8.95
C GLY C 486 -12.86 -10.82 8.04
N ARG C 487 -12.39 -10.52 6.86
CA ARG C 487 -13.20 -9.83 5.90
C ARG C 487 -13.17 -10.45 4.54
N GLU C 488 -14.31 -10.42 3.89
CA GLU C 488 -14.42 -10.79 2.49
C GLU C 488 -14.68 -9.54 1.66
N LEU C 489 -14.40 -9.66 0.36
CA LEU C 489 -14.45 -8.53 -0.60
C LEU C 489 -13.30 -7.59 -0.39
N GLY C 490 -13.12 -6.71 -1.36
CA GLY C 490 -12.05 -5.70 -1.34
C GLY C 490 -10.68 -6.35 -1.49
N SER C 491 -9.65 -5.54 -1.27
CA SER C 491 -8.28 -6.01 -1.21
C SER C 491 -8.09 -6.93 -0.01
N TYR C 492 -8.78 -6.58 1.08
CA TYR C 492 -8.66 -7.24 2.38
C TYR C 492 -8.80 -8.74 2.22
N ALA C 493 -9.75 -9.18 1.41
CA ALA C 493 -10.04 -10.59 1.28
C ALA C 493 -8.85 -11.43 0.79
N LEU C 494 -7.93 -10.84 0.06
CA LEU C 494 -6.79 -11.59 -0.51
C LEU C 494 -5.92 -12.17 0.59
N ASP C 495 -5.81 -11.42 1.68
CA ASP C 495 -4.97 -11.80 2.84
C ASP C 495 -5.39 -13.13 3.47
N ASN C 496 -6.66 -13.45 3.49
CA ASN C 496 -7.11 -14.70 4.10
C ASN C 496 -6.61 -15.88 3.30
N TYR C 497 -6.35 -15.67 2.00
CA TYR C 497 -5.99 -16.77 1.15
C TYR C 497 -4.50 -16.75 0.86
N THR C 498 -3.75 -16.03 1.69
CA THR C 498 -2.35 -15.79 1.44
C THR C 498 -1.51 -16.25 2.63
N GLU C 499 -0.34 -16.75 2.34
CA GLU C 499 0.62 -17.10 3.36
C GLU C 499 1.86 -16.26 3.06
N VAL C 500 2.22 -15.43 4.03
CA VAL C 500 3.31 -14.44 3.93
C VAL C 500 4.69 -15.08 4.24
N LYS C 501 5.60 -15.03 3.26
CA LYS C 501 6.97 -15.53 3.42
C LYS C 501 7.98 -14.40 3.38
N SER C 502 8.78 -14.27 4.44
CA SER C 502 9.88 -13.30 4.53
C SER C 502 11.22 -13.95 4.15
N VAL C 503 11.84 -13.44 3.11
CA VAL C 503 13.08 -13.96 2.56
C VAL C 503 14.19 -12.95 2.90
N TRP C 504 15.32 -13.44 3.33
CA TRP C 504 16.49 -12.66 3.64
C TRP C 504 17.59 -13.20 2.78
N VAL C 505 18.21 -12.35 2.00
CA VAL C 505 19.31 -12.75 1.17
C VAL C 505 20.52 -11.98 1.57
N ASN C 506 21.49 -12.71 2.07
CA ASN C 506 22.78 -12.21 2.48
C ASN C 506 23.52 -11.84 1.23
N ILE C 507 23.81 -10.58 1.11
CA ILE C 507 24.56 -10.02 0.01
C ILE C 507 25.80 -9.27 0.51
N LYS C 508 26.14 -9.46 1.75
CA LYS C 508 27.29 -8.79 2.30
C LYS C 508 28.52 -9.49 1.78
N THR D 18 4.99 45.34 27.31
CA THR D 18 5.29 44.00 27.91
C THR D 18 6.27 43.20 27.01
N ASN D 19 7.57 43.30 27.26
CA ASN D 19 8.60 42.68 26.40
C ASN D 19 8.92 41.26 26.84
N ILE D 20 9.11 40.36 25.87
CA ILE D 20 9.58 38.99 26.12
C ILE D 20 11.09 39.04 26.23
N GLU D 21 11.64 38.53 27.31
CA GLU D 21 13.08 38.56 27.48
C GLU D 21 13.82 37.55 26.66
N LEU D 22 14.77 38.06 25.93
CA LEU D 22 15.61 37.28 25.09
C LEU D 22 16.36 36.23 25.82
N LYS D 23 16.26 35.02 25.30
CA LYS D 23 16.93 33.84 25.76
C LYS D 23 18.43 34.02 25.63
N PRO D 24 19.19 33.65 26.65
CA PRO D 24 20.66 33.84 26.58
C PRO D 24 21.40 33.14 25.44
N LYS D 25 20.92 31.99 25.00
CA LYS D 25 21.49 31.26 23.89
C LYS D 25 21.24 31.95 22.56
N VAL D 26 20.18 32.73 22.46
CA VAL D 26 19.89 33.46 21.24
C VAL D 26 20.63 34.79 21.23
N GLU D 27 20.95 35.28 22.40
CA GLU D 27 21.69 36.49 22.62
C GLU D 27 23.15 36.21 22.21
N ALA D 28 23.69 35.12 22.67
CA ALA D 28 25.05 34.69 22.32
C ALA D 28 25.15 34.51 20.79
N PHE D 29 24.14 33.88 20.18
CA PHE D 29 24.10 33.60 18.74
C PHE D 29 24.06 34.85 17.86
N LEU D 30 23.25 35.83 18.25
CA LEU D 30 23.22 37.12 17.56
C LEU D 30 24.43 38.01 17.82
N ASN D 31 25.16 37.78 18.88
CA ASN D 31 26.33 38.55 19.18
C ASN D 31 27.43 38.33 18.20
N GLU D 32 27.26 37.43 17.26
CA GLU D 32 28.30 37.14 16.33
C GLU D 32 27.87 37.06 14.92
N GLU D 33 28.86 37.03 14.03
CA GLU D 33 28.66 36.86 12.63
C GLU D 33 28.03 35.50 12.49
N ILE D 34 27.03 35.39 11.64
CA ILE D 34 26.36 34.14 11.43
C ILE D 34 26.93 33.34 10.29
N LYS D 35 27.50 32.22 10.64
CA LYS D 35 28.10 31.31 9.72
C LYS D 35 27.17 30.33 9.05
N MET D 36 27.58 29.86 7.89
CA MET D 36 26.87 28.88 7.13
C MET D 36 27.36 27.52 7.57
N PHE D 37 26.73 26.47 7.10
CA PHE D 37 27.04 25.13 7.57
C PHE D 37 27.34 24.15 6.42
N ILE D 38 28.61 23.78 6.26
CA ILE D 38 29.02 22.95 5.16
C ILE D 38 29.92 21.87 5.68
N ASN D 39 29.68 20.65 5.26
CA ASN D 39 30.48 19.51 5.63
C ASN D 39 30.70 19.39 7.12
N GLY D 40 29.62 19.52 7.85
CA GLY D 40 29.59 19.48 9.27
C GLY D 40 30.25 20.59 10.06
N GLU D 41 30.84 21.55 9.41
CA GLU D 41 31.63 22.59 10.04
C GLU D 41 30.89 23.91 9.83
N PHE D 42 31.13 24.88 10.68
CA PHE D 42 30.52 26.16 10.56
C PHE D 42 31.53 27.07 9.93
N VAL D 43 31.16 27.61 8.79
CA VAL D 43 32.08 28.38 8.03
C VAL D 43 31.60 29.70 7.51
N SER D 44 32.52 30.45 7.03
CA SER D 44 32.26 31.71 6.41
C SER D 44 32.23 31.46 4.94
N ALA D 45 31.80 32.41 4.18
CA ALA D 45 31.88 32.32 2.72
C ALA D 45 33.33 32.36 2.31
N ILE D 46 33.68 31.59 1.29
CA ILE D 46 35.05 31.56 0.77
C ILE D 46 35.54 32.98 0.43
N GLY D 47 34.65 33.77 -0.17
CA GLY D 47 34.93 35.16 -0.52
C GLY D 47 34.83 36.19 0.61
N GLY D 48 34.25 35.82 1.75
CA GLY D 48 34.19 36.68 2.93
C GLY D 48 32.99 37.61 2.98
N LYS D 49 32.11 37.55 1.97
CA LYS D 49 30.93 38.41 1.85
C LYS D 49 29.86 38.14 2.90
N THR D 50 29.08 39.17 3.18
CA THR D 50 28.06 39.12 4.21
C THR D 50 26.87 39.95 3.76
N PHE D 51 25.75 39.75 4.41
CA PHE D 51 24.56 40.51 4.16
C PHE D 51 23.84 40.58 5.45
N GLU D 52 22.89 41.47 5.53
CA GLU D 52 22.14 41.62 6.73
C GLU D 52 20.71 41.19 6.73
N THR D 53 20.27 40.56 7.79
CA THR D 53 18.89 40.22 7.95
C THR D 53 18.35 41.24 8.96
N TYR D 54 17.11 41.66 8.84
CA TYR D 54 16.53 42.62 9.76
C TYR D 54 15.46 42.13 10.70
N ASN D 55 15.06 42.96 11.64
CA ASN D 55 13.94 42.74 12.56
C ASN D 55 12.87 43.57 11.90
N PRO D 56 11.82 42.96 11.35
CA PRO D 56 10.86 43.76 10.61
C PRO D 56 9.96 44.64 11.47
N ALA D 57 9.97 44.42 12.79
CA ALA D 57 9.24 45.26 13.75
C ALA D 57 9.92 46.62 13.97
N THR D 58 11.23 46.61 14.10
CA THR D 58 12.01 47.82 14.42
C THR D 58 12.75 48.43 13.21
N GLU D 59 13.07 47.60 12.21
CA GLU D 59 13.80 47.99 11.01
C GLU D 59 15.31 48.05 11.23
N ASP D 60 15.81 47.71 12.42
CA ASP D 60 17.27 47.68 12.68
C ASP D 60 17.87 46.41 12.12
N VAL D 61 19.19 46.41 12.01
CA VAL D 61 19.88 45.22 11.60
C VAL D 61 19.81 44.25 12.75
N LEU D 62 19.38 43.03 12.47
CA LEU D 62 19.32 41.98 13.46
C LEU D 62 20.62 41.13 13.48
N ALA D 63 21.20 40.88 12.34
CA ALA D 63 22.41 40.07 12.26
C ALA D 63 23.11 40.18 10.95
N VAL D 64 24.37 39.85 10.97
CA VAL D 64 25.15 39.86 9.79
C VAL D 64 25.53 38.44 9.57
N VAL D 65 25.18 38.00 8.39
CA VAL D 65 25.30 36.68 7.97
C VAL D 65 26.17 36.53 6.78
N CYS D 66 26.96 35.48 6.79
CA CYS D 66 27.81 35.06 5.68
C CYS D 66 26.96 34.77 4.45
N GLU D 67 27.39 35.27 3.29
CA GLU D 67 26.60 35.26 2.04
C GLU D 67 27.24 34.26 1.12
N ALA D 68 26.49 33.21 0.81
CA ALA D 68 27.01 32.15 0.01
C ALA D 68 27.00 32.58 -1.42
N GLN D 69 28.16 32.53 -2.03
CA GLN D 69 28.30 32.68 -3.46
C GLN D 69 28.30 31.30 -4.13
N GLU D 70 28.27 31.32 -5.46
CA GLU D 70 28.32 30.13 -6.31
C GLU D 70 29.38 29.14 -5.90
N GLU D 71 30.59 29.61 -5.71
CA GLU D 71 31.73 28.80 -5.12
C GLU D 71 31.37 28.01 -3.82
N ASP D 72 30.50 28.59 -3.01
CA ASP D 72 30.07 28.00 -1.78
C ASP D 72 29.03 26.90 -2.00
N ILE D 73 28.35 26.96 -3.11
CA ILE D 73 27.39 26.00 -3.48
C ILE D 73 28.11 24.81 -4.04
N ASP D 74 29.23 24.99 -4.71
CA ASP D 74 30.05 23.84 -5.16
C ASP D 74 30.60 23.10 -3.98
N ALA D 75 30.99 23.82 -2.94
CA ALA D 75 31.57 23.16 -1.80
C ALA D 75 30.48 22.36 -1.09
N ALA D 76 29.33 22.98 -0.84
CA ALA D 76 28.19 22.31 -0.24
C ALA D 76 27.81 21.02 -1.01
N VAL D 77 27.71 21.10 -2.33
CA VAL D 77 27.40 19.96 -3.24
C VAL D 77 28.49 18.86 -3.19
N LYS D 78 29.79 19.22 -3.12
CA LYS D 78 30.85 18.19 -3.05
C LYS D 78 30.72 17.41 -1.76
N ALA D 79 30.55 18.12 -0.66
CA ALA D 79 30.40 17.48 0.62
C ALA D 79 29.11 16.58 0.71
N ALA D 80 28.00 17.06 0.15
CA ALA D 80 26.75 16.28 0.05
C ALA D 80 26.98 15.03 -0.82
N ARG D 81 27.54 15.23 -2.00
CA ARG D 81 27.91 14.17 -2.90
C ARG D 81 28.77 13.11 -2.26
N SER D 82 29.70 13.54 -1.43
CA SER D 82 30.63 12.65 -0.79
C SER D 82 29.97 11.87 0.35
N ALA D 83 29.06 12.57 1.07
CA ALA D 83 28.38 11.97 2.18
C ALA D 83 27.34 10.97 1.66
N PHE D 84 26.83 11.19 0.43
CA PHE D 84 25.89 10.23 -0.16
C PHE D 84 26.56 8.93 -0.69
N GLU D 85 27.77 9.03 -1.21
CA GLU D 85 28.47 7.88 -1.85
C GLU D 85 29.28 7.00 -0.90
N SER D 86 29.76 7.54 0.21
CA SER D 86 30.48 6.74 1.19
C SER D 86 30.53 7.42 2.54
N GLY D 87 30.93 6.66 3.54
CA GLY D 87 30.94 7.16 4.90
C GLY D 87 29.70 6.66 5.61
N PRO D 88 29.57 7.03 6.88
CA PRO D 88 28.51 6.51 7.69
C PRO D 88 27.12 6.65 7.05
N TRP D 89 26.77 7.79 6.44
CA TRP D 89 25.40 7.97 5.94
C TRP D 89 25.02 6.92 4.90
N ALA D 90 26.00 6.49 4.09
CA ALA D 90 25.79 5.40 3.12
C ALA D 90 25.76 4.00 3.73
N GLU D 91 26.45 3.81 4.82
CA GLU D 91 26.57 2.54 5.51
C GLU D 91 25.48 2.26 6.48
N MET D 92 25.13 3.25 7.26
CA MET D 92 24.08 3.20 8.24
C MET D 92 22.88 2.32 7.90
N THR D 93 22.30 1.66 8.87
CA THR D 93 21.11 0.87 8.65
C THR D 93 19.98 1.88 8.74
N THR D 94 18.79 1.57 8.28
CA THR D 94 17.68 2.48 8.41
C THR D 94 17.31 2.78 9.88
N ALA D 95 17.45 1.84 10.79
CA ALA D 95 17.15 2.10 12.22
C ALA D 95 18.09 3.19 12.79
N GLU D 96 19.33 3.17 12.31
CA GLU D 96 20.31 4.16 12.65
C GLU D 96 19.99 5.55 12.04
N ARG D 97 19.64 5.63 10.75
CA ARG D 97 19.23 6.91 10.18
C ARG D 97 18.00 7.45 10.92
N ALA D 98 17.05 6.57 11.20
CA ALA D 98 15.82 6.92 11.94
C ALA D 98 16.22 7.59 13.25
N HIS D 99 17.13 6.94 13.98
CA HIS D 99 17.55 7.42 15.28
C HIS D 99 18.25 8.78 15.23
N LEU D 100 19.00 9.09 14.18
CA LEU D 100 19.49 10.46 14.04
C LEU D 100 18.37 11.50 13.87
N ILE D 101 17.37 11.18 13.05
CA ILE D 101 16.27 12.12 12.81
C ILE D 101 15.48 12.37 14.08
N TYR D 102 15.16 11.32 14.84
CA TYR D 102 14.47 11.41 16.14
C TYR D 102 15.26 12.24 17.15
N LYS D 103 16.58 12.00 17.28
CA LYS D 103 17.43 12.79 18.22
C LYS D 103 17.40 14.29 17.86
N LEU D 104 17.39 14.60 16.56
CA LEU D 104 17.23 15.95 16.08
C LEU D 104 15.95 16.51 16.59
N ALA D 105 14.85 15.78 16.43
CA ALA D 105 13.56 16.27 16.86
C ALA D 105 13.59 16.56 18.33
N ASP D 106 14.22 15.70 19.14
CA ASP D 106 14.33 15.96 20.60
C ASP D 106 15.13 17.25 20.90
N LEU D 107 16.18 17.50 20.14
CA LEU D 107 17.00 18.67 20.36
C LEU D 107 16.27 19.96 20.00
N ILE D 108 15.53 19.94 18.89
CA ILE D 108 14.71 21.10 18.48
C ILE D 108 13.70 21.44 19.57
N GLU D 109 13.07 20.42 20.11
CA GLU D 109 12.11 20.59 21.19
C GLU D 109 12.81 21.16 22.43
N GLU D 110 14.02 20.66 22.75
CA GLU D 110 14.85 21.22 23.84
C GLU D 110 15.08 22.71 23.66
N HIS D 111 15.34 23.14 22.41
CA HIS D 111 15.56 24.54 22.03
C HIS D 111 14.33 25.31 21.50
N ARG D 112 13.14 24.87 21.91
CA ARG D 112 11.91 25.47 21.42
C ARG D 112 11.83 27.00 21.62
N GLU D 113 12.18 27.49 22.80
CA GLU D 113 12.06 28.92 23.08
C GLU D 113 13.02 29.74 22.24
N GLU D 114 14.26 29.25 22.13
CA GLU D 114 15.29 29.90 21.35
C GLU D 114 14.85 30.01 19.88
N LEU D 115 14.40 28.90 19.33
CA LEU D 115 13.99 28.88 17.93
C LEU D 115 12.75 29.76 17.68
N ALA D 116 11.81 29.77 18.62
CA ALA D 116 10.59 30.58 18.44
C ALA D 116 10.85 32.09 18.50
N GLN D 117 11.82 32.47 19.34
CA GLN D 117 12.25 33.85 19.47
C GLN D 117 12.97 34.36 18.23
N LEU D 118 13.77 33.51 17.63
CA LEU D 118 14.44 33.82 16.36
C LEU D 118 13.41 34.05 15.26
N GLU D 119 12.41 33.19 15.25
CA GLU D 119 11.30 33.28 14.30
C GLU D 119 10.58 34.61 14.48
N ALA D 120 10.30 34.95 15.72
CA ALA D 120 9.66 36.18 16.03
C ALA D 120 10.46 37.41 15.73
N LEU D 121 11.76 37.35 15.86
CA LEU D 121 12.60 38.48 15.62
C LEU D 121 13.00 38.67 14.21
N ASP D 122 13.19 37.56 13.52
CA ASP D 122 13.71 37.55 12.16
C ASP D 122 12.64 37.63 11.08
N ASN D 123 11.54 36.91 11.28
CA ASN D 123 10.32 36.87 10.40
C ASN D 123 9.25 37.91 10.74
N GLY D 124 9.09 38.20 12.06
CA GLY D 124 8.13 39.17 12.57
C GLY D 124 6.92 38.64 13.33
N LYS D 125 6.66 37.35 13.22
CA LYS D 125 5.41 36.79 13.74
C LYS D 125 5.41 36.71 15.26
N PRO D 126 4.22 36.65 15.87
CA PRO D 126 4.21 36.55 17.35
C PRO D 126 4.94 35.33 17.90
N TYR D 127 5.74 35.56 18.95
CA TYR D 127 6.46 34.50 19.71
C TYR D 127 5.56 33.33 20.07
N GLN D 128 4.53 33.59 20.87
CA GLN D 128 3.64 32.52 21.30
C GLN D 128 3.11 31.67 20.13
N VAL D 129 2.84 32.28 18.96
CA VAL D 129 2.42 31.43 17.84
C VAL D 129 3.62 30.69 17.17
N ALA D 130 4.79 31.30 17.12
CA ALA D 130 5.95 30.56 16.63
C ALA D 130 6.16 29.31 17.49
N LEU D 131 6.05 29.47 18.81
CA LEU D 131 6.17 28.36 19.76
C LEU D 131 5.14 27.23 19.60
N ASP D 132 3.90 27.58 19.65
CA ASP D 132 2.84 26.65 19.58
C ASP D 132 2.63 26.00 18.25
N ASP D 133 2.79 26.74 17.18
CA ASP D 133 2.56 26.23 15.86
C ASP D 133 3.78 25.79 15.14
N ASP D 134 4.60 26.72 14.76
CA ASP D 134 5.82 26.44 14.01
C ASP D 134 6.81 25.48 14.56
N ILE D 135 7.27 25.72 15.77
CA ILE D 135 8.29 24.85 16.38
C ILE D 135 7.71 23.49 16.67
N SER D 136 6.48 23.46 17.17
CA SER D 136 5.93 22.19 17.59
C SER D 136 5.71 21.33 16.33
N ALA D 137 5.26 21.95 15.25
CA ALA D 137 5.00 21.23 14.00
C ALA D 137 6.28 20.72 13.35
N THR D 138 7.39 21.49 13.47
CA THR D 138 8.67 21.05 12.91
C THR D 138 9.21 19.84 13.65
N VAL D 139 9.13 19.83 15.00
CA VAL D 139 9.49 18.67 15.83
C VAL D 139 8.69 17.46 15.42
N GLU D 140 7.38 17.64 15.32
CA GLU D 140 6.44 16.55 14.99
C GLU D 140 6.67 16.02 13.56
N ASN D 141 7.04 16.91 12.65
CA ASN D 141 7.33 16.52 11.27
C ASN D 141 8.57 15.61 11.18
N TYR D 142 9.58 15.93 11.98
CA TYR D 142 10.80 15.13 12.01
C TYR D 142 10.57 13.78 12.69
N ARG D 143 9.77 13.79 13.75
CA ARG D 143 9.35 12.56 14.39
C ARG D 143 8.57 11.63 13.49
N TYR D 144 7.66 12.17 12.70
CA TYR D 144 6.88 11.43 11.72
C TYR D 144 7.81 10.84 10.68
N TYR D 145 8.67 11.69 10.11
CA TYR D 145 9.58 11.20 9.06
C TYR D 145 10.61 10.25 9.57
N ALA D 146 11.02 10.38 10.82
CA ALA D 146 11.94 9.39 11.37
C ALA D 146 11.29 8.02 11.35
N GLY D 147 10.00 7.99 11.56
CA GLY D 147 9.25 6.77 11.50
C GLY D 147 9.16 6.13 10.15
N TRP D 148 9.29 6.91 9.10
CA TRP D 148 9.24 6.48 7.72
C TRP D 148 10.52 5.80 7.23
N THR D 149 11.70 6.14 7.74
CA THR D 149 12.93 5.50 7.28
C THR D 149 12.95 3.96 7.23
N THR D 150 12.30 3.34 8.19
CA THR D 150 12.25 1.92 8.28
C THR D 150 11.16 1.34 7.48
N LYS D 151 10.24 2.16 7.05
CA LYS D 151 9.09 1.65 6.38
C LYS D 151 8.90 2.00 4.96
N ILE D 152 9.96 2.45 4.31
CA ILE D 152 9.91 2.81 2.90
C ILE D 152 10.09 1.61 2.05
N ILE D 153 9.02 1.00 1.63
CA ILE D 153 9.06 -0.20 0.87
C ILE D 153 8.73 -0.21 -0.62
N GLY D 154 9.36 -1.11 -1.33
CA GLY D 154 9.11 -1.32 -2.70
C GLY D 154 8.26 -2.56 -2.81
N GLN D 155 8.12 -3.07 -4.00
CA GLN D 155 7.31 -4.23 -4.23
C GLN D 155 7.90 -5.48 -4.79
N THR D 156 7.26 -6.58 -4.53
CA THR D 156 7.57 -7.84 -5.14
C THR D 156 6.34 -8.07 -5.97
N ILE D 157 6.54 -8.26 -7.24
CA ILE D 157 5.43 -8.38 -8.17
C ILE D 157 5.34 -9.76 -8.79
N PRO D 158 4.24 -10.48 -8.59
CA PRO D 158 4.16 -11.85 -9.13
C PRO D 158 3.76 -11.81 -10.59
N ILE D 159 4.67 -12.12 -11.47
CA ILE D 159 4.35 -12.02 -12.88
C ILE D 159 4.38 -13.39 -13.54
N SER D 160 5.44 -14.15 -13.26
CA SER D 160 5.53 -15.51 -13.70
C SER D 160 6.47 -16.30 -12.82
N LYS D 161 6.37 -17.62 -12.91
CA LYS D 161 7.28 -18.53 -12.19
C LYS D 161 8.74 -18.39 -12.62
N ASP D 162 9.02 -17.91 -13.82
CA ASP D 162 10.37 -17.75 -14.31
C ASP D 162 11.20 -16.59 -13.81
N TYR D 163 10.58 -15.62 -13.17
CA TYR D 163 11.31 -14.51 -12.63
C TYR D 163 10.85 -14.12 -11.30
N LEU D 164 11.74 -13.43 -10.62
CA LEU D 164 11.49 -12.81 -9.39
C LEU D 164 11.54 -11.35 -9.81
N ASN D 165 10.46 -10.62 -9.60
CA ASN D 165 10.36 -9.21 -9.95
C ASN D 165 10.25 -8.37 -8.69
N TYR D 166 11.23 -7.52 -8.42
CA TYR D 166 11.14 -6.61 -7.27
C TYR D 166 11.56 -5.20 -7.64
N THR D 167 11.11 -4.24 -6.86
CA THR D 167 11.50 -2.85 -7.03
C THR D 167 12.13 -2.34 -5.76
N ARG D 168 13.04 -1.38 -5.93
CA ARG D 168 13.70 -0.68 -4.79
C ARG D 168 13.39 0.77 -4.89
N HIS D 169 13.07 1.39 -3.78
CA HIS D 169 12.90 2.83 -3.71
C HIS D 169 14.26 3.38 -3.27
N GLU D 170 15.07 3.73 -4.26
CA GLU D 170 16.41 4.23 -4.04
C GLU D 170 16.38 5.74 -3.87
N PRO D 171 17.06 6.24 -2.84
CA PRO D 171 17.14 7.72 -2.72
C PRO D 171 17.74 8.34 -4.00
N VAL D 172 17.26 9.50 -4.48
CA VAL D 172 17.78 10.10 -5.74
C VAL D 172 19.23 10.56 -5.65
N GLY D 173 19.63 11.05 -4.49
CA GLY D 173 20.99 11.49 -4.24
C GLY D 173 21.12 12.87 -3.61
N VAL D 174 21.87 13.76 -4.25
CA VAL D 174 22.02 15.12 -3.74
C VAL D 174 20.82 15.90 -4.23
N VAL D 175 20.13 16.51 -3.29
CA VAL D 175 18.95 17.29 -3.53
C VAL D 175 19.10 18.75 -3.15
N GLY D 176 18.74 19.62 -4.08
CA GLY D 176 18.79 21.05 -3.89
C GLY D 176 17.47 21.58 -3.43
N GLN D 177 17.47 22.27 -2.33
CA GLN D 177 16.25 22.77 -1.73
C GLN D 177 16.20 24.26 -1.49
N ILE D 178 15.09 24.90 -1.77
CA ILE D 178 15.02 26.35 -1.57
C ILE D 178 13.68 26.66 -0.94
N ILE D 179 13.69 27.33 0.19
CA ILE D 179 12.50 27.63 0.93
C ILE D 179 12.27 29.08 1.18
N PRO D 180 10.96 29.45 1.42
CA PRO D 180 10.76 30.88 1.69
C PRO D 180 10.78 31.36 3.14
N TRP D 181 10.41 32.61 3.30
CA TRP D 181 10.45 33.31 4.57
C TRP D 181 9.26 33.34 5.48
N ASN D 182 8.13 32.89 4.99
CA ASN D 182 6.88 32.92 5.69
C ASN D 182 6.75 31.98 6.88
N PHE D 183 7.26 30.77 6.81
CA PHE D 183 7.28 29.80 7.91
C PHE D 183 8.61 29.14 7.76
N PRO D 184 9.65 29.83 8.14
CA PRO D 184 11.02 29.34 7.91
C PRO D 184 11.52 27.98 8.38
N LEU D 185 11.34 27.64 9.64
CA LEU D 185 11.81 26.41 10.17
C LEU D 185 10.94 25.27 9.79
N VAL D 186 9.64 25.43 9.84
CA VAL D 186 8.78 24.35 9.50
C VAL D 186 8.89 24.03 8.03
N MET D 187 9.21 25.00 7.21
CA MET D 187 9.37 24.75 5.81
C MET D 187 10.68 24.03 5.58
N SER D 188 11.64 24.32 6.42
CA SER D 188 12.90 23.55 6.37
C SER D 188 12.62 22.07 6.65
N SER D 189 11.71 21.75 7.57
CA SER D 189 11.42 20.35 7.92
C SER D 189 10.52 19.64 6.90
N TRP D 190 9.55 20.35 6.36
CA TRP D 190 8.76 19.83 5.23
C TRP D 190 9.67 19.22 4.13
N LYS D 191 10.70 20.00 3.77
CA LYS D 191 11.72 19.63 2.79
C LYS D 191 12.71 18.56 3.25
N MET D 192 13.27 18.71 4.43
CA MET D 192 14.34 17.79 4.88
C MET D 192 13.85 16.49 5.51
N GLY D 193 12.75 16.52 6.25
CA GLY D 193 12.29 15.33 6.90
C GLY D 193 12.10 14.19 5.91
N ALA D 194 11.41 14.49 4.82
CA ALA D 194 11.05 13.49 3.82
C ALA D 194 12.25 13.08 3.01
N ALA D 195 13.06 14.07 2.64
CA ALA D 195 14.25 13.82 1.85
C ALA D 195 15.28 12.97 2.63
N LEU D 196 15.60 13.37 3.85
CA LEU D 196 16.43 12.56 4.76
C LEU D 196 15.89 11.17 5.06
N ALA D 197 14.59 11.02 5.21
CA ALA D 197 14.05 9.73 5.50
C ALA D 197 14.42 8.73 4.44
N THR D 198 14.45 9.14 3.17
CA THR D 198 14.78 8.26 2.02
C THR D 198 16.24 7.88 2.00
N GLY D 199 17.05 8.72 2.56
CA GLY D 199 18.47 8.53 2.59
C GLY D 199 19.18 9.46 1.68
N CYS D 200 18.60 10.60 1.38
CA CYS D 200 19.17 11.60 0.52
C CYS D 200 20.13 12.49 1.28
N THR D 201 20.80 13.35 0.56
CA THR D 201 21.78 14.23 1.10
C THR D 201 21.32 15.62 0.64
N ILE D 202 21.43 16.62 1.48
CA ILE D 202 20.88 17.93 1.20
C ILE D 202 21.75 19.18 1.23
N VAL D 203 21.37 20.13 0.39
CA VAL D 203 21.91 21.48 0.21
C VAL D 203 20.64 22.32 0.20
N LEU D 204 20.47 23.15 1.20
CA LEU D 204 19.24 23.95 1.49
C LEU D 204 19.59 25.45 1.63
N LYS D 205 18.96 26.29 0.82
CA LYS D 205 19.07 27.71 0.90
C LYS D 205 17.85 28.29 1.63
N PRO D 206 18.09 28.91 2.82
CA PRO D 206 17.00 29.67 3.45
C PRO D 206 16.86 30.99 2.74
N ALA D 207 15.67 31.58 2.87
CA ALA D 207 15.39 32.89 2.30
C ALA D 207 16.29 33.97 2.89
N GLU D 208 16.58 35.00 2.08
CA GLU D 208 17.44 36.12 2.50
C GLU D 208 16.87 36.85 3.72
N GLN D 209 15.55 36.96 3.81
CA GLN D 209 14.91 37.73 4.87
C GLN D 209 14.95 37.00 6.21
N THR D 210 15.07 35.68 6.17
CA THR D 210 15.04 34.85 7.35
C THR D 210 16.01 33.67 7.46
N PRO D 211 17.35 33.98 7.58
CA PRO D 211 18.21 32.80 7.74
C PRO D 211 18.47 32.31 9.14
N LEU D 212 18.15 33.06 10.18
CA LEU D 212 18.48 32.75 11.54
C LEU D 212 18.04 31.45 12.17
N SER D 213 16.79 31.15 11.97
CA SER D 213 16.17 29.91 12.41
C SER D 213 16.98 28.65 12.03
N LEU D 214 17.25 28.48 10.76
CA LEU D 214 17.93 27.33 10.27
C LEU D 214 19.42 27.24 10.51
N LEU D 215 20.06 28.35 10.75
CA LEU D 215 21.46 28.39 11.00
C LEU D 215 21.71 28.17 12.46
N TYR D 216 20.69 28.38 13.26
CA TYR D 216 20.73 28.08 14.63
C TYR D 216 20.45 26.60 14.77
N ALA D 217 19.51 26.08 14.01
CA ALA D 217 19.16 24.65 14.07
C ALA D 217 20.31 23.74 13.63
N ALA D 218 21.15 24.26 12.73
CA ALA D 218 22.40 23.62 12.35
C ALA D 218 23.21 23.11 13.54
N LYS D 219 23.29 23.89 14.64
CA LYS D 219 23.90 23.39 15.92
C LYS D 219 23.32 22.04 16.37
N LEU D 220 22.01 21.91 16.21
CA LEU D 220 21.32 20.70 16.62
C LEU D 220 21.57 19.51 15.66
N PHE D 221 21.90 19.76 14.39
CA PHE D 221 22.31 18.66 13.48
C PHE D 221 23.69 18.13 13.84
N LYS D 222 24.63 19.02 14.19
CA LYS D 222 25.97 18.59 14.67
C LYS D 222 25.76 17.74 15.90
N GLU D 223 25.05 18.27 16.89
CA GLU D 223 24.88 17.59 18.19
C GLU D 223 24.10 16.25 18.15
N ALA D 224 23.15 16.08 17.23
CA ALA D 224 22.45 14.83 17.07
C ALA D 224 23.36 13.73 16.49
N GLY D 225 24.48 14.14 15.86
CA GLY D 225 25.45 13.21 15.25
C GLY D 225 25.27 12.97 13.73
N PHE D 226 24.70 13.93 13.00
CA PHE D 226 24.59 13.77 11.55
C PHE D 226 25.97 13.73 10.92
N PRO D 227 26.25 12.74 10.07
CA PRO D 227 27.57 12.75 9.48
C PRO D 227 27.84 13.99 8.64
N ASN D 228 29.12 14.38 8.62
CA ASN D 228 29.59 15.47 7.80
C ASN D 228 28.99 15.42 6.42
N GLY D 229 28.35 16.51 5.99
CA GLY D 229 27.88 16.67 4.60
C GLY D 229 26.45 16.21 4.28
N VAL D 230 25.73 15.61 5.23
CA VAL D 230 24.38 15.12 4.96
C VAL D 230 23.44 16.29 4.81
N VAL D 231 23.83 17.38 5.43
CA VAL D 231 23.01 18.55 5.48
C VAL D 231 23.97 19.72 5.31
N ASN D 232 23.66 20.65 4.41
CA ASN D 232 24.45 21.84 4.13
C ASN D 232 23.56 23.03 3.98
N PHE D 233 23.73 24.01 4.83
CA PHE D 233 22.88 25.17 4.82
C PHE D 233 23.60 26.36 4.27
N VAL D 234 23.07 26.88 3.18
CA VAL D 234 23.68 27.98 2.47
C VAL D 234 22.81 29.20 2.32
N PRO D 235 23.08 30.24 3.04
CA PRO D 235 22.22 31.42 2.95
C PRO D 235 22.75 32.48 2.04
N GLY D 236 21.84 33.26 1.46
CA GLY D 236 22.16 34.30 0.50
C GLY D 236 20.95 34.72 -0.35
N PHE D 237 21.26 35.16 -1.58
CA PHE D 237 20.29 35.75 -2.51
C PHE D 237 19.95 34.81 -3.65
N GLY D 238 18.69 34.91 -4.10
CA GLY D 238 18.09 34.05 -5.15
C GLY D 238 18.90 34.07 -6.43
N PRO D 239 19.32 35.27 -6.88
CA PRO D 239 20.12 35.34 -8.09
C PRO D 239 21.55 34.79 -8.01
N GLU D 240 22.11 34.56 -6.82
CA GLU D 240 23.48 33.99 -6.72
C GLU D 240 23.42 32.55 -6.21
N ALA D 241 23.01 32.36 -4.95
CA ALA D 241 22.99 31.05 -4.28
C ALA D 241 21.83 30.20 -4.78
N GLY D 242 20.65 30.80 -4.90
CA GLY D 242 19.50 30.08 -5.42
C GLY D 242 19.72 29.57 -6.83
N ALA D 243 20.25 30.45 -7.67
CA ALA D 243 20.55 30.12 -9.08
C ALA D 243 21.63 29.04 -9.17
N ALA D 244 22.62 29.15 -8.32
CA ALA D 244 23.71 28.16 -8.27
C ALA D 244 23.19 26.79 -7.88
N ILE D 245 22.16 26.71 -7.03
CA ILE D 245 21.56 25.41 -6.70
C ILE D 245 20.77 24.83 -7.88
N VAL D 246 19.99 25.68 -8.52
CA VAL D 246 19.11 25.23 -9.60
C VAL D 246 19.88 24.77 -10.87
N ASN D 247 21.00 25.43 -11.15
CA ASN D 247 21.84 25.17 -12.33
C ASN D 247 23.04 24.25 -12.08
N HIS D 248 23.17 23.66 -10.88
CA HIS D 248 24.33 22.81 -10.56
C HIS D 248 24.17 21.42 -11.22
N HIS D 249 25.12 21.07 -12.09
CA HIS D 249 25.14 19.80 -12.86
C HIS D 249 25.07 18.52 -11.99
N ASP D 250 25.60 18.58 -10.76
CA ASP D 250 25.62 17.47 -9.81
C ASP D 250 24.49 17.33 -8.79
N ILE D 251 23.44 18.13 -8.90
CA ILE D 251 22.32 18.01 -8.00
C ILE D 251 21.34 17.16 -8.75
N ASP D 252 20.86 16.12 -8.12
CA ASP D 252 20.00 15.14 -8.74
C ASP D 252 18.54 15.45 -8.75
N LYS D 253 18.14 16.40 -7.95
CA LYS D 253 16.76 16.74 -7.79
C LYS D 253 16.60 18.07 -7.08
N VAL D 254 15.56 18.79 -7.47
CA VAL D 254 15.36 20.13 -6.97
C VAL D 254 13.95 20.21 -6.43
N ALA D 255 13.81 20.86 -5.29
CA ALA D 255 12.55 21.08 -4.62
C ALA D 255 12.46 22.56 -4.29
N PHE D 256 11.29 23.15 -4.43
CA PHE D 256 11.12 24.55 -4.25
C PHE D 256 9.76 25.02 -3.83
N THR D 257 9.77 25.94 -2.90
CA THR D 257 8.60 26.58 -2.38
C THR D 257 8.81 28.09 -2.51
N GLY D 258 7.90 28.77 -3.14
CA GLY D 258 8.04 30.18 -3.36
C GLY D 258 7.04 30.72 -4.33
N SER D 259 7.43 31.72 -5.08
CA SER D 259 6.51 32.36 -6.01
C SER D 259 6.26 31.67 -7.29
N THR D 260 5.02 31.69 -7.72
CA THR D 260 4.69 31.09 -9.03
C THR D 260 5.74 31.47 -10.13
N VAL D 261 6.20 32.69 -10.12
CA VAL D 261 7.16 33.15 -11.08
C VAL D 261 8.51 32.48 -11.05
N THR D 262 9.02 32.21 -9.87
CA THR D 262 10.31 31.55 -9.71
C THR D 262 10.18 30.07 -9.94
N GLY D 263 9.00 29.54 -9.72
CA GLY D 263 8.74 28.15 -9.97
C GLY D 263 8.85 27.86 -11.45
N LYS D 264 8.45 28.81 -12.29
CA LYS D 264 8.58 28.67 -13.73
C LYS D 264 10.04 28.65 -14.15
N TYR D 265 10.81 29.58 -13.57
CA TYR D 265 12.27 29.70 -13.83
C TYR D 265 12.96 28.38 -13.50
N ILE D 266 12.57 27.76 -12.38
CA ILE D 266 13.23 26.56 -11.86
C ILE D 266 12.99 25.35 -12.74
N MET D 267 11.73 25.21 -13.14
CA MET D 267 11.30 24.16 -14.05
C MET D 267 12.02 24.32 -15.40
N ARG D 268 12.08 25.55 -15.90
CA ARG D 268 12.74 25.83 -17.18
C ARG D 268 14.22 25.44 -17.15
N GLN D 269 14.90 25.80 -16.08
CA GLN D 269 16.31 25.48 -15.92
C GLN D 269 16.54 24.00 -15.68
N SER D 270 15.61 23.36 -14.94
CA SER D 270 15.69 21.96 -14.65
C SER D 270 15.50 21.04 -15.88
N ALA D 271 14.84 21.53 -16.93
CA ALA D 271 14.73 20.84 -18.21
C ALA D 271 16.08 20.44 -18.77
N GLU D 272 17.08 21.30 -18.59
CA GLU D 272 18.39 21.07 -19.18
C GLU D 272 19.02 19.76 -18.70
N MET D 273 18.80 19.40 -17.42
CA MET D 273 19.36 18.14 -16.88
C MET D 273 18.34 16.99 -16.74
N ILE D 274 17.08 17.20 -17.17
CA ILE D 274 15.95 16.25 -16.99
C ILE D 274 15.90 15.80 -15.53
N LYS D 275 15.86 16.85 -14.71
CA LYS D 275 15.89 16.76 -13.27
C LYS D 275 14.47 16.91 -12.74
N HIS D 276 14.05 16.02 -11.89
CA HIS D 276 12.74 16.08 -11.29
C HIS D 276 12.57 17.34 -10.42
N VAL D 277 11.39 17.91 -10.51
CA VAL D 277 10.99 19.09 -9.79
C VAL D 277 9.80 18.87 -8.88
N THR D 278 9.75 19.62 -7.80
CA THR D 278 8.64 19.64 -6.83
C THR D 278 8.38 21.13 -6.60
N LEU D 279 7.13 21.53 -6.73
CA LEU D 279 6.79 22.93 -6.60
C LEU D 279 5.57 23.15 -5.75
N GLU D 280 5.80 23.96 -4.73
CA GLU D 280 4.83 24.40 -3.78
C GLU D 280 4.79 25.92 -3.97
N LEU D 281 3.82 26.37 -4.72
CA LEU D 281 3.76 27.75 -5.17
C LEU D 281 2.53 28.47 -4.53
N GLY D 282 2.13 29.61 -5.07
CA GLY D 282 1.08 30.47 -4.46
C GLY D 282 -0.35 30.00 -4.67
N GLY D 283 -1.28 30.72 -4.13
CA GLY D 283 -2.66 30.37 -4.25
C GLY D 283 -3.49 31.59 -4.14
N LYS D 284 -4.78 31.41 -4.16
CA LYS D 284 -5.77 32.46 -4.00
C LYS D 284 -6.97 31.66 -3.55
N SER D 285 -6.77 30.94 -2.49
CA SER D 285 -7.75 30.03 -1.99
C SER D 285 -9.08 30.55 -1.59
N PRO D 286 -10.10 29.81 -1.94
CA PRO D 286 -11.46 30.19 -1.61
C PRO D 286 -11.97 29.55 -0.35
N ASN D 287 -12.72 30.31 0.42
CA ASN D 287 -13.28 29.90 1.68
C ASN D 287 -14.77 30.18 1.55
N ILE D 288 -15.54 29.13 1.42
CA ILE D 288 -16.95 29.19 1.17
C ILE D 288 -17.89 28.90 2.29
N ILE D 289 -18.66 29.92 2.66
CA ILE D 289 -19.70 29.79 3.66
C ILE D 289 -21.03 29.60 2.93
N LEU D 290 -21.60 28.40 3.00
CA LEU D 290 -22.89 28.14 2.37
C LEU D 290 -23.99 28.53 3.34
N GLU D 291 -25.22 28.54 2.82
CA GLU D 291 -26.44 28.93 3.53
C GLU D 291 -26.67 28.20 4.85
N ASP D 292 -26.26 26.94 4.92
CA ASP D 292 -26.37 26.10 6.09
C ASP D 292 -25.17 25.91 6.98
N ALA D 293 -24.23 26.82 6.97
CA ALA D 293 -23.10 26.71 7.82
C ALA D 293 -23.36 27.16 9.25
N ASP D 294 -22.51 26.70 10.16
CA ASP D 294 -22.51 27.12 11.52
C ASP D 294 -21.80 28.41 11.31
N LEU D 295 -22.55 29.46 11.38
CA LEU D 295 -22.10 30.80 11.02
C LEU D 295 -21.11 31.35 12.05
N GLU D 296 -21.32 30.99 13.31
CA GLU D 296 -20.39 31.35 14.36
C GLU D 296 -19.01 30.87 13.97
N GLU D 297 -18.85 29.55 13.87
CA GLU D 297 -17.56 28.91 13.52
C GLU D 297 -16.98 29.39 12.18
N ALA D 298 -17.86 29.61 11.20
CA ALA D 298 -17.46 30.02 9.85
C ALA D 298 -16.92 31.44 9.77
N ILE D 299 -17.53 32.35 10.52
CA ILE D 299 -16.99 33.73 10.61
C ILE D 299 -15.58 33.68 11.21
N ASN D 300 -15.36 32.89 12.26
CA ASN D 300 -14.04 32.74 12.86
C ASN D 300 -13.07 32.09 11.91
N GLY D 301 -13.54 31.05 11.21
CA GLY D 301 -12.75 30.41 10.18
C GLY D 301 -12.31 31.33 9.04
N ALA D 302 -13.28 32.06 8.52
CA ALA D 302 -13.02 33.04 7.44
C ALA D 302 -12.00 34.04 7.89
N PHE D 303 -12.12 34.47 9.15
CA PHE D 303 -11.25 35.49 9.69
C PHE D 303 -9.85 34.91 9.90
N GLN D 304 -9.72 33.84 10.69
CA GLN D 304 -8.41 33.18 10.87
C GLN D 304 -7.84 32.76 9.51
N GLY D 305 -8.67 32.25 8.61
CA GLY D 305 -8.22 31.74 7.32
C GLY D 305 -7.31 32.64 6.48
N ILE D 306 -7.58 33.94 6.57
CA ILE D 306 -6.78 34.95 5.90
C ILE D 306 -5.74 35.60 6.83
N MET D 307 -6.11 35.97 8.04
CA MET D 307 -5.22 36.73 8.92
C MET D 307 -4.12 35.94 9.59
N TYR D 308 -4.22 34.60 9.64
CA TYR D 308 -3.18 33.76 10.24
C TYR D 308 -1.89 34.08 9.54
N ASN D 309 -0.86 34.33 10.35
CA ASN D 309 0.45 34.68 9.87
C ASN D 309 0.44 35.93 8.97
N HIS D 310 -0.47 36.85 9.29
CA HIS D 310 -0.54 38.15 8.64
C HIS D 310 -0.86 38.01 7.15
N GLY D 311 -1.50 36.94 6.77
CA GLY D 311 -1.77 36.73 5.39
C GLY D 311 -0.64 36.24 4.53
N GLN D 312 0.53 36.07 5.12
CA GLN D 312 1.74 35.62 4.42
C GLN D 312 1.72 34.11 4.47
N ASN D 313 0.85 33.56 3.69
CA ASN D 313 0.55 32.19 3.64
C ASN D 313 0.01 31.79 2.28
N CYS D 314 0.66 30.90 1.60
CA CYS D 314 0.24 30.47 0.25
C CYS D 314 -1.23 29.99 0.22
N SER D 315 -1.67 29.30 1.27
CA SER D 315 -3.00 28.70 1.31
C SER D 315 -4.09 29.52 2.01
N ALA D 316 -3.74 30.78 2.35
CA ALA D 316 -4.68 31.75 2.92
C ALA D 316 -5.98 31.82 2.14
N GLY D 317 -7.07 31.93 2.85
CA GLY D 317 -8.36 32.12 2.26
C GLY D 317 -8.63 33.58 1.97
N SER D 318 -7.99 34.11 0.95
CA SER D 318 -8.05 35.49 0.53
C SER D 318 -9.31 35.86 -0.24
N ARG D 319 -10.10 34.85 -0.52
CA ARG D 319 -11.37 34.94 -1.18
C ARG D 319 -12.46 34.31 -0.31
N VAL D 320 -13.16 35.08 0.52
CA VAL D 320 -14.21 34.52 1.38
C VAL D 320 -15.50 34.78 0.68
N PHE D 321 -16.13 33.70 0.28
CA PHE D 321 -17.38 33.63 -0.43
C PHE D 321 -18.44 33.39 0.58
N VAL D 322 -19.52 34.15 0.51
CA VAL D 322 -20.61 34.06 1.43
C VAL D 322 -21.94 33.99 0.72
N HIS D 323 -22.82 33.12 1.17
CA HIS D 323 -24.14 33.02 0.61
C HIS D 323 -24.80 34.35 0.86
N ARG D 324 -25.65 34.81 -0.05
CA ARG D 324 -26.22 36.17 0.00
C ARG D 324 -27.00 36.47 1.29
N LYS D 325 -27.63 35.44 1.81
CA LYS D 325 -28.37 35.50 3.04
C LYS D 325 -27.51 35.90 4.20
N HIS D 326 -26.21 35.61 4.16
CA HIS D 326 -25.31 35.92 5.29
C HIS D 326 -24.28 36.96 5.02
N TYR D 327 -24.23 37.47 3.79
CA TYR D 327 -23.20 38.38 3.32
C TYR D 327 -22.96 39.53 4.28
N GLU D 328 -24.03 40.18 4.68
CA GLU D 328 -23.94 41.41 5.49
C GLU D 328 -23.42 41.04 6.89
N THR D 329 -24.01 39.99 7.47
CA THR D 329 -23.61 39.51 8.81
C THR D 329 -22.12 39.21 8.84
N VAL D 330 -21.55 38.60 7.78
CA VAL D 330 -20.12 38.25 7.85
C VAL D 330 -19.22 39.41 7.51
N VAL D 331 -19.65 40.26 6.56
CA VAL D 331 -18.92 41.50 6.29
C VAL D 331 -18.81 42.30 7.60
N ASP D 332 -19.95 42.50 8.27
CA ASP D 332 -19.97 43.28 9.49
C ASP D 332 -19.06 42.64 10.53
N ALA D 333 -19.10 41.31 10.66
CA ALA D 333 -18.25 40.66 11.68
C ALA D 333 -16.76 40.74 11.34
N LEU D 334 -16.39 40.55 10.07
CA LEU D 334 -14.97 40.60 9.68
C LEU D 334 -14.39 41.99 9.85
N VAL D 335 -15.20 43.02 9.62
CA VAL D 335 -14.78 44.40 9.78
C VAL D 335 -14.51 44.69 11.27
N LYS D 336 -15.40 44.24 12.15
CA LYS D 336 -15.25 44.44 13.59
C LYS D 336 -13.97 43.72 14.07
N MET D 337 -13.76 42.50 13.60
CA MET D 337 -12.57 41.71 13.94
C MET D 337 -11.27 42.27 13.33
N ALA D 338 -11.30 42.79 12.11
CA ALA D 338 -10.10 43.47 11.52
C ALA D 338 -9.66 44.69 12.32
N ASN D 339 -10.63 45.54 12.68
CA ASN D 339 -10.34 46.77 13.42
C ASN D 339 -9.87 46.47 14.83
N ASN D 340 -10.09 45.26 15.29
CA ASN D 340 -9.65 44.84 16.61
C ASN D 340 -8.29 44.15 16.71
N VAL D 341 -7.67 43.72 15.63
CA VAL D 341 -6.37 43.08 15.75
C VAL D 341 -5.31 43.99 16.35
N LYS D 342 -4.62 43.46 17.32
CA LYS D 342 -3.60 44.12 18.06
C LYS D 342 -2.31 44.01 17.37
N LEU D 343 -1.94 45.05 16.67
CA LEU D 343 -0.67 45.09 15.95
C LEU D 343 0.49 45.46 16.86
N GLY D 344 1.63 44.81 16.70
CA GLY D 344 2.77 45.08 17.55
C GLY D 344 3.94 44.18 17.20
N ALA D 345 5.05 44.36 17.92
CA ALA D 345 6.23 43.54 17.69
C ALA D 345 5.95 42.07 18.08
N GLY D 346 6.58 41.13 17.41
CA GLY D 346 6.41 39.74 17.71
C GLY D 346 6.92 39.35 19.07
N MET D 347 7.82 40.14 19.62
CA MET D 347 8.39 39.89 20.91
C MET D 347 7.71 40.64 22.05
N GLU D 348 6.58 41.23 21.79
CA GLU D 348 5.80 41.86 22.78
C GLU D 348 4.65 40.90 23.01
N LYS D 349 4.28 40.70 24.25
CA LYS D 349 3.23 39.77 24.61
C LYS D 349 1.85 40.14 24.22
N GLU D 350 1.60 41.39 23.99
CA GLU D 350 0.27 41.84 23.67
C GLU D 350 -0.17 41.51 22.26
N THR D 351 0.80 41.48 21.39
CA THR D 351 0.63 41.24 19.98
C THR D 351 -0.11 40.04 19.49
N GLU D 352 -1.08 40.33 18.66
CA GLU D 352 -1.88 39.34 17.90
C GLU D 352 -1.40 39.21 16.45
N MET D 353 -0.91 40.31 15.86
CA MET D 353 -0.36 40.31 14.50
C MET D 353 0.85 41.20 14.37
N GLY D 354 1.93 40.58 13.88
CA GLY D 354 3.17 41.26 13.54
C GLY D 354 3.18 42.07 12.26
N PRO D 355 4.36 42.46 11.82
CA PRO D 355 4.55 43.22 10.59
C PRO D 355 4.80 42.29 9.41
N LEU D 356 4.78 42.82 8.22
CA LEU D 356 5.07 42.06 7.05
C LEU D 356 6.54 41.93 7.15
N VAL D 357 7.13 40.99 6.46
CA VAL D 357 8.54 40.70 6.50
C VAL D 357 9.56 41.71 6.06
N SER D 358 9.18 42.56 5.15
CA SER D 358 10.14 43.52 4.59
C SER D 358 9.48 44.78 4.11
N LYS D 359 10.33 45.79 3.87
CA LYS D 359 9.95 47.02 3.21
C LYS D 359 9.29 46.70 1.89
N LYS D 360 9.98 45.91 1.07
CA LYS D 360 9.52 45.54 -0.28
C LYS D 360 8.13 44.84 -0.25
N GLN D 361 7.97 43.87 0.66
CA GLN D 361 6.68 43.21 0.83
C GLN D 361 5.61 44.17 1.31
N GLN D 362 5.89 45.08 2.26
CA GLN D 362 4.91 46.14 2.65
C GLN D 362 4.47 47.00 1.44
N GLU D 363 5.41 47.47 0.63
CA GLU D 363 5.08 48.26 -0.57
C GLU D 363 4.20 47.47 -1.54
N ARG D 364 4.53 46.22 -1.76
CA ARG D 364 3.78 45.33 -2.61
C ARG D 364 2.34 45.15 -2.16
N VAL D 365 2.07 45.02 -0.87
CA VAL D 365 0.68 44.88 -0.41
C VAL D 365 -0.04 46.22 -0.37
N LEU D 366 0.67 47.28 -0.06
CA LEU D 366 0.09 48.60 -0.08
C LEU D 366 -0.27 48.97 -1.48
N ASN D 367 0.50 48.52 -2.45
CA ASN D 367 0.23 48.72 -3.87
C ASN D 367 -1.01 48.01 -4.40
N TYR D 368 -1.17 46.77 -4.01
CA TYR D 368 -2.36 45.96 -4.32
C TYR D 368 -3.62 46.58 -3.73
N ILE D 369 -3.51 47.10 -2.51
CA ILE D 369 -4.61 47.84 -1.91
C ILE D 369 -4.98 49.04 -2.80
N GLU D 370 -4.00 49.84 -3.25
CA GLU D 370 -4.25 50.96 -4.20
C GLU D 370 -4.83 50.48 -5.53
N GLN D 371 -4.28 49.41 -6.08
CA GLN D 371 -4.89 48.80 -7.27
C GLN D 371 -6.35 48.47 -7.03
N GLY D 372 -6.67 47.98 -5.84
CA GLY D 372 -8.05 47.70 -5.45
C GLY D 372 -8.98 48.90 -5.47
N LYS D 373 -8.58 50.01 -4.83
CA LYS D 373 -9.35 51.25 -4.92
C LYS D 373 -9.42 51.76 -6.37
N LYS D 374 -8.31 51.77 -7.11
CA LYS D 374 -8.35 52.24 -8.52
C LYS D 374 -9.40 51.51 -9.41
N GLU D 375 -9.63 50.23 -9.16
CA GLU D 375 -10.58 49.42 -9.96
C GLU D 375 -12.02 49.48 -9.48
N GLY D 376 -12.26 50.12 -8.34
CA GLY D 376 -13.63 50.41 -7.87
C GLY D 376 -14.13 49.70 -6.62
N ALA D 377 -13.29 48.81 -6.04
CA ALA D 377 -13.60 48.15 -4.75
C ALA D 377 -13.56 49.14 -3.58
N THR D 378 -14.27 48.80 -2.50
CA THR D 378 -14.33 49.63 -1.28
C THR D 378 -13.58 48.97 -0.12
N VAL D 379 -12.89 49.82 0.65
CA VAL D 379 -12.18 49.40 1.83
C VAL D 379 -13.18 49.55 2.95
N ALA D 380 -13.59 48.41 3.52
CA ALA D 380 -14.50 48.37 4.65
C ALA D 380 -13.73 48.40 5.97
N ALA D 381 -12.40 48.20 5.89
CA ALA D 381 -11.47 48.32 7.00
C ALA D 381 -9.99 48.24 6.53
N GLY D 382 -9.10 48.91 7.27
CA GLY D 382 -7.66 48.93 7.00
C GLY D 382 -7.34 49.75 5.75
N GLY D 383 -6.52 49.15 4.87
CA GLY D 383 -6.18 49.70 3.60
C GLY D 383 -4.99 50.62 3.65
N GLU D 384 -4.22 50.55 4.73
CA GLU D 384 -3.12 51.46 4.89
C GLU D 384 -2.13 50.91 5.88
N ARG D 385 -0.98 51.58 5.94
CA ARG D 385 0.09 51.25 6.88
C ARG D 385 -0.36 51.51 8.34
N ALA D 386 0.44 51.06 9.29
CA ALA D 386 0.10 51.16 10.71
C ALA D 386 1.35 51.34 11.53
N LEU D 387 1.17 52.02 12.67
CA LEU D 387 2.23 52.25 13.66
C LEU D 387 3.32 53.14 13.13
N GLU D 388 4.30 53.42 13.98
CA GLU D 388 5.35 54.40 13.68
C GLU D 388 6.44 53.74 12.83
N LYS D 389 7.33 52.93 13.41
CA LYS D 389 8.27 52.19 12.57
C LYS D 389 7.87 50.73 12.43
N GLY D 390 8.45 50.08 11.45
CA GLY D 390 8.23 48.66 11.19
C GLY D 390 7.39 48.55 9.94
N TYR D 391 7.21 47.32 9.47
CA TYR D 391 6.51 47.05 8.25
C TYR D 391 5.10 46.54 8.33
N PHE D 392 4.32 47.14 9.18
CA PHE D 392 2.98 46.76 9.39
C PHE D 392 2.02 47.29 8.42
N VAL D 393 0.95 46.55 8.17
CA VAL D 393 -0.16 46.98 7.36
C VAL D 393 -1.40 46.52 8.13
N LYS D 394 -2.44 47.31 8.14
CA LYS D 394 -3.66 47.05 8.90
C LYS D 394 -4.43 45.89 8.29
N PRO D 395 -5.06 45.04 9.10
CA PRO D 395 -5.91 44.04 8.50
C PRO D 395 -7.00 44.70 7.66
N THR D 396 -7.14 44.21 6.42
CA THR D 396 -7.89 44.91 5.44
C THR D 396 -8.99 44.03 4.94
N VAL D 397 -10.19 44.58 4.75
CA VAL D 397 -11.33 43.86 4.21
C VAL D 397 -11.93 44.63 2.99
N PHE D 398 -11.90 44.02 1.80
CA PHE D 398 -12.44 44.65 0.59
C PHE D 398 -13.84 44.15 0.24
N THR D 399 -14.72 45.04 -0.18
CA THR D 399 -16.06 44.68 -0.57
C THR D 399 -16.37 45.33 -1.88
N ASP D 400 -17.52 45.03 -2.42
CA ASP D 400 -17.99 45.57 -3.67
C ASP D 400 -16.95 45.24 -4.66
N VAL D 401 -16.67 43.98 -4.76
CA VAL D 401 -15.63 43.49 -5.58
C VAL D 401 -16.18 42.53 -6.64
N THR D 402 -15.45 42.36 -7.72
CA THR D 402 -15.84 41.50 -8.81
C THR D 402 -14.76 40.53 -9.22
N ASP D 403 -15.15 39.46 -9.87
CA ASP D 403 -14.21 38.40 -10.24
C ASP D 403 -13.02 38.69 -11.11
N ASP D 404 -13.14 39.68 -11.97
CA ASP D 404 -12.11 40.05 -12.88
C ASP D 404 -11.14 41.10 -12.35
N MET D 405 -11.41 41.64 -11.19
CA MET D 405 -10.49 42.54 -10.54
C MET D 405 -9.12 41.91 -10.18
N THR D 406 -8.06 42.71 -10.32
CA THR D 406 -6.73 42.30 -9.95
C THR D 406 -6.72 41.78 -8.52
N ILE D 407 -7.29 42.52 -7.57
CA ILE D 407 -7.27 42.06 -6.15
C ILE D 407 -7.92 40.69 -5.89
N VAL D 408 -8.98 40.34 -6.61
CA VAL D 408 -9.58 39.08 -6.38
C VAL D 408 -8.93 37.98 -7.19
N LYS D 409 -8.04 38.35 -8.08
CA LYS D 409 -7.34 37.38 -8.88
C LYS D 409 -5.91 37.07 -8.49
N GLU D 410 -5.17 38.06 -8.06
CA GLU D 410 -3.74 37.90 -7.80
C GLU D 410 -3.45 37.69 -6.32
N GLU D 411 -2.34 37.03 -6.03
CA GLU D 411 -1.97 36.75 -4.67
C GLU D 411 -1.29 38.02 -4.21
N ILE D 412 -1.84 38.59 -3.14
CA ILE D 412 -1.34 39.82 -2.48
C ILE D 412 -0.29 39.49 -1.40
N PHE D 413 -0.56 38.46 -0.62
CA PHE D 413 0.38 37.97 0.38
C PHE D 413 0.53 38.87 1.62
N GLY D 414 -0.59 39.44 2.02
CA GLY D 414 -0.70 40.26 3.21
C GLY D 414 -2.09 40.01 3.78
N PRO D 415 -2.43 40.70 4.90
CA PRO D 415 -3.66 40.54 5.63
C PRO D 415 -4.82 41.27 4.94
N VAL D 416 -5.11 40.84 3.70
CA VAL D 416 -6.06 41.48 2.81
C VAL D 416 -7.02 40.49 2.18
N VAL D 417 -8.30 40.65 2.53
CA VAL D 417 -9.37 39.76 2.16
C VAL D 417 -10.44 40.43 1.28
N VAL D 418 -11.06 39.61 0.50
CA VAL D 418 -12.06 40.02 -0.41
C VAL D 418 -13.28 39.15 -0.16
N VAL D 419 -14.40 39.77 0.12
CA VAL D 419 -15.60 39.04 0.37
C VAL D 419 -16.59 39.18 -0.79
N LEU D 420 -17.09 38.07 -1.26
CA LEU D 420 -17.94 38.02 -2.40
C LEU D 420 -19.24 37.35 -2.18
N PRO D 421 -20.37 37.97 -2.39
CA PRO D 421 -21.63 37.25 -2.20
C PRO D 421 -21.91 36.26 -3.34
N PHE D 422 -22.71 35.25 -3.12
CA PHE D 422 -23.07 34.29 -4.16
C PHE D 422 -24.47 33.85 -3.89
N ASP D 423 -25.09 33.32 -4.92
CA ASP D 423 -26.51 32.97 -4.86
C ASP D 423 -26.83 31.45 -4.94
N SER D 424 -26.10 30.68 -5.72
CA SER D 424 -26.32 29.25 -5.78
C SER D 424 -25.01 28.50 -5.57
N THR D 425 -25.16 27.23 -5.21
CA THR D 425 -24.04 26.31 -5.02
C THR D 425 -23.23 26.07 -6.32
N GLU D 426 -23.90 25.79 -7.44
CA GLU D 426 -23.16 25.51 -8.70
C GLU D 426 -22.37 26.76 -9.14
N GLU D 427 -22.96 27.91 -8.91
CA GLU D 427 -22.32 29.19 -9.14
C GLU D 427 -20.99 29.33 -8.39
N VAL D 428 -20.99 29.13 -7.07
CA VAL D 428 -19.78 29.36 -6.26
C VAL D 428 -18.66 28.36 -6.58
N ILE D 429 -19.01 27.14 -6.96
CA ILE D 429 -18.02 26.18 -7.42
C ILE D 429 -17.41 26.68 -8.73
N GLU D 430 -18.23 27.20 -9.65
CA GLU D 430 -17.67 27.75 -10.89
C GLU D 430 -16.68 28.88 -10.54
N ARG D 431 -17.08 29.79 -9.66
CA ARG D 431 -16.26 30.98 -9.40
C ARG D 431 -15.01 30.66 -8.57
N ALA D 432 -15.11 29.75 -7.60
CA ALA D 432 -13.92 29.31 -6.83
C ALA D 432 -12.89 28.63 -7.72
N ASN D 433 -13.35 27.81 -8.67
CA ASN D 433 -12.46 27.05 -9.57
C ASN D 433 -11.96 27.90 -10.72
N ASN D 434 -12.57 29.03 -10.99
CA ASN D 434 -12.10 29.88 -12.05
C ASN D 434 -10.92 30.62 -11.58
N SER D 435 -9.82 29.91 -11.56
CA SER D 435 -8.59 30.47 -11.08
C SER D 435 -7.49 29.59 -11.57
N SER D 436 -6.31 30.16 -11.68
CA SER D 436 -5.15 29.46 -12.12
C SER D 436 -4.53 28.84 -10.90
N TYR D 437 -4.95 29.32 -9.78
CA TYR D 437 -4.51 28.78 -8.51
C TYR D 437 -5.39 27.61 -8.09
N GLY D 438 -4.86 26.76 -7.21
CA GLY D 438 -5.63 25.63 -6.65
C GLY D 438 -4.88 24.89 -5.56
N LEU D 439 -4.45 25.63 -4.55
CA LEU D 439 -3.70 25.09 -3.46
C LEU D 439 -4.62 24.52 -2.39
N ALA D 440 -5.63 25.31 -2.01
CA ALA D 440 -6.53 24.89 -0.96
C ALA D 440 -7.91 25.49 -1.03
N ALA D 441 -8.83 24.99 -0.22
CA ALA D 441 -10.16 25.55 -0.21
C ALA D 441 -10.87 25.18 1.04
N GLY D 442 -11.88 25.99 1.37
CA GLY D 442 -12.64 25.86 2.59
C GLY D 442 -14.10 25.79 2.28
N VAL D 443 -14.82 24.89 2.94
CA VAL D 443 -16.25 24.76 2.72
C VAL D 443 -16.99 24.55 4.02
N TRP D 444 -17.92 25.46 4.29
CA TRP D 444 -18.71 25.45 5.49
C TRP D 444 -20.20 25.15 5.21
N THR D 445 -20.65 24.04 5.78
CA THR D 445 -22.00 23.55 5.62
C THR D 445 -22.20 22.48 6.68
N GLN D 446 -23.36 22.46 7.32
CA GLN D 446 -23.69 21.43 8.33
C GLN D 446 -24.21 20.13 7.69
N ASN D 447 -24.44 20.16 6.38
CA ASN D 447 -25.09 19.04 5.70
C ASN D 447 -24.03 18.03 5.21
N ILE D 448 -24.21 16.76 5.55
CA ILE D 448 -23.29 15.69 5.19
C ILE D 448 -23.10 15.51 3.67
N LYS D 449 -24.18 15.53 2.93
CA LYS D 449 -24.16 15.40 1.52
C LYS D 449 -23.44 16.52 0.80
N THR D 450 -23.81 17.74 1.06
CA THR D 450 -23.23 18.86 0.40
C THR D 450 -21.82 19.16 0.79
N GLY D 451 -21.40 18.70 1.96
CA GLY D 451 -20.05 18.85 2.41
C GLY D 451 -19.05 18.14 1.52
N HIS D 452 -19.25 16.86 1.30
CA HIS D 452 -18.41 16.05 0.43
C HIS D 452 -18.63 16.37 -1.03
N GLN D 453 -19.85 16.67 -1.44
CA GLN D 453 -20.09 16.96 -2.87
C GLN D 453 -19.26 18.14 -3.29
N VAL D 454 -19.32 19.20 -2.49
CA VAL D 454 -18.59 20.42 -2.80
C VAL D 454 -17.08 20.17 -2.69
N ALA D 455 -16.63 19.41 -1.67
CA ALA D 455 -15.21 19.12 -1.59
C ALA D 455 -14.74 18.37 -2.83
N ASN D 456 -15.58 17.44 -3.30
CA ASN D 456 -15.26 16.66 -4.51
C ASN D 456 -15.04 17.54 -5.74
N LYS D 457 -15.90 18.53 -5.91
CA LYS D 457 -15.90 19.34 -7.11
C LYS D 457 -14.86 20.48 -7.09
N LEU D 458 -14.24 20.77 -5.97
CA LEU D 458 -13.25 21.81 -5.92
C LEU D 458 -11.86 21.40 -6.34
N LYS D 459 -11.23 22.16 -7.23
CA LYS D 459 -9.91 21.82 -7.70
C LYS D 459 -8.82 22.37 -6.82
N ALA D 460 -8.62 21.79 -5.68
CA ALA D 460 -7.62 22.28 -4.74
C ALA D 460 -7.00 21.13 -4.10
N GLY D 461 -5.74 21.25 -3.77
CA GLY D 461 -5.03 20.14 -3.17
C GLY D 461 -5.42 19.71 -1.76
N THR D 462 -5.91 20.65 -0.97
CA THR D 462 -6.43 20.42 0.36
C THR D 462 -7.81 21.11 0.47
N VAL D 463 -8.82 20.38 0.92
CA VAL D 463 -10.13 20.97 1.18
C VAL D 463 -10.45 20.76 2.65
N TRP D 464 -10.78 21.84 3.37
CA TRP D 464 -11.16 21.76 4.77
C TRP D 464 -12.67 21.98 4.85
N ILE D 465 -13.35 20.99 5.37
CA ILE D 465 -14.76 21.02 5.54
C ILE D 465 -15.08 21.37 6.98
N ASN D 466 -15.42 22.63 7.14
CA ASN D 466 -15.78 23.25 8.39
C ASN D 466 -14.59 23.60 9.26
N ASP D 467 -13.51 24.00 8.61
CA ASP D 467 -12.30 24.44 9.22
C ASP D 467 -11.49 25.10 8.17
N TYR D 468 -10.30 25.51 8.52
CA TYR D 468 -9.36 26.15 7.61
C TYR D 468 -7.96 26.17 8.24
N ASN D 469 -6.91 26.17 7.40
CA ASN D 469 -5.47 26.24 7.80
C ASN D 469 -4.98 25.12 8.72
N LEU D 470 -5.37 23.90 8.44
CA LEU D 470 -4.85 22.76 9.19
C LEU D 470 -3.87 21.93 8.38
N GLU D 471 -2.67 21.79 8.93
CA GLU D 471 -1.57 21.11 8.28
C GLU D 471 -1.06 20.10 9.31
N ASN D 472 -0.80 18.88 8.87
CA ASN D 472 -0.19 17.89 9.74
C ASN D 472 0.78 17.08 8.94
N ALA D 473 1.87 16.67 9.54
CA ALA D 473 2.91 15.88 8.92
C ALA D 473 2.47 14.65 8.17
N ALA D 474 1.39 14.06 8.61
CA ALA D 474 0.81 12.94 7.99
C ALA D 474 -0.14 13.20 6.80
N ALA D 475 -0.56 14.42 6.56
CA ALA D 475 -1.47 14.73 5.46
C ALA D 475 -0.81 15.46 4.31
N PRO D 476 -1.00 15.04 3.06
CA PRO D 476 -0.29 15.68 1.96
C PRO D 476 -0.81 17.05 1.64
N PHE D 477 0.09 17.90 1.16
CA PHE D 477 -0.22 19.29 0.89
C PHE D 477 0.43 19.67 -0.41
N GLY D 478 -0.28 20.36 -1.25
CA GLY D 478 0.25 20.73 -2.53
C GLY D 478 -0.84 21.26 -3.40
N GLY D 479 -0.48 21.83 -4.52
CA GLY D 479 -1.46 22.39 -5.38
C GLY D 479 -1.79 21.74 -6.67
N TYR D 480 -2.91 22.15 -7.22
CA TYR D 480 -3.42 21.73 -8.49
C TYR D 480 -3.10 22.92 -9.33
N LYS D 481 -3.17 22.80 -10.61
CA LYS D 481 -2.91 23.89 -11.53
C LYS D 481 -1.58 24.59 -11.36
N GLN D 482 -1.61 25.91 -11.36
CA GLN D 482 -0.40 26.67 -11.19
C GLN D 482 0.00 26.91 -9.74
N SER D 483 -0.60 26.18 -8.85
CA SER D 483 -0.23 26.23 -7.45
C SER D 483 0.88 25.24 -7.10
N GLY D 484 1.30 24.44 -8.05
CA GLY D 484 2.36 23.51 -7.84
C GLY D 484 2.35 22.26 -8.65
N ILE D 485 3.40 21.47 -8.42
CA ILE D 485 3.66 20.17 -8.96
C ILE D 485 4.09 19.30 -7.79
N GLY D 486 3.42 18.18 -7.58
CA GLY D 486 3.73 17.26 -6.52
C GLY D 486 3.13 17.60 -5.17
N ARG D 487 3.50 16.84 -4.16
CA ARG D 487 3.00 17.04 -2.81
C ARG D 487 4.07 16.93 -1.77
N GLU D 488 3.85 17.52 -0.60
CA GLU D 488 4.76 17.44 0.49
C GLU D 488 3.98 17.00 1.63
N LEU D 489 4.62 16.47 2.62
CA LEU D 489 3.99 15.85 3.75
C LEU D 489 3.32 14.52 3.41
N GLY D 490 2.96 13.77 4.44
CA GLY D 490 2.40 12.45 4.31
C GLY D 490 3.38 11.47 3.70
N SER D 491 2.85 10.28 3.40
CA SER D 491 3.62 9.29 2.69
C SER D 491 4.08 9.82 1.33
N TYR D 492 3.25 10.65 0.73
CA TYR D 492 3.37 11.06 -0.67
C TYR D 492 4.69 11.78 -0.98
N ALA D 493 5.17 12.57 -0.04
CA ALA D 493 6.42 13.33 -0.21
C ALA D 493 7.67 12.45 -0.47
N LEU D 494 7.64 11.22 0.08
CA LEU D 494 8.78 10.30 -0.08
C LEU D 494 9.12 10.01 -1.54
N ASP D 495 8.10 9.89 -2.38
CA ASP D 495 8.21 9.56 -3.81
C ASP D 495 8.96 10.63 -4.57
N ASN D 496 8.88 11.87 -4.14
CA ASN D 496 9.63 12.95 -4.78
C ASN D 496 11.14 12.77 -4.61
N TYR D 497 11.57 12.00 -3.63
CA TYR D 497 12.97 11.83 -3.34
C TYR D 497 13.50 10.46 -3.61
N THR D 498 12.76 9.77 -4.42
CA THR D 498 13.01 8.43 -4.74
C THR D 498 13.21 8.22 -6.23
N GLU D 499 13.83 7.11 -6.57
CA GLU D 499 14.15 6.68 -7.90
C GLU D 499 13.75 5.21 -7.87
N VAL D 500 12.86 4.81 -8.75
CA VAL D 500 12.35 3.47 -8.76
C VAL D 500 13.16 2.55 -9.62
N LYS D 501 13.67 1.50 -9.04
CA LYS D 501 14.42 0.51 -9.83
C LYS D 501 13.66 -0.80 -9.91
N SER D 502 13.46 -1.31 -11.13
CA SER D 502 12.79 -2.59 -11.33
C SER D 502 13.82 -3.69 -11.60
N VAL D 503 13.99 -4.60 -10.65
CA VAL D 503 14.93 -5.71 -10.79
C VAL D 503 14.16 -6.95 -11.26
N TRP D 504 14.65 -7.61 -12.30
CA TRP D 504 14.13 -8.86 -12.76
C TRP D 504 15.22 -9.88 -12.55
N VAL D 505 14.98 -10.91 -11.73
CA VAL D 505 15.95 -12.00 -11.62
C VAL D 505 15.44 -13.23 -12.36
N ASN D 506 16.09 -13.56 -13.45
CA ASN D 506 15.73 -14.74 -14.17
C ASN D 506 16.08 -15.92 -13.27
N ILE D 507 15.12 -16.80 -13.07
CA ILE D 507 15.28 -17.97 -12.25
C ILE D 507 14.81 -19.17 -13.05
N LYS D 508 15.37 -19.21 -14.25
CA LYS D 508 15.18 -20.17 -15.33
C LYS D 508 13.85 -20.05 -15.97
NA NA E . 5.36 4.25 -42.23
NA NA F . 13.60 -18.24 36.38
NA NA G . -34.13 -25.59 -3.11
NA NA H . 14.76 39.08 9.00
#